data_1L3P
# 
_entry.id   1L3P 
# 
_audit_conform.dict_name       mmcif_pdbx.dic 
_audit_conform.dict_version    5.399 
_audit_conform.dict_location   http://mmcif.pdb.org/dictionaries/ascii/mmcif_pdbx.dic 
# 
loop_
_database_2.database_id 
_database_2.database_code 
_database_2.pdbx_database_accession 
_database_2.pdbx_DOI 
PDB   1L3P         pdb_00001l3p 10.2210/pdb1l3p/pdb 
RCSB  RCSB015615   ?            ?                   
WWPDB D_1000015615 ?            ?                   
# 
loop_
_pdbx_audit_revision_history.ordinal 
_pdbx_audit_revision_history.data_content_type 
_pdbx_audit_revision_history.major_revision 
_pdbx_audit_revision_history.minor_revision 
_pdbx_audit_revision_history.revision_date 
1 'Structure model' 1 0 2003-02-28 
2 'Structure model' 1 1 2008-04-28 
3 'Structure model' 1 2 2011-07-13 
4 'Structure model' 1 3 2017-02-01 
5 'Structure model' 1 4 2017-02-08 
6 'Structure model' 1 5 2017-10-11 
7 'Structure model' 1 6 2024-04-03 
8 'Structure model' 1 7 2024-11-20 
# 
_pdbx_audit_revision_details.ordinal             1 
_pdbx_audit_revision_details.revision_ordinal    1 
_pdbx_audit_revision_details.data_content_type   'Structure model' 
_pdbx_audit_revision_details.provider            repository 
_pdbx_audit_revision_details.type                'Initial release' 
_pdbx_audit_revision_details.description         ? 
_pdbx_audit_revision_details.details             ? 
# 
loop_
_pdbx_audit_revision_group.ordinal 
_pdbx_audit_revision_group.revision_ordinal 
_pdbx_audit_revision_group.data_content_type 
_pdbx_audit_revision_group.group 
1  2 'Structure model' 'Version format compliance' 
2  3 'Structure model' 'Derived calculations'      
3  3 'Structure model' 'Version format compliance' 
4  4 'Structure model' 'Structure summary'         
5  5 'Structure model' 'Database references'       
6  6 'Structure model' 'Refinement description'    
7  7 'Structure model' 'Data collection'           
8  7 'Structure model' 'Database references'       
9  7 'Structure model' 'Derived calculations'      
10 7 'Structure model' 'Refinement description'    
11 8 'Structure model' 'Structure summary'         
# 
loop_
_pdbx_audit_revision_category.ordinal 
_pdbx_audit_revision_category.revision_ordinal 
_pdbx_audit_revision_category.data_content_type 
_pdbx_audit_revision_category.category 
1 6 'Structure model' software                      
2 7 'Structure model' chem_comp_atom                
3 7 'Structure model' chem_comp_bond                
4 7 'Structure model' database_2                    
5 7 'Structure model' pdbx_initial_refinement_model 
6 7 'Structure model' struct_conn                   
7 7 'Structure model' struct_site                   
8 8 'Structure model' pdbx_entry_details            
9 8 'Structure model' pdbx_modification_feature     
# 
loop_
_pdbx_audit_revision_item.ordinal 
_pdbx_audit_revision_item.revision_ordinal 
_pdbx_audit_revision_item.data_content_type 
_pdbx_audit_revision_item.item 
1  7 'Structure model' '_database_2.pdbx_DOI'                
2  7 'Structure model' '_database_2.pdbx_database_accession' 
3  7 'Structure model' '_struct_conn.ptnr1_auth_comp_id'     
4  7 'Structure model' '_struct_conn.ptnr1_auth_seq_id'      
5  7 'Structure model' '_struct_conn.ptnr1_label_asym_id'    
6  7 'Structure model' '_struct_conn.ptnr1_label_atom_id'    
7  7 'Structure model' '_struct_conn.ptnr1_label_comp_id'    
8  7 'Structure model' '_struct_conn.ptnr1_label_seq_id'     
9  7 'Structure model' '_struct_conn.ptnr1_symmetry'         
10 7 'Structure model' '_struct_conn.ptnr2_auth_comp_id'     
11 7 'Structure model' '_struct_conn.ptnr2_auth_seq_id'      
12 7 'Structure model' '_struct_conn.ptnr2_label_asym_id'    
13 7 'Structure model' '_struct_conn.ptnr2_label_atom_id'    
14 7 'Structure model' '_struct_conn.ptnr2_label_comp_id'    
15 7 'Structure model' '_struct_conn.ptnr2_label_seq_id'     
16 7 'Structure model' '_struct_conn.ptnr2_symmetry'         
17 7 'Structure model' '_struct_site.pdbx_auth_asym_id'      
18 7 'Structure model' '_struct_site.pdbx_auth_comp_id'      
19 7 'Structure model' '_struct_site.pdbx_auth_seq_id'       
# 
_pdbx_database_status.status_code                     REL 
_pdbx_database_status.entry_id                        1L3P 
_pdbx_database_status.recvd_initial_deposition_date   2002-02-28 
_pdbx_database_status.deposit_site                    RCSB 
_pdbx_database_status.process_site                    RCSB 
_pdbx_database_status.SG_entry                        . 
_pdbx_database_status.status_code_sf                  ? 
_pdbx_database_status.status_code_mr                  ? 
_pdbx_database_status.status_code_cs                  ? 
_pdbx_database_status.methods_development_category    ? 
_pdbx_database_status.pdb_format_compatible           Y 
_pdbx_database_status.status_code_nmr_data            ? 
# 
loop_
_audit_author.name 
_audit_author.pdbx_ordinal 
'Rajashankar, K.R.' 1 
'Bufe, A.'          2 
'Weber, W.'         3 
'Eschenburg, S.'    4 
'Lindner, B.'       5 
'Betzel, C.'        6 
# 
loop_
_citation.id 
_citation.title 
_citation.journal_abbrev 
_citation.journal_volume 
_citation.page_first 
_citation.page_last 
_citation.year 
_citation.journal_id_ASTM 
_citation.country 
_citation.journal_id_ISSN 
_citation.journal_id_CSD 
_citation.book_publisher 
_citation.pdbx_database_id_PubMed 
_citation.pdbx_database_id_DOI 
primary 'Structure of the functional domain of the major grass-pollen allergen Phlp 5b.' 'Acta Crystallogr.,Sect.D' 58  1175  1181 
2002 ABCRE6 DK 0907-4449 0766 ? 12077438 10.1107/S0907444902007254 
1       
;Crystallization and preliminary diffraction data of a major pollen allergen. 
Crystal growth separates a low molecular weight form with elevated biological activity
;
J.Biol.Chem.               271 27193 27196 1996 JBCHA3 US 0021-9258 0071 ? ?        10.1074/jbc.271.44.27193  
# 
loop_
_citation_author.citation_id 
_citation_author.name 
_citation_author.ordinal 
_citation_author.identifier_ORCID 
primary 'Rajashankar, K.' 1  ? 
primary 'Bufe, A.'        2  ? 
primary 'Weber, W.'       3  ? 
primary 'Eschenburg, S.'  4  ? 
primary 'Lindner, B.'     5  ? 
primary 'Betzel, C.'      6  ? 
1       'Bufe, A.'        7  ? 
1       'Betzel, C.'      8  ? 
1       'Schramm, G.'     9  ? 
1       'Petersen, A.'    10 ? 
1       'Becker, W.M.'    11 ? 
1       'Schlaak, M.'     12 ? 
1       'Perbandt, M.'    13 ? 
1       'Dauter, Z.'      14 ? 
1       'Weber, W.'       15 ? 
# 
loop_
_entity.id 
_entity.type 
_entity.src_method 
_entity.pdbx_description 
_entity.formula_weight 
_entity.pdbx_number_of_molecules 
_entity.pdbx_ec 
_entity.pdbx_mutation 
_entity.pdbx_fragment 
_entity.details 
1 polymer     man 'POLLEN ALLERGEN Phl p 5b' 10612.089 1  ? ? ? ? 
2 non-polymer syn 'PHOSPHATE ION'            94.971    1  ? ? ? ? 
3 non-polymer syn 'MAGNESIUM ION'            24.305    1  ? ? ? ? 
4 water       nat water                      18.015    97 ? ? ? ? 
# 
_entity_name_com.entity_id   1 
_entity_name_com.name        'Phl p VB' 
# 
_entity_poly.entity_id                      1 
_entity_poly.type                           'polypeptide(L)' 
_entity_poly.nstd_linkage                   no 
_entity_poly.nstd_monomer                   no 
_entity_poly.pdbx_seq_one_letter_code       
;IPAGELQIIDKIDAAFKVAATAAATAPADDKFTVFEAAFNKAIKETTGGAYDTYKCIPSLEAAVKQAYAATVAAAPQVKY
AVFEAALTKAITAMSEVQKVSQ
;
_entity_poly.pdbx_seq_one_letter_code_can   
;IPAGELQIIDKIDAAFKVAATAAATAPADDKFTVFEAAFNKAIKETTGGAYDTYKCIPSLEAAVKQAYAATVAAAPQVKY
AVFEAALTKAITAMSEVQKVSQ
;
_entity_poly.pdbx_strand_id                 A 
_entity_poly.pdbx_target_identifier         ? 
# 
loop_
_pdbx_entity_nonpoly.entity_id 
_pdbx_entity_nonpoly.name 
_pdbx_entity_nonpoly.comp_id 
2 'PHOSPHATE ION' PO4 
3 'MAGNESIUM ION' MG  
4 water           HOH 
# 
loop_
_entity_poly_seq.entity_id 
_entity_poly_seq.num 
_entity_poly_seq.mon_id 
_entity_poly_seq.hetero 
1 1   ILE n 
1 2   PRO n 
1 3   ALA n 
1 4   GLY n 
1 5   GLU n 
1 6   LEU n 
1 7   GLN n 
1 8   ILE n 
1 9   ILE n 
1 10  ASP n 
1 11  LYS n 
1 12  ILE n 
1 13  ASP n 
1 14  ALA n 
1 15  ALA n 
1 16  PHE n 
1 17  LYS n 
1 18  VAL n 
1 19  ALA n 
1 20  ALA n 
1 21  THR n 
1 22  ALA n 
1 23  ALA n 
1 24  ALA n 
1 25  THR n 
1 26  ALA n 
1 27  PRO n 
1 28  ALA n 
1 29  ASP n 
1 30  ASP n 
1 31  LYS n 
1 32  PHE n 
1 33  THR n 
1 34  VAL n 
1 35  PHE n 
1 36  GLU n 
1 37  ALA n 
1 38  ALA n 
1 39  PHE n 
1 40  ASN n 
1 41  LYS n 
1 42  ALA n 
1 43  ILE n 
1 44  LYS n 
1 45  GLU n 
1 46  THR n 
1 47  THR n 
1 48  GLY n 
1 49  GLY n 
1 50  ALA n 
1 51  TYR n 
1 52  ASP n 
1 53  THR n 
1 54  TYR n 
1 55  LYS n 
1 56  CYS n 
1 57  ILE n 
1 58  PRO n 
1 59  SER n 
1 60  LEU n 
1 61  GLU n 
1 62  ALA n 
1 63  ALA n 
1 64  VAL n 
1 65  LYS n 
1 66  GLN n 
1 67  ALA n 
1 68  TYR n 
1 69  ALA n 
1 70  ALA n 
1 71  THR n 
1 72  VAL n 
1 73  ALA n 
1 74  ALA n 
1 75  ALA n 
1 76  PRO n 
1 77  GLN n 
1 78  VAL n 
1 79  LYS n 
1 80  TYR n 
1 81  ALA n 
1 82  VAL n 
1 83  PHE n 
1 84  GLU n 
1 85  ALA n 
1 86  ALA n 
1 87  LEU n 
1 88  THR n 
1 89  LYS n 
1 90  ALA n 
1 91  ILE n 
1 92  THR n 
1 93  ALA n 
1 94  MET n 
1 95  SER n 
1 96  GLU n 
1 97  VAL n 
1 98  GLN n 
1 99  LYS n 
1 100 VAL n 
1 101 SER n 
1 102 GLN n 
# 
_entity_src_gen.entity_id                          1 
_entity_src_gen.pdbx_src_id                        1 
_entity_src_gen.pdbx_alt_source_flag               sample 
_entity_src_gen.pdbx_seq_type                      ? 
_entity_src_gen.pdbx_beg_seq_num                   ? 
_entity_src_gen.pdbx_end_seq_num                   ? 
_entity_src_gen.gene_src_common_name               'timothy grass' 
_entity_src_gen.gene_src_genus                     Phleum 
_entity_src_gen.pdbx_gene_src_gene                 ? 
_entity_src_gen.gene_src_species                   ? 
_entity_src_gen.gene_src_strain                    ? 
_entity_src_gen.gene_src_tissue                    ? 
_entity_src_gen.gene_src_tissue_fraction           ? 
_entity_src_gen.gene_src_details                   ? 
_entity_src_gen.pdbx_gene_src_fragment             ? 
_entity_src_gen.pdbx_gene_src_scientific_name      'Phleum pratense' 
_entity_src_gen.pdbx_gene_src_ncbi_taxonomy_id     15957 
_entity_src_gen.pdbx_gene_src_variant              ? 
_entity_src_gen.pdbx_gene_src_cell_line            ? 
_entity_src_gen.pdbx_gene_src_atcc                 ? 
_entity_src_gen.pdbx_gene_src_organ                ? 
_entity_src_gen.pdbx_gene_src_organelle            ? 
_entity_src_gen.pdbx_gene_src_cell                 ? 
_entity_src_gen.pdbx_gene_src_cellular_location    ? 
_entity_src_gen.host_org_common_name               ? 
_entity_src_gen.pdbx_host_org_scientific_name      'Escherichia coli' 
_entity_src_gen.pdbx_host_org_ncbi_taxonomy_id     562 
_entity_src_gen.host_org_genus                     Escherichia 
_entity_src_gen.pdbx_host_org_gene                 ? 
_entity_src_gen.pdbx_host_org_organ                ? 
_entity_src_gen.host_org_species                   ? 
_entity_src_gen.pdbx_host_org_tissue               ? 
_entity_src_gen.pdbx_host_org_tissue_fraction      ? 
_entity_src_gen.pdbx_host_org_strain               ? 
_entity_src_gen.pdbx_host_org_variant              ? 
_entity_src_gen.pdbx_host_org_cell_line            ? 
_entity_src_gen.pdbx_host_org_atcc                 ? 
_entity_src_gen.pdbx_host_org_culture_collection   ? 
_entity_src_gen.pdbx_host_org_cell                 ? 
_entity_src_gen.pdbx_host_org_organelle            ? 
_entity_src_gen.pdbx_host_org_cellular_location    ? 
_entity_src_gen.pdbx_host_org_vector_type          PLASMID 
_entity_src_gen.pdbx_host_org_vector               ? 
_entity_src_gen.host_org_details                   ? 
_entity_src_gen.expression_system_id               ? 
_entity_src_gen.plasmid_name                       pMalc 
_entity_src_gen.plasmid_details                    ? 
_entity_src_gen.pdbx_description                   ? 
# 
loop_
_chem_comp.id 
_chem_comp.type 
_chem_comp.mon_nstd_flag 
_chem_comp.name 
_chem_comp.pdbx_synonyms 
_chem_comp.formula 
_chem_comp.formula_weight 
ALA 'L-peptide linking' y ALANINE         ? 'C3 H7 N O2'     89.093  
ASN 'L-peptide linking' y ASPARAGINE      ? 'C4 H8 N2 O3'    132.118 
ASP 'L-peptide linking' y 'ASPARTIC ACID' ? 'C4 H7 N O4'     133.103 
CYS 'L-peptide linking' y CYSTEINE        ? 'C3 H7 N O2 S'   121.158 
GLN 'L-peptide linking' y GLUTAMINE       ? 'C5 H10 N2 O3'   146.144 
GLU 'L-peptide linking' y 'GLUTAMIC ACID' ? 'C5 H9 N O4'     147.129 
GLY 'peptide linking'   y GLYCINE         ? 'C2 H5 N O2'     75.067  
HOH non-polymer         . WATER           ? 'H2 O'           18.015  
ILE 'L-peptide linking' y ISOLEUCINE      ? 'C6 H13 N O2'    131.173 
LEU 'L-peptide linking' y LEUCINE         ? 'C6 H13 N O2'    131.173 
LYS 'L-peptide linking' y LYSINE          ? 'C6 H15 N2 O2 1' 147.195 
MET 'L-peptide linking' y METHIONINE      ? 'C5 H11 N O2 S'  149.211 
MG  non-polymer         . 'MAGNESIUM ION' ? 'Mg 2'           24.305  
PHE 'L-peptide linking' y PHENYLALANINE   ? 'C9 H11 N O2'    165.189 
PO4 non-polymer         . 'PHOSPHATE ION' ? 'O4 P -3'        94.971  
PRO 'L-peptide linking' y PROLINE         ? 'C5 H9 N O2'     115.130 
SER 'L-peptide linking' y SERINE          ? 'C3 H7 N O3'     105.093 
THR 'L-peptide linking' y THREONINE       ? 'C4 H9 N O3'     119.119 
TYR 'L-peptide linking' y TYROSINE        ? 'C9 H11 N O3'    181.189 
VAL 'L-peptide linking' y VALINE          ? 'C5 H11 N O2'    117.146 
# 
loop_
_pdbx_poly_seq_scheme.asym_id 
_pdbx_poly_seq_scheme.entity_id 
_pdbx_poly_seq_scheme.seq_id 
_pdbx_poly_seq_scheme.mon_id 
_pdbx_poly_seq_scheme.ndb_seq_num 
_pdbx_poly_seq_scheme.pdb_seq_num 
_pdbx_poly_seq_scheme.auth_seq_num 
_pdbx_poly_seq_scheme.pdb_mon_id 
_pdbx_poly_seq_scheme.auth_mon_id 
_pdbx_poly_seq_scheme.pdb_strand_id 
_pdbx_poly_seq_scheme.pdb_ins_code 
_pdbx_poly_seq_scheme.hetero 
A 1 1   ILE 1   150 150 ILE ILE A . n 
A 1 2   PRO 2   151 151 PRO PRO A . n 
A 1 3   ALA 3   152 152 ALA ALA A . n 
A 1 4   GLY 4   153 153 GLY GLY A . n 
A 1 5   GLU 5   154 154 GLU GLU A . n 
A 1 6   LEU 6   155 155 LEU LEU A . n 
A 1 7   GLN 7   156 156 GLN SER A . n 
A 1 8   ILE 8   157 157 ILE ILE A . n 
A 1 9   ILE 9   158 158 ILE ILE A . n 
A 1 10  ASP 10  159 159 ASP ASP A . n 
A 1 11  LYS 11  160 160 LYS LYS A . n 
A 1 12  ILE 12  161 161 ILE ILE A . n 
A 1 13  ASP 13  162 162 ASP ASP A . n 
A 1 14  ALA 14  163 163 ALA ALA A . n 
A 1 15  ALA 15  164 164 ALA ALA A . n 
A 1 16  PHE 16  165 165 PHE PHE A . n 
A 1 17  LYS 17  166 166 LYS LYS A . n 
A 1 18  VAL 18  167 167 VAL VAL A . n 
A 1 19  ALA 19  168 168 ALA ALA A . n 
A 1 20  ALA 20  169 169 ALA ALA A . n 
A 1 21  THR 21  170 170 THR THR A . n 
A 1 22  ALA 22  171 171 ALA ALA A . n 
A 1 23  ALA 23  172 172 ALA ALA A . n 
A 1 24  ALA 24  173 173 ALA ALA A . n 
A 1 25  THR 25  174 174 THR THR A . n 
A 1 26  ALA 26  175 175 ALA ALA A . n 
A 1 27  PRO 27  176 176 PRO PRO A . n 
A 1 28  ALA 28  177 177 ALA ALA A . n 
A 1 29  ASP 29  178 178 ASP ASP A . n 
A 1 30  ASP 30  179 179 ASP ASP A . n 
A 1 31  LYS 31  180 180 LYS LYS A . n 
A 1 32  PHE 32  181 181 PHE PHE A . n 
A 1 33  THR 33  182 182 THR THR A . n 
A 1 34  VAL 34  183 183 VAL VAL A . n 
A 1 35  PHE 35  184 184 PHE PHE A . n 
A 1 36  GLU 36  185 185 GLU GLU A . n 
A 1 37  ALA 37  186 186 ALA ALA A . n 
A 1 38  ALA 38  187 187 ALA ALA A . n 
A 1 39  PHE 39  188 188 PHE PHE A . n 
A 1 40  ASN 40  189 189 ASN ASN A . n 
A 1 41  LYS 41  190 190 LYS LYS A . n 
A 1 42  ALA 42  191 191 ALA ALA A . n 
A 1 43  ILE 43  192 192 ILE ILE A . n 
A 1 44  LYS 44  193 193 LYS LYS A . n 
A 1 45  GLU 45  194 194 GLU GLU A . n 
A 1 46  THR 46  195 195 THR THR A . n 
A 1 47  THR 47  196 196 THR THR A . n 
A 1 48  GLY 48  197 197 GLY GLY A . n 
A 1 49  GLY 49  198 198 GLY GLY A . n 
A 1 50  ALA 50  199 199 ALA ALA A . n 
A 1 51  TYR 51  200 200 TYR TYR A . n 
A 1 52  ASP 52  201 201 ASP ASP A . n 
A 1 53  THR 53  202 202 THR THR A . n 
A 1 54  TYR 54  203 203 TYR TYR A . n 
A 1 55  LYS 55  204 204 LYS LYS A . n 
A 1 56  CYS 56  205 205 CYS CYS A . n 
A 1 57  ILE 57  206 206 ILE ILE A . n 
A 1 58  PRO 58  207 207 PRO PRO A . n 
A 1 59  SER 59  208 208 SER SER A . n 
A 1 60  LEU 60  209 209 LEU LEU A . n 
A 1 61  GLU 61  210 210 GLU GLU A . n 
A 1 62  ALA 62  211 211 ALA ALA A . n 
A 1 63  ALA 63  212 212 ALA ALA A . n 
A 1 64  VAL 64  213 213 VAL VAL A . n 
A 1 65  LYS 65  214 214 LYS LYS A . n 
A 1 66  GLN 66  215 215 GLN SER A . n 
A 1 67  ALA 67  216 216 ALA ALA A . n 
A 1 68  TYR 68  217 217 TYR TYR A . n 
A 1 69  ALA 69  218 218 ALA ALA A . n 
A 1 70  ALA 70  219 219 ALA ALA A . n 
A 1 71  THR 71  220 220 THR THR A . n 
A 1 72  VAL 72  221 221 VAL VAL A . n 
A 1 73  ALA 73  222 222 ALA ALA A . n 
A 1 74  ALA 74  223 223 ALA ALA A . n 
A 1 75  ALA 75  224 224 ALA ALA A . n 
A 1 76  PRO 76  225 225 PRO PRO A . n 
A 1 77  GLN 77  226 226 GLN GLN A . n 
A 1 78  VAL 78  227 227 VAL VAL A . n 
A 1 79  LYS 79  228 228 LYS LYS A . n 
A 1 80  TYR 80  229 229 TYR TYR A . n 
A 1 81  ALA 81  230 230 ALA ALA A . n 
A 1 82  VAL 82  231 231 VAL VAL A . n 
A 1 83  PHE 83  232 232 PHE PHE A . n 
A 1 84  GLU 84  233 233 GLU GLU A . n 
A 1 85  ALA 85  234 234 ALA ALA A . n 
A 1 86  ALA 86  235 235 ALA ALA A . n 
A 1 87  LEU 87  236 236 LEU LEU A . n 
A 1 88  THR 88  237 237 THR THR A . n 
A 1 89  LYS 89  238 238 LYS LYS A . n 
A 1 90  ALA 90  239 239 ALA ALA A . n 
A 1 91  ILE 91  240 240 ILE ILE A . n 
A 1 92  THR 92  241 241 THR THR A . n 
A 1 93  ALA 93  242 242 ALA ALA A . n 
A 1 94  MET 94  243 243 MET MET A . n 
A 1 95  SER 95  244 244 SER SER A . n 
A 1 96  GLU 96  245 245 GLU GLU A . n 
A 1 97  VAL 97  246 246 VAL VAL A . n 
A 1 98  GLN 98  247 247 GLN GLN A . n 
A 1 99  LYS 99  248 248 LYS LYS A . n 
A 1 100 VAL 100 249 249 VAL VAL A . n 
A 1 101 SER 101 250 250 SER SER A . n 
A 1 102 GLN 102 251 251 GLN SER A . n 
# 
loop_
_pdbx_nonpoly_scheme.asym_id 
_pdbx_nonpoly_scheme.entity_id 
_pdbx_nonpoly_scheme.mon_id 
_pdbx_nonpoly_scheme.ndb_seq_num 
_pdbx_nonpoly_scheme.pdb_seq_num 
_pdbx_nonpoly_scheme.auth_seq_num 
_pdbx_nonpoly_scheme.pdb_mon_id 
_pdbx_nonpoly_scheme.auth_mon_id 
_pdbx_nonpoly_scheme.pdb_strand_id 
_pdbx_nonpoly_scheme.pdb_ins_code 
B 2 PO4 1  252 252 PO4 PO4 A . 
C 3 MG  1  350 350 MG  MG  A . 
D 4 HOH 1  253 253 HOH HOH A . 
D 4 HOH 2  254 254 HOH HOH A . 
D 4 HOH 3  255 255 HOH HOH A . 
D 4 HOH 4  256 256 HOH HOH A . 
D 4 HOH 5  257 257 HOH HOH A . 
D 4 HOH 6  258 258 HOH HOH A . 
D 4 HOH 7  259 259 HOH HOH A . 
D 4 HOH 8  260 260 HOH HOH A . 
D 4 HOH 9  261 261 HOH HOH A . 
D 4 HOH 10 262 262 HOH HOH A . 
D 4 HOH 11 263 263 HOH HOH A . 
D 4 HOH 12 264 264 HOH HOH A . 
D 4 HOH 13 265 265 HOH HOH A . 
D 4 HOH 14 266 266 HOH HOH A . 
D 4 HOH 15 267 267 HOH HOH A . 
D 4 HOH 16 268 268 HOH HOH A . 
D 4 HOH 17 269 269 HOH HOH A . 
D 4 HOH 18 270 270 HOH HOH A . 
D 4 HOH 19 271 271 HOH HOH A . 
D 4 HOH 20 272 272 HOH HOH A . 
D 4 HOH 21 273 273 HOH HOH A . 
D 4 HOH 22 274 274 HOH HOH A . 
D 4 HOH 23 275 275 HOH HOH A . 
D 4 HOH 24 276 276 HOH HOH A . 
D 4 HOH 25 277 277 HOH HOH A . 
D 4 HOH 26 278 278 HOH HOH A . 
D 4 HOH 27 279 279 HOH HOH A . 
D 4 HOH 28 280 280 HOH HOH A . 
D 4 HOH 29 281 281 HOH HOH A . 
D 4 HOH 30 282 282 HOH HOH A . 
D 4 HOH 31 283 283 HOH HOH A . 
D 4 HOH 32 284 284 HOH HOH A . 
D 4 HOH 33 285 285 HOH HOH A . 
D 4 HOH 34 286 286 HOH HOH A . 
D 4 HOH 35 287 287 HOH HOH A . 
D 4 HOH 36 288 288 HOH HOH A . 
D 4 HOH 37 289 289 HOH HOH A . 
D 4 HOH 38 290 290 HOH HOH A . 
D 4 HOH 39 291 291 HOH HOH A . 
D 4 HOH 40 292 292 HOH HOH A . 
D 4 HOH 41 293 293 HOH HOH A . 
D 4 HOH 42 294 294 HOH HOH A . 
D 4 HOH 43 295 295 HOH HOH A . 
D 4 HOH 44 296 296 HOH HOH A . 
D 4 HOH 45 297 297 HOH HOH A . 
D 4 HOH 46 298 298 HOH HOH A . 
D 4 HOH 47 299 299 HOH HOH A . 
D 4 HOH 48 300 300 HOH HOH A . 
D 4 HOH 49 301 301 HOH HOH A . 
D 4 HOH 50 302 302 HOH HOH A . 
D 4 HOH 51 303 303 HOH HOH A . 
D 4 HOH 52 304 304 HOH HOH A . 
D 4 HOH 53 305 305 HOH HOH A . 
D 4 HOH 54 306 306 HOH HOH A . 
D 4 HOH 55 307 307 HOH HOH A . 
D 4 HOH 56 308 308 HOH HOH A . 
D 4 HOH 57 309 309 HOH HOH A . 
D 4 HOH 58 310 310 HOH HOH A . 
D 4 HOH 59 311 311 HOH HOH A . 
D 4 HOH 60 312 312 HOH HOH A . 
D 4 HOH 61 313 313 HOH HOH A . 
D 4 HOH 62 314 314 HOH HOH A . 
D 4 HOH 63 315 315 HOH HOH A . 
D 4 HOH 64 316 316 HOH HOH A . 
D 4 HOH 65 317 317 HOH HOH A . 
D 4 HOH 66 318 318 HOH HOH A . 
D 4 HOH 67 319 319 HOH HOH A . 
D 4 HOH 68 320 320 HOH HOH A . 
D 4 HOH 69 321 321 HOH HOH A . 
D 4 HOH 70 322 322 HOH HOH A . 
D 4 HOH 71 323 323 HOH HOH A . 
D 4 HOH 72 324 324 HOH HOH A . 
D 4 HOH 73 325 325 HOH HOH A . 
D 4 HOH 74 326 326 HOH HOH A . 
D 4 HOH 75 327 327 HOH HOH A . 
D 4 HOH 76 328 328 HOH HOH A . 
D 4 HOH 77 329 329 HOH HOH A . 
D 4 HOH 78 330 330 HOH HOH A . 
D 4 HOH 79 331 331 HOH HOH A . 
D 4 HOH 80 332 332 HOH HOH A . 
D 4 HOH 81 333 333 HOH HOH A . 
D 4 HOH 82 334 334 HOH HOH A . 
D 4 HOH 83 335 335 HOH HOH A . 
D 4 HOH 84 336 336 HOH HOH A . 
D 4 HOH 85 337 337 HOH HOH A . 
D 4 HOH 86 338 338 HOH HOH A . 
D 4 HOH 87 339 339 HOH HOH A . 
D 4 HOH 88 340 340 HOH HOH A . 
D 4 HOH 89 341 341 HOH HOH A . 
D 4 HOH 90 342 342 HOH HOH A . 
D 4 HOH 91 343 343 HOH HOH A . 
D 4 HOH 92 344 344 HOH HOH A . 
D 4 HOH 93 345 345 HOH HOH A . 
D 4 HOH 94 346 346 HOH HOH A . 
D 4 HOH 95 347 347 HOH HOH A . 
D 4 HOH 96 348 348 HOH HOH A . 
D 4 HOH 97 349 349 HOH HOH A . 
# 
loop_
_pdbx_unobs_or_zero_occ_atoms.id 
_pdbx_unobs_or_zero_occ_atoms.PDB_model_num 
_pdbx_unobs_or_zero_occ_atoms.polymer_flag 
_pdbx_unobs_or_zero_occ_atoms.occupancy_flag 
_pdbx_unobs_or_zero_occ_atoms.auth_asym_id 
_pdbx_unobs_or_zero_occ_atoms.auth_comp_id 
_pdbx_unobs_or_zero_occ_atoms.auth_seq_id 
_pdbx_unobs_or_zero_occ_atoms.PDB_ins_code 
_pdbx_unobs_or_zero_occ_atoms.auth_atom_id 
_pdbx_unobs_or_zero_occ_atoms.label_alt_id 
_pdbx_unobs_or_zero_occ_atoms.label_asym_id 
_pdbx_unobs_or_zero_occ_atoms.label_comp_id 
_pdbx_unobs_or_zero_occ_atoms.label_seq_id 
_pdbx_unobs_or_zero_occ_atoms.label_atom_id 
1 1 Y 1 A GLN 156 ? CD  ? A GLN 7   CD  
2 1 Y 1 A GLN 156 ? OE1 ? A GLN 7   OE1 
3 1 Y 1 A GLN 156 ? NE2 ? A GLN 7   NE2 
4 1 Y 1 A GLN 215 ? CD  ? A GLN 66  CD  
5 1 Y 1 A GLN 215 ? OE1 ? A GLN 66  OE1 
6 1 Y 1 A GLN 215 ? NE2 ? A GLN 66  NE2 
7 1 Y 1 A GLN 251 ? CD  ? A GLN 102 CD  
8 1 Y 1 A GLN 251 ? OE1 ? A GLN 102 OE1 
9 1 Y 1 A GLN 251 ? NE2 ? A GLN 102 NE2 
# 
loop_
_software.name 
_software.classification 
_software.version 
_software.citation_id 
_software.pdbx_ordinal 
MAR345    'data collection' . ? 1 
SCALEPACK 'data scaling'    . ? 2 
CCP4      'model building'  . ? 3 
CNS       refinement        . ? 4 
CCP4      phasing           . ? 5 
# 
_cell.entry_id           1L3P 
_cell.length_a           38.975 
_cell.length_b           50.355 
_cell.length_c           107.804 
_cell.angle_alpha        90.00 
_cell.angle_beta         90.00 
_cell.angle_gamma        90.00 
_cell.Z_PDB              8 
_cell.pdbx_unique_axis   ? 
_cell.length_a_esd       ? 
_cell.length_b_esd       ? 
_cell.length_c_esd       ? 
_cell.angle_alpha_esd    ? 
_cell.angle_beta_esd     ? 
_cell.angle_gamma_esd    ? 
# 
_symmetry.entry_id                         1L3P 
_symmetry.space_group_name_H-M             'C 2 2 21' 
_symmetry.pdbx_full_space_group_name_H-M   ? 
_symmetry.cell_setting                     ? 
_symmetry.Int_Tables_number                20 
_symmetry.space_group_name_Hall            ? 
# 
_exptl.entry_id          1L3P 
_exptl.method            'X-RAY DIFFRACTION' 
_exptl.crystals_number   1 
# 
_exptl_crystal.id                    1 
_exptl_crystal.density_meas          ? 
_exptl_crystal.density_Matthews      2.52 
_exptl_crystal.density_percent_sol   51.26 
_exptl_crystal.description           ? 
_exptl_crystal.F_000                 ? 
_exptl_crystal.preparation           ? 
# 
_exptl_crystal_grow.crystal_id      1 
_exptl_crystal_grow.method          'VAPOR DIFFUSION, SITTING DROP' 
_exptl_crystal_grow.temp            291.0 
_exptl_crystal_grow.temp_details    ? 
_exptl_crystal_grow.pH              4.0 
_exptl_crystal_grow.pdbx_details    '1.6M phosphate, 0.5mM MgCl2, pH 4.0, VAPOR DIFFUSION, SITTING DROP, temperature 291.0K' 
_exptl_crystal_grow.pdbx_pH_range   . 
# 
_diffrn.id                     1 
_diffrn.ambient_temp           100 
_diffrn.ambient_temp_details   ? 
_diffrn.crystal_id             1 
# 
_diffrn_detector.diffrn_id              1 
_diffrn_detector.detector               'IMAGE PLATE' 
_diffrn_detector.type                   MARRESEARCH 
_diffrn_detector.pdbx_collection_date   1997-10-02 
_diffrn_detector.details                ? 
# 
_diffrn_radiation.diffrn_id                        1 
_diffrn_radiation.wavelength_id                    1 
_diffrn_radiation.pdbx_monochromatic_or_laue_m_l   M 
_diffrn_radiation.monochromator                    'SAGITALLY FOCUSED Si(111)' 
_diffrn_radiation.pdbx_diffrn_protocol             'SINGLE WAVELENGTH' 
_diffrn_radiation.pdbx_scattering_type             x-ray 
# 
_diffrn_radiation_wavelength.id           1 
_diffrn_radiation_wavelength.wavelength   1.2 
_diffrn_radiation_wavelength.wt           1.0 
# 
_diffrn_source.diffrn_id                   1 
_diffrn_source.source                      SYNCHROTRON 
_diffrn_source.type                        'MPG/DESY, HAMBURG BEAMLINE BW6' 
_diffrn_source.pdbx_synchrotron_site       'MPG/DESY, HAMBURG' 
_diffrn_source.pdbx_synchrotron_beamline   BW6 
_diffrn_source.pdbx_wavelength             ? 
_diffrn_source.pdbx_wavelength_list        1.2 
# 
_reflns.entry_id                     1L3P 
_reflns.observed_criterion_sigma_I   1.0 
_reflns.observed_criterion_sigma_F   1.0 
_reflns.d_resolution_low             27.0 
_reflns.d_resolution_high            1.98 
_reflns.number_obs                   7037 
_reflns.number_all                   7641 
_reflns.percent_possible_obs         96.5 
_reflns.pdbx_Rmerge_I_obs            0.041 
_reflns.pdbx_Rsym_value              ? 
_reflns.pdbx_netI_over_sigmaI        31.21 
_reflns.B_iso_Wilson_estimate        19.1 
_reflns.pdbx_redundancy              7.38 
_reflns.R_free_details               ? 
_reflns.limit_h_max                  ? 
_reflns.limit_h_min                  ? 
_reflns.limit_k_max                  ? 
_reflns.limit_k_min                  ? 
_reflns.limit_l_max                  ? 
_reflns.limit_l_min                  ? 
_reflns.observed_criterion_F_max     ? 
_reflns.observed_criterion_F_min     ? 
_reflns.pdbx_ordinal                 1 
_reflns.pdbx_diffrn_id               1 
_reflns.pdbx_chi_squared             ? 
_reflns.pdbx_scaling_rejects         ? 
# 
_reflns_shell.d_res_high             1.98 
_reflns_shell.d_res_low              2.01 
_reflns_shell.percent_possible_all   98.7 
_reflns_shell.Rmerge_I_obs           0.117 
_reflns_shell.pdbx_Rsym_value        ? 
_reflns_shell.meanI_over_sigI_obs    12.23 
_reflns_shell.pdbx_redundancy        7.0 
_reflns_shell.percent_possible_obs   ? 
_reflns_shell.number_unique_all      374 
_reflns_shell.pdbx_ordinal           1 
_reflns_shell.pdbx_diffrn_id         1 
_reflns_shell.number_measured_all    ? 
_reflns_shell.number_measured_obs    ? 
_reflns_shell.number_unique_obs      ? 
_reflns_shell.pdbx_chi_squared       ? 
# 
_refine.entry_id                                 1L3P 
_refine.ls_number_reflns_obs                     7037 
_refine.ls_number_reflns_all                     7641 
_refine.pdbx_ls_sigma_I                          1.0 
_refine.pdbx_ls_sigma_F                          1.0 
_refine.pdbx_data_cutoff_high_absF               10000 
_refine.pdbx_data_cutoff_low_absF                ? 
_refine.ls_d_res_low                             27.00 
_refine.ls_d_res_high                            1.98 
_refine.ls_percent_reflns_obs                    92.0 
_refine.ls_R_factor_obs                          0.197 
_refine.ls_R_factor_all                          0.209 
_refine.ls_R_factor_R_work                       0.193 
_refine.ls_R_factor_R_free                       0.241 
_refine.ls_R_factor_R_free_error                 ? 
_refine.ls_R_factor_R_free_error_details         ? 
_refine.ls_percent_reflns_R_free                 ? 
_refine.ls_number_reflns_R_free                  350 
_refine.ls_number_parameters                     ? 
_refine.ls_number_restraints                     ? 
_refine.occupancy_min                            ? 
_refine.occupancy_max                            ? 
_refine.B_iso_mean                               ? 
_refine.aniso_B[1][1]                            ? 
_refine.aniso_B[2][2]                            ? 
_refine.aniso_B[3][3]                            ? 
_refine.aniso_B[1][2]                            ? 
_refine.aniso_B[1][3]                            ? 
_refine.aniso_B[2][3]                            ? 
_refine.solvent_model_details                    ? 
_refine.solvent_model_param_ksol                 ? 
_refine.solvent_model_param_bsol                 ? 
_refine.pdbx_ls_cross_valid_method               THROUGHOUT 
_refine.details                                  ? 
_refine.pdbx_starting_model                      'HG DERIVATIVE' 
_refine.pdbx_method_to_determine_struct          SIRAS 
_refine.pdbx_isotropic_thermal_model             ? 
_refine.pdbx_stereochemistry_target_values       'Engh & Huber' 
_refine.pdbx_stereochem_target_val_spec_case     ? 
_refine.pdbx_R_Free_selection_details            RANDOM 
_refine.pdbx_overall_ESU_R_Free                  ? 
_refine.overall_SU_B                             ? 
_refine.ls_redundancy_reflns_obs                 ? 
_refine.B_iso_min                                ? 
_refine.B_iso_max                                ? 
_refine.correlation_coeff_Fo_to_Fc               ? 
_refine.overall_SU_R_Cruickshank_DPI             ? 
_refine.overall_SU_R_free                        ? 
_refine.overall_SU_ML                            ? 
_refine.pdbx_overall_ESU_R                       ? 
_refine.pdbx_data_cutoff_high_rms_absF           10000 
_refine.correlation_coeff_Fo_to_Fc_free          ? 
_refine.pdbx_solvent_vdw_probe_radii             ? 
_refine.pdbx_solvent_ion_probe_radii             ? 
_refine.pdbx_solvent_shrinkage_radii             ? 
_refine.pdbx_refine_id                           'X-RAY DIFFRACTION' 
_refine.pdbx_diffrn_id                           1 
_refine.pdbx_overall_phase_error                 ? 
_refine.ls_wR_factor_R_free                      ? 
_refine.ls_wR_factor_R_work                      ? 
_refine.overall_FOM_free_R_set                   ? 
_refine.overall_FOM_work_R_set                   ? 
_refine.pdbx_TLS_residual_ADP_flag               ? 
_refine.pdbx_overall_SU_R_free_Cruickshank_DPI   ? 
_refine.pdbx_overall_SU_R_Blow_DPI               ? 
_refine.pdbx_overall_SU_R_free_Blow_DPI          ? 
# 
_refine_hist.pdbx_refine_id                   'X-RAY DIFFRACTION' 
_refine_hist.cycle_id                         LAST 
_refine_hist.pdbx_number_atoms_protein        738 
_refine_hist.pdbx_number_atoms_nucleic_acid   0 
_refine_hist.pdbx_number_atoms_ligand         6 
_refine_hist.number_atoms_solvent             97 
_refine_hist.number_atoms_total               841 
_refine_hist.d_res_high                       1.98 
_refine_hist.d_res_low                        27.00 
# 
loop_
_refine_ls_restr.type 
_refine_ls_restr.dev_ideal 
_refine_ls_restr.dev_ideal_target 
_refine_ls_restr.weight 
_refine_ls_restr.number 
_refine_ls_restr.pdbx_refine_id 
_refine_ls_restr.pdbx_restraint_function 
c_bond_d           0.01 ? ? ? 'X-RAY DIFFRACTION' ? 
c_angle_deg        1.3  ? ? ? 'X-RAY DIFFRACTION' ? 
c_dihedral_angle_d 21.3 ? ? ? 'X-RAY DIFFRACTION' ? 
# 
_struct.entry_id                  1L3P 
_struct.title                     'CRYSTAL STRUCTURE OF THE FUNCTIONAL DOMAIN OF THE MAJOR GRASS POLLEN ALLERGEN Phl p 5b' 
_struct.pdbx_model_details        ? 
_struct.pdbx_CASP_flag            ? 
_struct.pdbx_model_type_details   ? 
# 
_struct_keywords.entry_id        1L3P 
_struct_keywords.pdbx_keywords   ALLERGEN 
_struct_keywords.text            'grass pollen allergen, phl p 5b, allergy, ALLERGEN' 
# 
loop_
_struct_asym.id 
_struct_asym.pdbx_blank_PDB_chainid_flag 
_struct_asym.pdbx_modified 
_struct_asym.entity_id 
_struct_asym.details 
A N N 1 ? 
B N N 2 ? 
C N N 3 ? 
D N N 4 ? 
# 
_struct_ref.id                         1 
_struct_ref.db_name                    UNP 
_struct_ref.db_code                    MPA5B_PHLPR 
_struct_ref.entity_id                  1 
_struct_ref.pdbx_seq_one_letter_code   
;IPAGELQIIDKIDAAFKVAATAAATAPADDKFTVFEAAFNKAIKESTGGAYDTYKCIPSLEAAVKQAYAATVAAAPQVKY
AVFEAALTKAITAMSEVQKVSQ
;
_struct_ref.pdbx_align_begin           150 
_struct_ref.pdbx_db_accession          Q40963 
_struct_ref.pdbx_db_isoform            ? 
# 
_struct_ref_seq.align_id                      1 
_struct_ref_seq.ref_id                        1 
_struct_ref_seq.pdbx_PDB_id_code              1L3P 
_struct_ref_seq.pdbx_strand_id                A 
_struct_ref_seq.seq_align_beg                 1 
_struct_ref_seq.pdbx_seq_align_beg_ins_code   ? 
_struct_ref_seq.seq_align_end                 102 
_struct_ref_seq.pdbx_seq_align_end_ins_code   ? 
_struct_ref_seq.pdbx_db_accession             Q40963 
_struct_ref_seq.db_align_beg                  150 
_struct_ref_seq.pdbx_db_align_beg_ins_code    ? 
_struct_ref_seq.db_align_end                  251 
_struct_ref_seq.pdbx_db_align_end_ins_code    ? 
_struct_ref_seq.pdbx_auth_seq_align_beg       150 
_struct_ref_seq.pdbx_auth_seq_align_end       251 
# 
_struct_ref_seq_dif.align_id                     1 
_struct_ref_seq_dif.pdbx_pdb_id_code             1L3P 
_struct_ref_seq_dif.mon_id                       THR 
_struct_ref_seq_dif.pdbx_pdb_strand_id           A 
_struct_ref_seq_dif.seq_num                      46 
_struct_ref_seq_dif.pdbx_pdb_ins_code            ? 
_struct_ref_seq_dif.pdbx_seq_db_name             UNP 
_struct_ref_seq_dif.pdbx_seq_db_accession_code   Q40963 
_struct_ref_seq_dif.db_mon_id                    SER 
_struct_ref_seq_dif.pdbx_seq_db_seq_num          195 
_struct_ref_seq_dif.details                      'SEE REMARK 999' 
_struct_ref_seq_dif.pdbx_auth_seq_num            195 
_struct_ref_seq_dif.pdbx_ordinal                 1 
# 
_pdbx_struct_assembly.id                   1 
_pdbx_struct_assembly.details              author_and_software_defined_assembly 
_pdbx_struct_assembly.method_details       PISA,PQS 
_pdbx_struct_assembly.oligomeric_details   dimeric 
_pdbx_struct_assembly.oligomeric_count     2 
# 
loop_
_pdbx_struct_assembly_prop.biol_id 
_pdbx_struct_assembly_prop.type 
_pdbx_struct_assembly_prop.value 
_pdbx_struct_assembly_prop.details 
1 'ABSA (A^2)' 1990 ? 
1 MORE         -44  ? 
1 'SSA (A^2)'  9780 ? 
# 
_pdbx_struct_assembly_gen.assembly_id       1 
_pdbx_struct_assembly_gen.oper_expression   1,2 
_pdbx_struct_assembly_gen.asym_id_list      A,B,C,D 
# 
loop_
_pdbx_struct_oper_list.id 
_pdbx_struct_oper_list.type 
_pdbx_struct_oper_list.name 
_pdbx_struct_oper_list.symmetry_operation 
_pdbx_struct_oper_list.matrix[1][1] 
_pdbx_struct_oper_list.matrix[1][2] 
_pdbx_struct_oper_list.matrix[1][3] 
_pdbx_struct_oper_list.vector[1] 
_pdbx_struct_oper_list.matrix[2][1] 
_pdbx_struct_oper_list.matrix[2][2] 
_pdbx_struct_oper_list.matrix[2][3] 
_pdbx_struct_oper_list.vector[2] 
_pdbx_struct_oper_list.matrix[3][1] 
_pdbx_struct_oper_list.matrix[3][2] 
_pdbx_struct_oper_list.matrix[3][3] 
_pdbx_struct_oper_list.vector[3] 
1 'identity operation'         1_555 x,y,z         1.0000000000  0.0000000000  0.0000000000  0.0000000000   0.0000000000  1.0000000000 0.0000000000 0.0000000000  0.0000000000  0.0000000000 1.0000000000  0.0000000000 
2 'crystal symmetry operation' 3_655 -x+1,y,-z+1/2 -0.9728276033 -0.1653003871 -0.1621179702 -25.7953736910 -0.1653003871 0.0055873351 0.9862274402 -9.8789047380 -0.1621179702 0.9862274402 -0.0327597318 5.7492987945 
# 
_struct_biol.id                    1 
_struct_biol.details               'The second part of the dimer is generated by the symmetry operation x,-y,-z' 
_struct_biol.pdbx_parent_biol_id   ? 
# 
loop_
_struct_conf.conf_type_id 
_struct_conf.id 
_struct_conf.pdbx_PDB_helix_id 
_struct_conf.beg_label_comp_id 
_struct_conf.beg_label_asym_id 
_struct_conf.beg_label_seq_id 
_struct_conf.pdbx_beg_PDB_ins_code 
_struct_conf.end_label_comp_id 
_struct_conf.end_label_asym_id 
_struct_conf.end_label_seq_id 
_struct_conf.pdbx_end_PDB_ins_code 
_struct_conf.beg_auth_comp_id 
_struct_conf.beg_auth_asym_id 
_struct_conf.beg_auth_seq_id 
_struct_conf.end_auth_comp_id 
_struct_conf.end_auth_asym_id 
_struct_conf.end_auth_seq_id 
_struct_conf.pdbx_PDB_helix_class 
_struct_conf.details 
_struct_conf.pdbx_PDB_helix_length 
HELX_P HELX_P1 1 PRO A 2  ? GLN A 7   ? PRO A 151 GLN A 156 1 ? 6  
HELX_P HELX_P2 2 ILE A 8  ? THR A 25  ? ILE A 157 THR A 174 1 ? 18 
HELX_P HELX_P3 3 ALA A 26 ? ALA A 26  ? ALA A 175 ALA A 175 5 ? 1  
HELX_P HELX_P4 4 PRO A 27 ? ASP A 29  ? PRO A 176 ASP A 178 5 ? 3  
HELX_P HELX_P5 5 ASP A 30 ? THR A 47  ? ASP A 179 THR A 196 1 ? 18 
HELX_P HELX_P6 6 THR A 53 ? CYS A 56  ? THR A 202 CYS A 205 5 ? 4  
HELX_P HELX_P7 7 ILE A 57 ? ALA A 70  ? ILE A 206 ALA A 219 1 ? 14 
HELX_P HELX_P8 8 ALA A 75 ? GLN A 77  ? ALA A 224 GLN A 226 5 ? 3  
HELX_P HELX_P9 9 VAL A 78 ? GLN A 102 ? VAL A 227 GLN A 251 1 ? 25 
# 
_struct_conf_type.id          HELX_P 
_struct_conf_type.criteria    ? 
_struct_conf_type.reference   ? 
# 
loop_
_struct_conn.id 
_struct_conn.conn_type_id 
_struct_conn.pdbx_leaving_atom_flag 
_struct_conn.pdbx_PDB_id 
_struct_conn.ptnr1_label_asym_id 
_struct_conn.ptnr1_label_comp_id 
_struct_conn.ptnr1_label_seq_id 
_struct_conn.ptnr1_label_atom_id 
_struct_conn.pdbx_ptnr1_label_alt_id 
_struct_conn.pdbx_ptnr1_PDB_ins_code 
_struct_conn.pdbx_ptnr1_standard_comp_id 
_struct_conn.ptnr1_symmetry 
_struct_conn.ptnr2_label_asym_id 
_struct_conn.ptnr2_label_comp_id 
_struct_conn.ptnr2_label_seq_id 
_struct_conn.ptnr2_label_atom_id 
_struct_conn.pdbx_ptnr2_label_alt_id 
_struct_conn.pdbx_ptnr2_PDB_ins_code 
_struct_conn.ptnr1_auth_asym_id 
_struct_conn.ptnr1_auth_comp_id 
_struct_conn.ptnr1_auth_seq_id 
_struct_conn.ptnr2_auth_asym_id 
_struct_conn.ptnr2_auth_comp_id 
_struct_conn.ptnr2_auth_seq_id 
_struct_conn.ptnr2_symmetry 
_struct_conn.pdbx_ptnr3_label_atom_id 
_struct_conn.pdbx_ptnr3_label_seq_id 
_struct_conn.pdbx_ptnr3_label_comp_id 
_struct_conn.pdbx_ptnr3_label_asym_id 
_struct_conn.pdbx_ptnr3_label_alt_id 
_struct_conn.pdbx_ptnr3_PDB_ins_code 
_struct_conn.details 
_struct_conn.pdbx_dist_value 
_struct_conn.pdbx_value_order 
_struct_conn.pdbx_role 
disulf1 disulf ? ? A CYS 56 SG  ? ? ? 1_555 A CYS 56 SG ? ? A CYS 205 A CYS 205 4_566 ? ? ? ? ? ? ? 2.444 ? ? 
metalc1 metalc ? ? A THR 21 OG1 ? ? ? 1_555 C MG  .  MG ? ? A THR 170 A MG  350 1_555 ? ? ? ? ? ? ? 2.772 ? ? 
metalc2 metalc ? ? D HOH .  O   ? ? ? 1_555 C MG  .  MG ? ? A HOH 253 A MG  350 1_555 ? ? ? ? ? ? ? 2.838 ? ? 
metalc3 metalc ? ? D HOH .  O   ? ? ? 3_655 C MG  .  MG ? ? A HOH 263 A MG  350 1_555 ? ? ? ? ? ? ? 2.809 ? ? 
# 
loop_
_struct_conn_type.id 
_struct_conn_type.criteria 
_struct_conn_type.reference 
disulf ? ? 
metalc ? ? 
# 
loop_
_pdbx_struct_conn_angle.id 
_pdbx_struct_conn_angle.ptnr1_label_atom_id 
_pdbx_struct_conn_angle.ptnr1_label_alt_id 
_pdbx_struct_conn_angle.ptnr1_label_asym_id 
_pdbx_struct_conn_angle.ptnr1_label_comp_id 
_pdbx_struct_conn_angle.ptnr1_label_seq_id 
_pdbx_struct_conn_angle.ptnr1_auth_atom_id 
_pdbx_struct_conn_angle.ptnr1_auth_asym_id 
_pdbx_struct_conn_angle.ptnr1_auth_comp_id 
_pdbx_struct_conn_angle.ptnr1_auth_seq_id 
_pdbx_struct_conn_angle.ptnr1_PDB_ins_code 
_pdbx_struct_conn_angle.ptnr1_symmetry 
_pdbx_struct_conn_angle.ptnr2_label_atom_id 
_pdbx_struct_conn_angle.ptnr2_label_alt_id 
_pdbx_struct_conn_angle.ptnr2_label_asym_id 
_pdbx_struct_conn_angle.ptnr2_label_comp_id 
_pdbx_struct_conn_angle.ptnr2_label_seq_id 
_pdbx_struct_conn_angle.ptnr2_auth_atom_id 
_pdbx_struct_conn_angle.ptnr2_auth_asym_id 
_pdbx_struct_conn_angle.ptnr2_auth_comp_id 
_pdbx_struct_conn_angle.ptnr2_auth_seq_id 
_pdbx_struct_conn_angle.ptnr2_PDB_ins_code 
_pdbx_struct_conn_angle.ptnr2_symmetry 
_pdbx_struct_conn_angle.ptnr3_label_atom_id 
_pdbx_struct_conn_angle.ptnr3_label_alt_id 
_pdbx_struct_conn_angle.ptnr3_label_asym_id 
_pdbx_struct_conn_angle.ptnr3_label_comp_id 
_pdbx_struct_conn_angle.ptnr3_label_seq_id 
_pdbx_struct_conn_angle.ptnr3_auth_atom_id 
_pdbx_struct_conn_angle.ptnr3_auth_asym_id 
_pdbx_struct_conn_angle.ptnr3_auth_comp_id 
_pdbx_struct_conn_angle.ptnr3_auth_seq_id 
_pdbx_struct_conn_angle.ptnr3_PDB_ins_code 
_pdbx_struct_conn_angle.ptnr3_symmetry 
_pdbx_struct_conn_angle.value 
_pdbx_struct_conn_angle.value_esd 
1 OG1 ? A THR 21 ? A THR 170 ? 1_555 MG ? C MG . ? A MG 350 ? 1_555 O ? D HOH . ? A HOH 253 ? 1_555 86.2  ? 
2 OG1 ? A THR 21 ? A THR 170 ? 1_555 MG ? C MG . ? A MG 350 ? 1_555 O ? D HOH . ? A HOH 263 ? 3_655 123.0 ? 
3 O   ? D HOH .  ? A HOH 253 ? 1_555 MG ? C MG . ? A MG 350 ? 1_555 O ? D HOH . ? A HOH 263 ? 3_655 124.3 ? 
# 
_pdbx_modification_feature.ordinal                            1 
_pdbx_modification_feature.label_comp_id                      CYS 
_pdbx_modification_feature.label_asym_id                      A 
_pdbx_modification_feature.label_seq_id                       56 
_pdbx_modification_feature.label_alt_id                       ? 
_pdbx_modification_feature.modified_residue_label_comp_id     CYS 
_pdbx_modification_feature.modified_residue_label_asym_id     A 
_pdbx_modification_feature.modified_residue_label_seq_id      56 
_pdbx_modification_feature.modified_residue_label_alt_id      ? 
_pdbx_modification_feature.auth_comp_id                       CYS 
_pdbx_modification_feature.auth_asym_id                       A 
_pdbx_modification_feature.auth_seq_id                        205 
_pdbx_modification_feature.PDB_ins_code                       ? 
_pdbx_modification_feature.symmetry                           1_555 
_pdbx_modification_feature.modified_residue_auth_comp_id      CYS 
_pdbx_modification_feature.modified_residue_auth_asym_id      A 
_pdbx_modification_feature.modified_residue_auth_seq_id       205 
_pdbx_modification_feature.modified_residue_PDB_ins_code      ? 
_pdbx_modification_feature.modified_residue_symmetry          4_566 
_pdbx_modification_feature.comp_id_linking_atom               SG 
_pdbx_modification_feature.modified_residue_id_linking_atom   SG 
_pdbx_modification_feature.modified_residue_id                . 
_pdbx_modification_feature.ref_pcm_id                         . 
_pdbx_modification_feature.ref_comp_id                        . 
_pdbx_modification_feature.type                               None 
_pdbx_modification_feature.category                           'Disulfide bridge' 
# 
loop_
_struct_site.id 
_struct_site.pdbx_evidence_code 
_struct_site.pdbx_auth_asym_id 
_struct_site.pdbx_auth_comp_id 
_struct_site.pdbx_auth_seq_id 
_struct_site.pdbx_auth_ins_code 
_struct_site.pdbx_num_residues 
_struct_site.details 
AC1 Software A PO4 252 ? 9 'BINDING SITE FOR RESIDUE PO4 A 252' 
AC2 Software A MG  350 ? 4 'BINDING SITE FOR RESIDUE MG A 350'  
# 
loop_
_struct_site_gen.id 
_struct_site_gen.site_id 
_struct_site_gen.pdbx_num_res 
_struct_site_gen.label_comp_id 
_struct_site_gen.label_asym_id 
_struct_site_gen.label_seq_id 
_struct_site_gen.pdbx_auth_ins_code 
_struct_site_gen.auth_comp_id 
_struct_site_gen.auth_asym_id 
_struct_site_gen.auth_seq_id 
_struct_site_gen.label_atom_id 
_struct_site_gen.label_alt_id 
_struct_site_gen.symmetry 
_struct_site_gen.details 
1  AC1 9 ALA A 24 ? ALA A 173 . ? 1_555 ? 
2  AC1 9 ALA A 28 ? ALA A 177 . ? 3_655 ? 
3  AC1 9 LYS A 31 ? LYS A 180 . ? 3_655 ? 
4  AC1 9 GLN A 77 ? GLN A 226 . ? 3_655 ? 
5  AC1 9 GLU A 84 ? GLU A 233 . ? 1_555 ? 
6  AC1 9 HOH D .  ? HOH A 253 . ? 1_555 ? 
7  AC1 9 HOH D .  ? HOH A 254 . ? 1_555 ? 
8  AC1 9 HOH D .  ? HOH A 256 . ? 3_655 ? 
9  AC1 9 HOH D .  ? HOH A 306 . ? 1_555 ? 
10 AC2 4 THR A 21 ? THR A 170 . ? 1_555 ? 
11 AC2 4 ALA A 28 ? ALA A 177 . ? 3_655 ? 
12 AC2 4 HOH D .  ? HOH A 253 . ? 1_555 ? 
13 AC2 4 HOH D .  ? HOH A 263 . ? 3_655 ? 
# 
_pdbx_entry_details.entry_id                   1L3P 
_pdbx_entry_details.compound_details           ? 
_pdbx_entry_details.source_details             ? 
_pdbx_entry_details.nonpolymer_details         ? 
_pdbx_entry_details.sequence_details           ? 
_pdbx_entry_details.has_ligand_of_interest     ? 
_pdbx_entry_details.has_protein_modification   Y 
# 
loop_
_pdbx_struct_special_symmetry.id 
_pdbx_struct_special_symmetry.PDB_model_num 
_pdbx_struct_special_symmetry.auth_asym_id 
_pdbx_struct_special_symmetry.auth_comp_id 
_pdbx_struct_special_symmetry.auth_seq_id 
_pdbx_struct_special_symmetry.PDB_ins_code 
_pdbx_struct_special_symmetry.label_asym_id 
_pdbx_struct_special_symmetry.label_comp_id 
_pdbx_struct_special_symmetry.label_seq_id 
1 1 A HOH 255 ? D HOH . 
2 1 A HOH 302 ? D HOH . 
3 1 A HOH 303 ? D HOH . 
# 
_pdbx_database_remark.id     999 
_pdbx_database_remark.text   
;SEQUENCE
Author states that residue 195 is serine, but both serine and threonine are in dual conformation. 
;
# 
loop_
_chem_comp_atom.comp_id 
_chem_comp_atom.atom_id 
_chem_comp_atom.type_symbol 
_chem_comp_atom.pdbx_aromatic_flag 
_chem_comp_atom.pdbx_stereo_config 
_chem_comp_atom.pdbx_ordinal 
ALA N    N  N N 1   
ALA CA   C  N S 2   
ALA C    C  N N 3   
ALA O    O  N N 4   
ALA CB   C  N N 5   
ALA OXT  O  N N 6   
ALA H    H  N N 7   
ALA H2   H  N N 8   
ALA HA   H  N N 9   
ALA HB1  H  N N 10  
ALA HB2  H  N N 11  
ALA HB3  H  N N 12  
ALA HXT  H  N N 13  
ASN N    N  N N 14  
ASN CA   C  N S 15  
ASN C    C  N N 16  
ASN O    O  N N 17  
ASN CB   C  N N 18  
ASN CG   C  N N 19  
ASN OD1  O  N N 20  
ASN ND2  N  N N 21  
ASN OXT  O  N N 22  
ASN H    H  N N 23  
ASN H2   H  N N 24  
ASN HA   H  N N 25  
ASN HB2  H  N N 26  
ASN HB3  H  N N 27  
ASN HD21 H  N N 28  
ASN HD22 H  N N 29  
ASN HXT  H  N N 30  
ASP N    N  N N 31  
ASP CA   C  N S 32  
ASP C    C  N N 33  
ASP O    O  N N 34  
ASP CB   C  N N 35  
ASP CG   C  N N 36  
ASP OD1  O  N N 37  
ASP OD2  O  N N 38  
ASP OXT  O  N N 39  
ASP H    H  N N 40  
ASP H2   H  N N 41  
ASP HA   H  N N 42  
ASP HB2  H  N N 43  
ASP HB3  H  N N 44  
ASP HD2  H  N N 45  
ASP HXT  H  N N 46  
CYS N    N  N N 47  
CYS CA   C  N R 48  
CYS C    C  N N 49  
CYS O    O  N N 50  
CYS CB   C  N N 51  
CYS SG   S  N N 52  
CYS OXT  O  N N 53  
CYS H    H  N N 54  
CYS H2   H  N N 55  
CYS HA   H  N N 56  
CYS HB2  H  N N 57  
CYS HB3  H  N N 58  
CYS HG   H  N N 59  
CYS HXT  H  N N 60  
GLN N    N  N N 61  
GLN CA   C  N S 62  
GLN C    C  N N 63  
GLN O    O  N N 64  
GLN CB   C  N N 65  
GLN CG   C  N N 66  
GLN CD   C  N N 67  
GLN OE1  O  N N 68  
GLN NE2  N  N N 69  
GLN OXT  O  N N 70  
GLN H    H  N N 71  
GLN H2   H  N N 72  
GLN HA   H  N N 73  
GLN HB2  H  N N 74  
GLN HB3  H  N N 75  
GLN HG2  H  N N 76  
GLN HG3  H  N N 77  
GLN HE21 H  N N 78  
GLN HE22 H  N N 79  
GLN HXT  H  N N 80  
GLU N    N  N N 81  
GLU CA   C  N S 82  
GLU C    C  N N 83  
GLU O    O  N N 84  
GLU CB   C  N N 85  
GLU CG   C  N N 86  
GLU CD   C  N N 87  
GLU OE1  O  N N 88  
GLU OE2  O  N N 89  
GLU OXT  O  N N 90  
GLU H    H  N N 91  
GLU H2   H  N N 92  
GLU HA   H  N N 93  
GLU HB2  H  N N 94  
GLU HB3  H  N N 95  
GLU HG2  H  N N 96  
GLU HG3  H  N N 97  
GLU HE2  H  N N 98  
GLU HXT  H  N N 99  
GLY N    N  N N 100 
GLY CA   C  N N 101 
GLY C    C  N N 102 
GLY O    O  N N 103 
GLY OXT  O  N N 104 
GLY H    H  N N 105 
GLY H2   H  N N 106 
GLY HA2  H  N N 107 
GLY HA3  H  N N 108 
GLY HXT  H  N N 109 
HOH O    O  N N 110 
HOH H1   H  N N 111 
HOH H2   H  N N 112 
ILE N    N  N N 113 
ILE CA   C  N S 114 
ILE C    C  N N 115 
ILE O    O  N N 116 
ILE CB   C  N S 117 
ILE CG1  C  N N 118 
ILE CG2  C  N N 119 
ILE CD1  C  N N 120 
ILE OXT  O  N N 121 
ILE H    H  N N 122 
ILE H2   H  N N 123 
ILE HA   H  N N 124 
ILE HB   H  N N 125 
ILE HG12 H  N N 126 
ILE HG13 H  N N 127 
ILE HG21 H  N N 128 
ILE HG22 H  N N 129 
ILE HG23 H  N N 130 
ILE HD11 H  N N 131 
ILE HD12 H  N N 132 
ILE HD13 H  N N 133 
ILE HXT  H  N N 134 
LEU N    N  N N 135 
LEU CA   C  N S 136 
LEU C    C  N N 137 
LEU O    O  N N 138 
LEU CB   C  N N 139 
LEU CG   C  N N 140 
LEU CD1  C  N N 141 
LEU CD2  C  N N 142 
LEU OXT  O  N N 143 
LEU H    H  N N 144 
LEU H2   H  N N 145 
LEU HA   H  N N 146 
LEU HB2  H  N N 147 
LEU HB3  H  N N 148 
LEU HG   H  N N 149 
LEU HD11 H  N N 150 
LEU HD12 H  N N 151 
LEU HD13 H  N N 152 
LEU HD21 H  N N 153 
LEU HD22 H  N N 154 
LEU HD23 H  N N 155 
LEU HXT  H  N N 156 
LYS N    N  N N 157 
LYS CA   C  N S 158 
LYS C    C  N N 159 
LYS O    O  N N 160 
LYS CB   C  N N 161 
LYS CG   C  N N 162 
LYS CD   C  N N 163 
LYS CE   C  N N 164 
LYS NZ   N  N N 165 
LYS OXT  O  N N 166 
LYS H    H  N N 167 
LYS H2   H  N N 168 
LYS HA   H  N N 169 
LYS HB2  H  N N 170 
LYS HB3  H  N N 171 
LYS HG2  H  N N 172 
LYS HG3  H  N N 173 
LYS HD2  H  N N 174 
LYS HD3  H  N N 175 
LYS HE2  H  N N 176 
LYS HE3  H  N N 177 
LYS HZ1  H  N N 178 
LYS HZ2  H  N N 179 
LYS HZ3  H  N N 180 
LYS HXT  H  N N 181 
MET N    N  N N 182 
MET CA   C  N S 183 
MET C    C  N N 184 
MET O    O  N N 185 
MET CB   C  N N 186 
MET CG   C  N N 187 
MET SD   S  N N 188 
MET CE   C  N N 189 
MET OXT  O  N N 190 
MET H    H  N N 191 
MET H2   H  N N 192 
MET HA   H  N N 193 
MET HB2  H  N N 194 
MET HB3  H  N N 195 
MET HG2  H  N N 196 
MET HG3  H  N N 197 
MET HE1  H  N N 198 
MET HE2  H  N N 199 
MET HE3  H  N N 200 
MET HXT  H  N N 201 
MG  MG   MG N N 202 
PHE N    N  N N 203 
PHE CA   C  N S 204 
PHE C    C  N N 205 
PHE O    O  N N 206 
PHE CB   C  N N 207 
PHE CG   C  Y N 208 
PHE CD1  C  Y N 209 
PHE CD2  C  Y N 210 
PHE CE1  C  Y N 211 
PHE CE2  C  Y N 212 
PHE CZ   C  Y N 213 
PHE OXT  O  N N 214 
PHE H    H  N N 215 
PHE H2   H  N N 216 
PHE HA   H  N N 217 
PHE HB2  H  N N 218 
PHE HB3  H  N N 219 
PHE HD1  H  N N 220 
PHE HD2  H  N N 221 
PHE HE1  H  N N 222 
PHE HE2  H  N N 223 
PHE HZ   H  N N 224 
PHE HXT  H  N N 225 
PO4 P    P  N N 226 
PO4 O1   O  N N 227 
PO4 O2   O  N N 228 
PO4 O3   O  N N 229 
PO4 O4   O  N N 230 
PRO N    N  N N 231 
PRO CA   C  N S 232 
PRO C    C  N N 233 
PRO O    O  N N 234 
PRO CB   C  N N 235 
PRO CG   C  N N 236 
PRO CD   C  N N 237 
PRO OXT  O  N N 238 
PRO H    H  N N 239 
PRO HA   H  N N 240 
PRO HB2  H  N N 241 
PRO HB3  H  N N 242 
PRO HG2  H  N N 243 
PRO HG3  H  N N 244 
PRO HD2  H  N N 245 
PRO HD3  H  N N 246 
PRO HXT  H  N N 247 
SER N    N  N N 248 
SER CA   C  N S 249 
SER C    C  N N 250 
SER O    O  N N 251 
SER CB   C  N N 252 
SER OG   O  N N 253 
SER OXT  O  N N 254 
SER H    H  N N 255 
SER H2   H  N N 256 
SER HA   H  N N 257 
SER HB2  H  N N 258 
SER HB3  H  N N 259 
SER HG   H  N N 260 
SER HXT  H  N N 261 
THR N    N  N N 262 
THR CA   C  N S 263 
THR C    C  N N 264 
THR O    O  N N 265 
THR CB   C  N R 266 
THR OG1  O  N N 267 
THR CG2  C  N N 268 
THR OXT  O  N N 269 
THR H    H  N N 270 
THR H2   H  N N 271 
THR HA   H  N N 272 
THR HB   H  N N 273 
THR HG1  H  N N 274 
THR HG21 H  N N 275 
THR HG22 H  N N 276 
THR HG23 H  N N 277 
THR HXT  H  N N 278 
TYR N    N  N N 279 
TYR CA   C  N S 280 
TYR C    C  N N 281 
TYR O    O  N N 282 
TYR CB   C  N N 283 
TYR CG   C  Y N 284 
TYR CD1  C  Y N 285 
TYR CD2  C  Y N 286 
TYR CE1  C  Y N 287 
TYR CE2  C  Y N 288 
TYR CZ   C  Y N 289 
TYR OH   O  N N 290 
TYR OXT  O  N N 291 
TYR H    H  N N 292 
TYR H2   H  N N 293 
TYR HA   H  N N 294 
TYR HB2  H  N N 295 
TYR HB3  H  N N 296 
TYR HD1  H  N N 297 
TYR HD2  H  N N 298 
TYR HE1  H  N N 299 
TYR HE2  H  N N 300 
TYR HH   H  N N 301 
TYR HXT  H  N N 302 
VAL N    N  N N 303 
VAL CA   C  N S 304 
VAL C    C  N N 305 
VAL O    O  N N 306 
VAL CB   C  N N 307 
VAL CG1  C  N N 308 
VAL CG2  C  N N 309 
VAL OXT  O  N N 310 
VAL H    H  N N 311 
VAL H2   H  N N 312 
VAL HA   H  N N 313 
VAL HB   H  N N 314 
VAL HG11 H  N N 315 
VAL HG12 H  N N 316 
VAL HG13 H  N N 317 
VAL HG21 H  N N 318 
VAL HG22 H  N N 319 
VAL HG23 H  N N 320 
VAL HXT  H  N N 321 
# 
loop_
_chem_comp_bond.comp_id 
_chem_comp_bond.atom_id_1 
_chem_comp_bond.atom_id_2 
_chem_comp_bond.value_order 
_chem_comp_bond.pdbx_aromatic_flag 
_chem_comp_bond.pdbx_stereo_config 
_chem_comp_bond.pdbx_ordinal 
ALA N   CA   sing N N 1   
ALA N   H    sing N N 2   
ALA N   H2   sing N N 3   
ALA CA  C    sing N N 4   
ALA CA  CB   sing N N 5   
ALA CA  HA   sing N N 6   
ALA C   O    doub N N 7   
ALA C   OXT  sing N N 8   
ALA CB  HB1  sing N N 9   
ALA CB  HB2  sing N N 10  
ALA CB  HB3  sing N N 11  
ALA OXT HXT  sing N N 12  
ASN N   CA   sing N N 13  
ASN N   H    sing N N 14  
ASN N   H2   sing N N 15  
ASN CA  C    sing N N 16  
ASN CA  CB   sing N N 17  
ASN CA  HA   sing N N 18  
ASN C   O    doub N N 19  
ASN C   OXT  sing N N 20  
ASN CB  CG   sing N N 21  
ASN CB  HB2  sing N N 22  
ASN CB  HB3  sing N N 23  
ASN CG  OD1  doub N N 24  
ASN CG  ND2  sing N N 25  
ASN ND2 HD21 sing N N 26  
ASN ND2 HD22 sing N N 27  
ASN OXT HXT  sing N N 28  
ASP N   CA   sing N N 29  
ASP N   H    sing N N 30  
ASP N   H2   sing N N 31  
ASP CA  C    sing N N 32  
ASP CA  CB   sing N N 33  
ASP CA  HA   sing N N 34  
ASP C   O    doub N N 35  
ASP C   OXT  sing N N 36  
ASP CB  CG   sing N N 37  
ASP CB  HB2  sing N N 38  
ASP CB  HB3  sing N N 39  
ASP CG  OD1  doub N N 40  
ASP CG  OD2  sing N N 41  
ASP OD2 HD2  sing N N 42  
ASP OXT HXT  sing N N 43  
CYS N   CA   sing N N 44  
CYS N   H    sing N N 45  
CYS N   H2   sing N N 46  
CYS CA  C    sing N N 47  
CYS CA  CB   sing N N 48  
CYS CA  HA   sing N N 49  
CYS C   O    doub N N 50  
CYS C   OXT  sing N N 51  
CYS CB  SG   sing N N 52  
CYS CB  HB2  sing N N 53  
CYS CB  HB3  sing N N 54  
CYS SG  HG   sing N N 55  
CYS OXT HXT  sing N N 56  
GLN N   CA   sing N N 57  
GLN N   H    sing N N 58  
GLN N   H2   sing N N 59  
GLN CA  C    sing N N 60  
GLN CA  CB   sing N N 61  
GLN CA  HA   sing N N 62  
GLN C   O    doub N N 63  
GLN C   OXT  sing N N 64  
GLN CB  CG   sing N N 65  
GLN CB  HB2  sing N N 66  
GLN CB  HB3  sing N N 67  
GLN CG  CD   sing N N 68  
GLN CG  HG2  sing N N 69  
GLN CG  HG3  sing N N 70  
GLN CD  OE1  doub N N 71  
GLN CD  NE2  sing N N 72  
GLN NE2 HE21 sing N N 73  
GLN NE2 HE22 sing N N 74  
GLN OXT HXT  sing N N 75  
GLU N   CA   sing N N 76  
GLU N   H    sing N N 77  
GLU N   H2   sing N N 78  
GLU CA  C    sing N N 79  
GLU CA  CB   sing N N 80  
GLU CA  HA   sing N N 81  
GLU C   O    doub N N 82  
GLU C   OXT  sing N N 83  
GLU CB  CG   sing N N 84  
GLU CB  HB2  sing N N 85  
GLU CB  HB3  sing N N 86  
GLU CG  CD   sing N N 87  
GLU CG  HG2  sing N N 88  
GLU CG  HG3  sing N N 89  
GLU CD  OE1  doub N N 90  
GLU CD  OE2  sing N N 91  
GLU OE2 HE2  sing N N 92  
GLU OXT HXT  sing N N 93  
GLY N   CA   sing N N 94  
GLY N   H    sing N N 95  
GLY N   H2   sing N N 96  
GLY CA  C    sing N N 97  
GLY CA  HA2  sing N N 98  
GLY CA  HA3  sing N N 99  
GLY C   O    doub N N 100 
GLY C   OXT  sing N N 101 
GLY OXT HXT  sing N N 102 
HOH O   H1   sing N N 103 
HOH O   H2   sing N N 104 
ILE N   CA   sing N N 105 
ILE N   H    sing N N 106 
ILE N   H2   sing N N 107 
ILE CA  C    sing N N 108 
ILE CA  CB   sing N N 109 
ILE CA  HA   sing N N 110 
ILE C   O    doub N N 111 
ILE C   OXT  sing N N 112 
ILE CB  CG1  sing N N 113 
ILE CB  CG2  sing N N 114 
ILE CB  HB   sing N N 115 
ILE CG1 CD1  sing N N 116 
ILE CG1 HG12 sing N N 117 
ILE CG1 HG13 sing N N 118 
ILE CG2 HG21 sing N N 119 
ILE CG2 HG22 sing N N 120 
ILE CG2 HG23 sing N N 121 
ILE CD1 HD11 sing N N 122 
ILE CD1 HD12 sing N N 123 
ILE CD1 HD13 sing N N 124 
ILE OXT HXT  sing N N 125 
LEU N   CA   sing N N 126 
LEU N   H    sing N N 127 
LEU N   H2   sing N N 128 
LEU CA  C    sing N N 129 
LEU CA  CB   sing N N 130 
LEU CA  HA   sing N N 131 
LEU C   O    doub N N 132 
LEU C   OXT  sing N N 133 
LEU CB  CG   sing N N 134 
LEU CB  HB2  sing N N 135 
LEU CB  HB3  sing N N 136 
LEU CG  CD1  sing N N 137 
LEU CG  CD2  sing N N 138 
LEU CG  HG   sing N N 139 
LEU CD1 HD11 sing N N 140 
LEU CD1 HD12 sing N N 141 
LEU CD1 HD13 sing N N 142 
LEU CD2 HD21 sing N N 143 
LEU CD2 HD22 sing N N 144 
LEU CD2 HD23 sing N N 145 
LEU OXT HXT  sing N N 146 
LYS N   CA   sing N N 147 
LYS N   H    sing N N 148 
LYS N   H2   sing N N 149 
LYS CA  C    sing N N 150 
LYS CA  CB   sing N N 151 
LYS CA  HA   sing N N 152 
LYS C   O    doub N N 153 
LYS C   OXT  sing N N 154 
LYS CB  CG   sing N N 155 
LYS CB  HB2  sing N N 156 
LYS CB  HB3  sing N N 157 
LYS CG  CD   sing N N 158 
LYS CG  HG2  sing N N 159 
LYS CG  HG3  sing N N 160 
LYS CD  CE   sing N N 161 
LYS CD  HD2  sing N N 162 
LYS CD  HD3  sing N N 163 
LYS CE  NZ   sing N N 164 
LYS CE  HE2  sing N N 165 
LYS CE  HE3  sing N N 166 
LYS NZ  HZ1  sing N N 167 
LYS NZ  HZ2  sing N N 168 
LYS NZ  HZ3  sing N N 169 
LYS OXT HXT  sing N N 170 
MET N   CA   sing N N 171 
MET N   H    sing N N 172 
MET N   H2   sing N N 173 
MET CA  C    sing N N 174 
MET CA  CB   sing N N 175 
MET CA  HA   sing N N 176 
MET C   O    doub N N 177 
MET C   OXT  sing N N 178 
MET CB  CG   sing N N 179 
MET CB  HB2  sing N N 180 
MET CB  HB3  sing N N 181 
MET CG  SD   sing N N 182 
MET CG  HG2  sing N N 183 
MET CG  HG3  sing N N 184 
MET SD  CE   sing N N 185 
MET CE  HE1  sing N N 186 
MET CE  HE2  sing N N 187 
MET CE  HE3  sing N N 188 
MET OXT HXT  sing N N 189 
PHE N   CA   sing N N 190 
PHE N   H    sing N N 191 
PHE N   H2   sing N N 192 
PHE CA  C    sing N N 193 
PHE CA  CB   sing N N 194 
PHE CA  HA   sing N N 195 
PHE C   O    doub N N 196 
PHE C   OXT  sing N N 197 
PHE CB  CG   sing N N 198 
PHE CB  HB2  sing N N 199 
PHE CB  HB3  sing N N 200 
PHE CG  CD1  doub Y N 201 
PHE CG  CD2  sing Y N 202 
PHE CD1 CE1  sing Y N 203 
PHE CD1 HD1  sing N N 204 
PHE CD2 CE2  doub Y N 205 
PHE CD2 HD2  sing N N 206 
PHE CE1 CZ   doub Y N 207 
PHE CE1 HE1  sing N N 208 
PHE CE2 CZ   sing Y N 209 
PHE CE2 HE2  sing N N 210 
PHE CZ  HZ   sing N N 211 
PHE OXT HXT  sing N N 212 
PO4 P   O1   doub N N 213 
PO4 P   O2   sing N N 214 
PO4 P   O3   sing N N 215 
PO4 P   O4   sing N N 216 
PRO N   CA   sing N N 217 
PRO N   CD   sing N N 218 
PRO N   H    sing N N 219 
PRO CA  C    sing N N 220 
PRO CA  CB   sing N N 221 
PRO CA  HA   sing N N 222 
PRO C   O    doub N N 223 
PRO C   OXT  sing N N 224 
PRO CB  CG   sing N N 225 
PRO CB  HB2  sing N N 226 
PRO CB  HB3  sing N N 227 
PRO CG  CD   sing N N 228 
PRO CG  HG2  sing N N 229 
PRO CG  HG3  sing N N 230 
PRO CD  HD2  sing N N 231 
PRO CD  HD3  sing N N 232 
PRO OXT HXT  sing N N 233 
SER N   CA   sing N N 234 
SER N   H    sing N N 235 
SER N   H2   sing N N 236 
SER CA  C    sing N N 237 
SER CA  CB   sing N N 238 
SER CA  HA   sing N N 239 
SER C   O    doub N N 240 
SER C   OXT  sing N N 241 
SER CB  OG   sing N N 242 
SER CB  HB2  sing N N 243 
SER CB  HB3  sing N N 244 
SER OG  HG   sing N N 245 
SER OXT HXT  sing N N 246 
THR N   CA   sing N N 247 
THR N   H    sing N N 248 
THR N   H2   sing N N 249 
THR CA  C    sing N N 250 
THR CA  CB   sing N N 251 
THR CA  HA   sing N N 252 
THR C   O    doub N N 253 
THR C   OXT  sing N N 254 
THR CB  OG1  sing N N 255 
THR CB  CG2  sing N N 256 
THR CB  HB   sing N N 257 
THR OG1 HG1  sing N N 258 
THR CG2 HG21 sing N N 259 
THR CG2 HG22 sing N N 260 
THR CG2 HG23 sing N N 261 
THR OXT HXT  sing N N 262 
TYR N   CA   sing N N 263 
TYR N   H    sing N N 264 
TYR N   H2   sing N N 265 
TYR CA  C    sing N N 266 
TYR CA  CB   sing N N 267 
TYR CA  HA   sing N N 268 
TYR C   O    doub N N 269 
TYR C   OXT  sing N N 270 
TYR CB  CG   sing N N 271 
TYR CB  HB2  sing N N 272 
TYR CB  HB3  sing N N 273 
TYR CG  CD1  doub Y N 274 
TYR CG  CD2  sing Y N 275 
TYR CD1 CE1  sing Y N 276 
TYR CD1 HD1  sing N N 277 
TYR CD2 CE2  doub Y N 278 
TYR CD2 HD2  sing N N 279 
TYR CE1 CZ   doub Y N 280 
TYR CE1 HE1  sing N N 281 
TYR CE2 CZ   sing Y N 282 
TYR CE2 HE2  sing N N 283 
TYR CZ  OH   sing N N 284 
TYR OH  HH   sing N N 285 
TYR OXT HXT  sing N N 286 
VAL N   CA   sing N N 287 
VAL N   H    sing N N 288 
VAL N   H2   sing N N 289 
VAL CA  C    sing N N 290 
VAL CA  CB   sing N N 291 
VAL CA  HA   sing N N 292 
VAL C   O    doub N N 293 
VAL C   OXT  sing N N 294 
VAL CB  CG1  sing N N 295 
VAL CB  CG2  sing N N 296 
VAL CB  HB   sing N N 297 
VAL CG1 HG11 sing N N 298 
VAL CG1 HG12 sing N N 299 
VAL CG1 HG13 sing N N 300 
VAL CG2 HG21 sing N N 301 
VAL CG2 HG22 sing N N 302 
VAL CG2 HG23 sing N N 303 
VAL OXT HXT  sing N N 304 
# 
_pdbx_initial_refinement_model.accession_code   ? 
_pdbx_initial_refinement_model.id               1 
_pdbx_initial_refinement_model.entity_id_list   ? 
_pdbx_initial_refinement_model.type             'experimental model' 
_pdbx_initial_refinement_model.source_name      Other 
_pdbx_initial_refinement_model.details          'HG DERIVATIVE' 
# 
_atom_sites.entry_id                    1L3P 
_atom_sites.fract_transf_matrix[1][1]   -0.00088321 
_atom_sites.fract_transf_matrix[1][2]   -0.01802826 
_atom_sites.fract_transf_matrix[1][3]   0.01823413 
_atom_sites.fract_transf_matrix[2][1]   0.00231476 
_atom_sites.fract_transf_matrix[2][2]   -0.01408161 
_atom_sites.fract_transf_matrix[2][3]   -0.01381051 
_atom_sites.fract_transf_matrix[3][1]   0.00920724 
_atom_sites.fract_transf_matrix[3][2]   0.00054634 
_atom_sites.fract_transf_matrix[3][3]   0.00098615 
_atom_sites.fract_transf_vector[1]      0.347133 
_atom_sites.fract_transf_vector[2]      0.498214 
_atom_sites.fract_transf_vector[3]      0.368613 
# 
loop_
_atom_type.symbol 
C  
MG 
N  
O  
P  
S  
# 
loop_
_atom_site.group_PDB 
_atom_site.id 
_atom_site.type_symbol 
_atom_site.label_atom_id 
_atom_site.label_alt_id 
_atom_site.label_comp_id 
_atom_site.label_asym_id 
_atom_site.label_entity_id 
_atom_site.label_seq_id 
_atom_site.pdbx_PDB_ins_code 
_atom_site.Cartn_x 
_atom_site.Cartn_y 
_atom_site.Cartn_z 
_atom_site.occupancy 
_atom_site.B_iso_or_equiv 
_atom_site.pdbx_formal_charge 
_atom_site.auth_seq_id 
_atom_site.auth_comp_id 
_atom_site.auth_asym_id 
_atom_site.auth_atom_id 
_atom_site.pdbx_PDB_model_num 
ATOM   1   N  N   . ILE A 1 1   ? 5.365   14.858  4.027   1.00 34.29 ? 150 ILE A N   1 
ATOM   2   C  CA  . ILE A 1 1   ? 6.030   13.860  3.137   1.00 34.06 ? 150 ILE A CA  1 
ATOM   3   C  C   . ILE A 1 1   ? 7.451   14.289  2.794   1.00 33.53 ? 150 ILE A C   1 
ATOM   4   O  O   . ILE A 1 1   ? 7.662   15.357  2.226   1.00 32.93 ? 150 ILE A O   1 
ATOM   5   C  CB  . ILE A 1 1   ? 5.260   13.677  1.802   1.00 34.46 ? 150 ILE A CB  1 
ATOM   6   C  CG1 . ILE A 1 1   ? 3.890   13.044  2.066   1.00 35.07 ? 150 ILE A CG1 1 
ATOM   7   C  CG2 . ILE A 1 1   ? 6.075   12.807  0.842   1.00 34.29 ? 150 ILE A CG2 1 
ATOM   8   C  CD1 . ILE A 1 1   ? 3.044   12.866  0.821   1.00 32.35 ? 150 ILE A CD1 1 
ATOM   9   N  N   . PRO A 1 2   ? 8.446   13.453  3.136   1.00 33.77 ? 151 PRO A N   1 
ATOM   10  C  CA  . PRO A 1 2   ? 9.855   13.752  2.853   1.00 32.30 ? 151 PRO A CA  1 
ATOM   11  C  C   . PRO A 1 2   ? 10.067  14.014  1.362   1.00 31.03 ? 151 PRO A C   1 
ATOM   12  O  O   . PRO A 1 2   ? 9.717   13.185  0.522   1.00 31.64 ? 151 PRO A O   1 
ATOM   13  C  CB  . PRO A 1 2   ? 10.571  12.492  3.327   1.00 32.38 ? 151 PRO A CB  1 
ATOM   14  C  CG  . PRO A 1 2   ? 9.724   12.055  4.481   1.00 33.21 ? 151 PRO A CG  1 
ATOM   15  C  CD  . PRO A 1 2   ? 8.326   12.216  3.928   1.00 33.22 ? 151 PRO A CD  1 
ATOM   16  N  N   . ALA A 1 3   ? 10.644  15.168  1.042   1.00 29.69 ? 152 ALA A N   1 
ATOM   17  C  CA  . ALA A 1 3   ? 10.889  15.556  -0.343  1.00 29.21 ? 152 ALA A CA  1 
ATOM   18  C  C   . ALA A 1 3   ? 11.409  14.422  -1.222  1.00 28.84 ? 152 ALA A C   1 
ATOM   19  O  O   . ALA A 1 3   ? 11.055  14.329  -2.396  1.00 28.88 ? 152 ALA A O   1 
ATOM   20  C  CB  . ALA A 1 3   ? 11.860  16.729  -0.387  1.00 28.98 ? 152 ALA A CB  1 
ATOM   21  N  N   . GLY A 1 4   ? 12.247  13.562  -0.649  1.00 28.09 ? 153 GLY A N   1 
ATOM   22  C  CA  . GLY A 1 4   ? 12.808  12.460  -1.407  1.00 26.91 ? 153 GLY A CA  1 
ATOM   23  C  C   . GLY A 1 4   ? 11.810  11.411  -1.859  1.00 27.94 ? 153 GLY A C   1 
ATOM   24  O  O   . GLY A 1 4   ? 12.068  10.684  -2.819  1.00 27.24 ? 153 GLY A O   1 
ATOM   25  N  N   . GLU A 1 5   ? 10.671  11.330  -1.175  1.00 28.01 ? 154 GLU A N   1 
ATOM   26  C  CA  . GLU A 1 5   ? 9.633   10.354  -1.512  1.00 29.16 ? 154 GLU A CA  1 
ATOM   27  C  C   . GLU A 1 5   ? 8.590   10.886  -2.491  1.00 29.56 ? 154 GLU A C   1 
ATOM   28  O  O   . GLU A 1 5   ? 7.898   10.108  -3.151  1.00 29.02 ? 154 GLU A O   1 
ATOM   29  C  CB  . GLU A 1 5   ? 8.919   9.884   -0.243  1.00 28.14 ? 154 GLU A CB  1 
ATOM   30  C  CG  . GLU A 1 5   ? 9.757   8.998   0.652   1.00 29.99 ? 154 GLU A CG  1 
ATOM   31  C  CD  . GLU A 1 5   ? 9.074   8.708   1.976   1.00 30.80 ? 154 GLU A CD  1 
ATOM   32  O  OE1 . GLU A 1 5   ? 8.928   9.644   2.791   1.00 34.68 ? 154 GLU A OE1 1 
ATOM   33  O  OE2 . GLU A 1 5   ? 8.677   7.551   2.200   1.00 29.03 ? 154 GLU A OE2 1 
ATOM   34  N  N   . LEU A 1 6   ? 8.478   12.206  -2.580  1.00 29.22 ? 155 LEU A N   1 
ATOM   35  C  CA  . LEU A 1 6   ? 7.506   12.834  -3.467  1.00 28.68 ? 155 LEU A CA  1 
ATOM   36  C  C   . LEU A 1 6   ? 7.489   12.265  -4.875  1.00 27.56 ? 155 LEU A C   1 
ATOM   37  O  O   . LEU A 1 6   ? 6.424   11.987  -5.421  1.00 26.91 ? 155 LEU A O   1 
ATOM   38  C  CB  . LEU A 1 6   ? 7.755   14.343  -3.543  1.00 30.49 ? 155 LEU A CB  1 
ATOM   39  C  CG  . LEU A 1 6   ? 7.272   15.176  -2.357  1.00 30.37 ? 155 LEU A CG  1 
ATOM   40  C  CD1 . LEU A 1 6   ? 7.678   16.632  -2.561  1.00 31.98 ? 155 LEU A CD1 1 
ATOM   41  C  CD2 . LEU A 1 6   ? 5.755   15.050  -2.232  1.00 30.33 ? 155 LEU A CD2 1 
ATOM   42  N  N   . GLN A 1 7   ? 8.671   12.090  -5.454  1.00 27.17 ? 156 GLN A N   1 
ATOM   43  C  CA  . GLN A 1 7   ? 8.804   11.578  -6.813  1.00 28.02 ? 156 GLN A CA  1 
ATOM   44  C  C   . GLN A 1 7   ? 8.194   10.200  -7.069  1.00 27.82 ? 156 GLN A C   1 
ATOM   45  O  O   . GLN A 1 7   ? 7.923   9.851   -8.217  1.00 29.14 ? 156 GLN A O   1 
ATOM   46  C  CB  . GLN A 1 7   ? 10.281  11.544  -7.210  1.00 29.86 ? 156 GLN A CB  1 
ATOM   47  C  CG  . GLN A 1 7   ? 10.997  10.622  -6.406  1.00 33.61 ? 156 GLN A CG  1 
ATOM   48  N  N   . ILE A 1 8   ? 7.978   9.412   -6.019  1.00 26.40 ? 157 ILE A N   1 
ATOM   49  C  CA  . ILE A 1 8   ? 7.414   8.081   -6.213  1.00 25.19 ? 157 ILE A CA  1 
ATOM   50  C  C   . ILE A 1 8   ? 5.991   7.882   -5.703  1.00 23.51 ? 157 ILE A C   1 
ATOM   51  O  O   . ILE A 1 8   ? 5.484   6.767   -5.744  1.00 22.64 ? 157 ILE A O   1 
ATOM   52  C  CB  . ILE A 1 8   ? 8.286   6.988   -5.554  1.00 26.25 ? 157 ILE A CB  1 
ATOM   53  C  CG1 . ILE A 1 8   ? 8.324   7.198   -4.040  1.00 25.76 ? 157 ILE A CG1 1 
ATOM   54  C  CG2 . ILE A 1 8   ? 9.690   7.000   -6.151  1.00 27.16 ? 157 ILE A CG2 1 
ATOM   55  C  CD1 . ILE A 1 8   ? 8.894   6.027   -3.285  1.00 28.12 ? 157 ILE A CD1 1 
ATOM   56  N  N   . ILE A 1 9   ? 5.340   8.941   -5.230  1.00 21.72 ? 158 ILE A N   1 
ATOM   57  C  CA  . ILE A 1 9   ? 3.979   8.790   -4.717  1.00 21.82 ? 158 ILE A CA  1 
ATOM   58  C  C   . ILE A 1 9   ? 3.035   8.227   -5.770  1.00 22.20 ? 158 ILE A C   1 
ATOM   59  O  O   . ILE A 1 9   ? 2.255   7.318   -5.488  1.00 21.47 ? 158 ILE A O   1 
ATOM   60  C  CB  . ILE A 1 9   ? 3.389   10.128  -4.213  1.00 22.38 ? 158 ILE A CB  1 
ATOM   61  C  CG1 . ILE A 1 9   ? 4.267   10.710  -3.100  1.00 22.42 ? 158 ILE A CG1 1 
ATOM   62  C  CG2 . ILE A 1 9   ? 1.968   9.904   -3.704  1.00 21.88 ? 158 ILE A CG2 1 
ATOM   63  C  CD1 . ILE A 1 9   ? 4.408   9.822   -1.878  1.00 22.92 ? 158 ILE A CD1 1 
ATOM   64  N  N   . ASP A 1 10  ? 3.108   8.773   -6.980  1.00 23.13 ? 159 ASP A N   1 
ATOM   65  C  CA  . ASP A 1 10  ? 2.258   8.321   -8.077  1.00 23.97 ? 159 ASP A CA  1 
ATOM   66  C  C   . ASP A 1 10  ? 2.456   6.835   -8.349  1.00 22.43 ? 159 ASP A C   1 
ATOM   67  O  O   . ASP A 1 10  ? 1.506   6.112   -8.678  1.00 20.96 ? 159 ASP A O   1 
ATOM   68  C  CB  . ASP A 1 10  ? 2.557   9.126   -9.345  1.00 27.95 ? 159 ASP A CB  1 
ATOM   69  C  CG  . ASP A 1 10  ? 4.039   9.139   -9.703  1.00 32.60 ? 159 ASP A CG  1 
ATOM   70  O  OD1 . ASP A 1 10  ? 4.877   8.704   -8.880  1.00 33.97 ? 159 ASP A OD1 1 
ATOM   71  O  OD2 . ASP A 1 10  ? 4.367   9.597   -10.817 1.00 38.23 ? 159 ASP A OD2 1 
ATOM   72  N  N   . LYS A 1 11  ? 3.697   6.381   -8.211  1.00 21.23 ? 160 LYS A N   1 
ATOM   73  C  CA  . LYS A 1 11  ? 4.022   4.981   -8.433  1.00 20.27 ? 160 LYS A CA  1 
ATOM   74  C  C   . LYS A 1 11  ? 3.463   4.115   -7.306  1.00 19.01 ? 160 LYS A C   1 
ATOM   75  O  O   . LYS A 1 11  ? 3.018   2.991   -7.538  1.00 18.73 ? 160 LYS A O   1 
ATOM   76  C  CB  . LYS A 1 11  ? 5.536   4.810   -8.554  1.00 20.89 ? 160 LYS A CB  1 
ATOM   77  C  CG  . LYS A 1 11  ? 6.105   5.481   -9.803  1.00 23.49 ? 160 LYS A CG  1 
ATOM   78  C  CD  . LYS A 1 11  ? 7.611   5.327   -9.895  1.00 27.58 ? 160 LYS A CD  1 
ATOM   79  C  CE  . LYS A 1 11  ? 8.133   5.882   -11.215 1.00 29.53 ? 160 LYS A CE  1 
ATOM   80  N  NZ  . LYS A 1 11  ? 9.611   5.756   -11.319 1.00 33.48 ? 160 LYS A NZ  1 
ATOM   81  N  N   . ILE A 1 12  ? 3.486   4.637   -6.085  1.00 17.51 ? 161 ILE A N   1 
ATOM   82  C  CA  . ILE A 1 12  ? 2.947   3.898   -4.948  1.00 15.90 ? 161 ILE A CA  1 
ATOM   83  C  C   . ILE A 1 12  ? 1.449   3.684   -5.158  1.00 15.56 ? 161 ILE A C   1 
ATOM   84  O  O   . ILE A 1 12  ? 0.935   2.575   -4.996  1.00 13.19 ? 161 ILE A O   1 
ATOM   85  C  CB  . ILE A 1 12  ? 3.161   4.670   -3.630  1.00 16.05 ? 161 ILE A CB  1 
ATOM   86  C  CG1 . ILE A 1 12  ? 4.659   4.779   -3.338  1.00 17.72 ? 161 ILE A CG1 1 
ATOM   87  C  CG2 . ILE A 1 12  ? 2.425   3.980   -2.496  1.00 17.35 ? 161 ILE A CG2 1 
ATOM   88  C  CD1 . ILE A 1 12  ? 4.996   5.692   -2.176  1.00 18.92 ? 161 ILE A CD1 1 
ATOM   89  N  N   . ASP A 1 13  ? 0.755   4.751   -5.534  1.00 16.76 ? 162 ASP A N   1 
ATOM   90  C  CA  . ASP A 1 13  ? -0.687  4.687   -5.753  1.00 19.92 ? 162 ASP A CA  1 
ATOM   91  C  C   . ASP A 1 13  ? -1.044  3.679   -6.846  1.00 18.93 ? 162 ASP A C   1 
ATOM   92  O  O   . ASP A 1 13  ? -1.981  2.893   -6.693  1.00 18.29 ? 162 ASP A O   1 
ATOM   93  C  CB  . ASP A 1 13  ? -1.222  6.076   -6.120  1.00 22.84 ? 162 ASP A CB  1 
ATOM   94  C  CG  . ASP A 1 13  ? -2.734  6.129   -6.139  1.00 27.89 ? 162 ASP A CG  1 
ATOM   95  O  OD1 . ASP A 1 13  ? -3.356  5.872   -5.088  1.00 30.76 ? 162 ASP A OD1 1 
ATOM   96  O  OD2 . ASP A 1 13  ? -3.303  6.423   -7.209  1.00 33.93 ? 162 ASP A OD2 1 
ATOM   97  N  N   . ALA A 1 14  ? -0.288  3.702   -7.942  1.00 18.47 ? 163 ALA A N   1 
ATOM   98  C  CA  . ALA A 1 14  ? -0.514  2.786   -9.054  1.00 17.46 ? 163 ALA A CA  1 
ATOM   99  C  C   . ALA A 1 14  ? -0.254  1.347   -8.613  1.00 16.23 ? 163 ALA A C   1 
ATOM   100 O  O   . ALA A 1 14  ? -1.070  0.461   -8.863  1.00 16.29 ? 163 ALA A O   1 
ATOM   101 C  CB  . ALA A 1 14  ? 0.395   3.148   -10.226 1.00 16.52 ? 163 ALA A CB  1 
ATOM   102 N  N   . ALA A 1 15  ? 0.885   1.120   -7.957  1.00 13.87 ? 164 ALA A N   1 
ATOM   103 C  CA  . ALA A 1 15  ? 1.243   -0.209  -7.472  1.00 13.42 ? 164 ALA A CA  1 
ATOM   104 C  C   . ALA A 1 15  ? 0.203   -0.727  -6.476  1.00 14.37 ? 164 ALA A C   1 
ATOM   105 O  O   . ALA A 1 15  ? -0.100  -1.921  -6.443  1.00 14.51 ? 164 ALA A O   1 
ATOM   106 C  CB  . ALA A 1 15  ? 2.622   -0.174  -6.810  1.00 14.54 ? 164 ALA A CB  1 
ATOM   107 N  N   . PHE A 1 16  ? -0.337  0.174   -5.662  1.00 14.50 ? 165 PHE A N   1 
ATOM   108 C  CA  . PHE A 1 16  ? -1.344  -0.204  -4.678  1.00 15.35 ? 165 PHE A CA  1 
ATOM   109 C  C   . PHE A 1 16  ? -2.592  -0.757  -5.360  1.00 14.98 ? 165 PHE A C   1 
ATOM   110 O  O   . PHE A 1 16  ? -3.134  -1.788  -4.953  1.00 14.19 ? 165 PHE A O   1 
ATOM   111 C  CB  . PHE A 1 16  ? -1.729  0.994   -3.810  1.00 15.76 ? 165 PHE A CB  1 
ATOM   112 C  CG  . PHE A 1 16  ? -2.813  0.690   -2.819  1.00 17.43 ? 165 PHE A CG  1 
ATOM   113 C  CD1 . PHE A 1 16  ? -2.597  -0.220  -1.788  1.00 16.26 ? 165 PHE A CD1 1 
ATOM   114 C  CD2 . PHE A 1 16  ? -4.061  1.288   -2.933  1.00 18.04 ? 165 PHE A CD2 1 
ATOM   115 C  CE1 . PHE A 1 16  ? -3.614  -0.531  -0.882  1.00 17.06 ? 165 PHE A CE1 1 
ATOM   116 C  CE2 . PHE A 1 16  ? -5.084  0.984   -2.034  1.00 19.57 ? 165 PHE A CE2 1 
ATOM   117 C  CZ  . PHE A 1 16  ? -4.857  0.072   -1.007  1.00 19.54 ? 165 PHE A CZ  1 
ATOM   118 N  N   . LYS A 1 17  ? -3.045  -0.068  -6.401  1.00 16.08 ? 166 LYS A N   1 
ATOM   119 C  CA  . LYS A 1 17  ? -4.228  -0.499  -7.137  1.00 15.70 ? 166 LYS A CA  1 
ATOM   120 C  C   . LYS A 1 17  ? -3.982  -1.862  -7.766  1.00 14.52 ? 166 LYS A C   1 
ATOM   121 O  O   . LYS A 1 17  ? -4.878  -2.705  -7.820  1.00 13.81 ? 166 LYS A O   1 
ATOM   122 C  CB  . LYS A 1 17  ? -4.586  0.528   -8.214  1.00 18.20 ? 166 LYS A CB  1 
ATOM   123 C  CG  . LYS A 1 17  ? -5.208  1.809   -7.664  1.00 20.64 ? 166 LYS A CG  1 
ATOM   124 C  CD  . LYS A 1 17  ? -5.385  2.851   -8.757  1.00 24.54 ? 166 LYS A CD  1 
ATOM   125 C  CE  . LYS A 1 17  ? -6.199  4.052   -8.271  1.00 27.76 ? 166 LYS A CE  1 
ATOM   126 N  NZ  . LYS A 1 17  ? -5.602  4.701   -7.081  1.00 29.97 ? 166 LYS A NZ  1 
ATOM   127 N  N   . VAL A 1 18  ? -2.759  -2.075  -8.237  1.00 15.39 ? 167 VAL A N   1 
ATOM   128 C  CA  . VAL A 1 18  ? -2.392  -3.345  -8.848  1.00 14.34 ? 167 VAL A CA  1 
ATOM   129 C  C   . VAL A 1 18  ? -2.489  -4.458  -7.815  1.00 13.18 ? 167 VAL A C   1 
ATOM   130 O  O   . VAL A 1 18  ? -3.077  -5.508  -8.082  1.00 12.44 ? 167 VAL A O   1 
ATOM   131 C  CB  . VAL A 1 18  ? -0.948  -3.313  -9.405  1.00 15.38 ? 167 VAL A CB  1 
ATOM   132 C  CG1 . VAL A 1 18  ? -0.505  -4.719  -9.799  1.00 15.70 ? 167 VAL A CG1 1 
ATOM   133 C  CG2 . VAL A 1 18  ? -0.877  -2.390  -10.605 1.00 16.03 ? 167 VAL A CG2 1 
ATOM   134 N  N   . ALA A 1 19  ? -1.914  -4.215  -6.636  1.00 11.30 ? 168 ALA A N   1 
ATOM   135 C  CA  . ALA A 1 19  ? -1.916  -5.188  -5.544  1.00 11.70 ? 168 ALA A CA  1 
ATOM   136 C  C   . ALA A 1 19  ? -3.324  -5.457  -5.015  1.00 10.57 ? 168 ALA A C   1 
ATOM   137 O  O   . ALA A 1 19  ? -3.678  -6.605  -4.735  1.00 11.89 ? 168 ALA A O   1 
ATOM   138 C  CB  . ALA A 1 19  ? -1.008  -4.703  -4.411  1.00 11.47 ? 168 ALA A CB  1 
ATOM   139 N  N   . ALA A 1 20  ? -4.120  -4.403  -4.858  1.00 9.71  ? 169 ALA A N   1 
ATOM   140 C  CA  . ALA A 1 20  ? -5.500  -4.551  -4.390  1.00 10.25 ? 169 ALA A CA  1 
ATOM   141 C  C   . ALA A 1 20  ? -6.266  -5.419  -5.397  1.00 10.06 ? 169 ALA A C   1 
ATOM   142 O  O   . ALA A 1 20  ? -7.032  -6.311  -5.025  1.00 10.03 ? 169 ALA A O   1 
ATOM   143 C  CB  . ALA A 1 20  ? -6.160  -3.182  -4.272  1.00 10.26 ? 169 ALA A CB  1 
ATOM   144 N  N   . THR A 1 21  ? -6.053  -5.152  -6.679  1.00 10.71 ? 170 THR A N   1 
ATOM   145 C  CA  . THR A 1 21  ? -6.712  -5.924  -7.724  1.00 12.40 ? 170 THR A CA  1 
ATOM   146 C  C   . THR A 1 21  ? -6.277  -7.383  -7.667  1.00 11.46 ? 170 THR A C   1 
ATOM   147 O  O   . THR A 1 21  ? -7.100  -8.291  -7.813  1.00 13.54 ? 170 THR A O   1 
ATOM   148 C  CB  . THR A 1 21  ? -6.407  -5.347  -9.122  1.00 13.60 ? 170 THR A CB  1 
ATOM   149 O  OG1 . THR A 1 21  ? -7.143  -4.134  -9.299  1.00 12.25 ? 170 THR A OG1 1 
ATOM   150 C  CG2 . THR A 1 21  ? -6.801  -6.341  -10.219 1.00 15.31 ? 170 THR A CG2 1 
ATOM   151 N  N   . ALA A 1 22  ? -4.985  -7.609  -7.448  1.00 10.31 ? 171 ALA A N   1 
ATOM   152 C  CA  . ALA A 1 22  ? -4.457  -8.962  -7.358  1.00 10.14 ? 171 ALA A CA  1 
ATOM   153 C  C   . ALA A 1 22  ? -5.115  -9.747  -6.215  1.00 11.03 ? 171 ALA A C   1 
ATOM   154 O  O   . ALA A 1 22  ? -5.529  -10.896 -6.393  1.00 10.54 ? 171 ALA A O   1 
ATOM   155 C  CB  . ALA A 1 22  ? -2.938  -8.916  -7.166  1.00 13.33 ? 171 ALA A CB  1 
ATOM   156 N  N   . ALA A 1 23  ? -5.224  -9.125  -5.043  1.00 10.90 ? 172 ALA A N   1 
ATOM   157 C  CA  . ALA A 1 23  ? -5.824  -9.790  -3.885  1.00 10.57 ? 172 ALA A CA  1 
ATOM   158 C  C   . ALA A 1 23  ? -7.353  -9.882  -3.931  1.00 12.43 ? 172 ALA A C   1 
ATOM   159 O  O   . ALA A 1 23  ? -7.945  -10.689 -3.215  1.00 12.32 ? 172 ALA A O   1 
ATOM   160 C  CB  . ALA A 1 23  ? -5.386  -9.092  -2.602  1.00 9.50  ? 172 ALA A CB  1 
ATOM   161 N  N   . ALA A 1 24  ? -7.985  -9.064  -4.771  1.00 12.34 ? 173 ALA A N   1 
ATOM   162 C  CA  . ALA A 1 24  ? -9.444  -9.048  -4.889  1.00 12.83 ? 173 ALA A CA  1 
ATOM   163 C  C   . ALA A 1 24  ? -10.037 -10.426 -5.184  1.00 13.27 ? 173 ALA A C   1 
ATOM   164 O  O   . ALA A 1 24  ? -11.059 -10.796 -4.615  1.00 13.42 ? 173 ALA A O   1 
ATOM   165 C  CB  . ALA A 1 24  ? -9.874  -8.047  -5.975  1.00 15.09 ? 173 ALA A CB  1 
ATOM   166 N  N   . THR A 1 25  ? -9.394  -11.190 -6.064  1.00 13.61 ? 174 THR A N   1 
ATOM   167 C  CA  . THR A 1 25  ? -9.899  -12.513 -6.410  1.00 14.31 ? 174 THR A CA  1 
ATOM   168 C  C   . THR A 1 25  ? -9.290  -13.656 -5.599  1.00 14.03 ? 174 THR A C   1 
ATOM   169 O  O   . THR A 1 25  ? -9.672  -14.814 -5.759  1.00 14.06 ? 174 THR A O   1 
ATOM   170 C  CB  . THR A 1 25  ? -9.706  -12.802 -7.912  1.00 17.77 ? 174 THR A CB  1 
ATOM   171 O  OG1 . THR A 1 25  ? -8.342  -12.560 -8.281  1.00 17.30 ? 174 THR A OG1 1 
ATOM   172 C  CG2 . THR A 1 25  ? -10.622 -11.905 -8.740  1.00 17.67 ? 174 THR A CG2 1 
ATOM   173 N  N   . ALA A 1 26  ? -8.353  -13.336 -4.714  1.00 13.06 ? 175 ALA A N   1 
ATOM   174 C  CA  . ALA A 1 26  ? -7.721  -14.367 -3.903  1.00 11.28 ? 175 ALA A CA  1 
ATOM   175 C  C   . ALA A 1 26  ? -8.628  -14.809 -2.766  1.00 12.03 ? 175 ALA A C   1 
ATOM   176 O  O   . ALA A 1 26  ? -9.389  -14.011 -2.222  1.00 11.79 ? 175 ALA A O   1 
ATOM   177 C  CB  . ALA A 1 26  ? -6.412  -13.850 -3.330  1.00 11.57 ? 175 ALA A CB  1 
ATOM   178 N  N   . PRO A 1 27  ? -8.561  -16.098 -2.393  1.00 13.35 ? 176 PRO A N   1 
ATOM   179 C  CA  . PRO A 1 27  ? -9.392  -16.601 -1.295  1.00 13.43 ? 176 PRO A CA  1 
ATOM   180 C  C   . PRO A 1 27  ? -9.102  -15.762 -0.046  1.00 14.58 ? 176 PRO A C   1 
ATOM   181 O  O   . PRO A 1 27  ? -7.985  -15.265 0.129   1.00 14.27 ? 176 PRO A O   1 
ATOM   182 C  CB  . PRO A 1 27  ? -8.913  -18.045 -1.137  1.00 14.71 ? 176 PRO A CB  1 
ATOM   183 C  CG  . PRO A 1 27  ? -8.523  -18.420 -2.540  1.00 14.52 ? 176 PRO A CG  1 
ATOM   184 C  CD  . PRO A 1 27  ? -7.781  -17.187 -3.007  1.00 13.08 ? 176 PRO A CD  1 
ATOM   185 N  N   . ALA A 1 28  ? -10.099 -15.610 0.819   1.00 13.81 ? 177 ALA A N   1 
ATOM   186 C  CA  . ALA A 1 28  ? -9.945  -14.824 2.039   1.00 14.84 ? 177 ALA A CA  1 
ATOM   187 C  C   . ALA A 1 28  ? -8.630  -15.064 2.786   1.00 14.86 ? 177 ALA A C   1 
ATOM   188 O  O   . ALA A 1 28  ? -7.954  -14.106 3.167   1.00 13.52 ? 177 ALA A O   1 
ATOM   189 C  CB  . ALA A 1 28  ? -11.129 -15.076 2.974   1.00 14.48 ? 177 ALA A CB  1 
ATOM   190 N  N   . ASP A 1 29  ? -8.272  -16.331 2.996   1.00 14.25 ? 178 ASP A N   1 
ATOM   191 C  CA  . ASP A 1 29  ? -7.041  -16.670 3.717   1.00 14.99 ? 178 ASP A CA  1 
ATOM   192 C  C   . ASP A 1 29  ? -5.753  -16.294 2.991   1.00 13.21 ? 178 ASP A C   1 
ATOM   193 O  O   . ASP A 1 29  ? -4.690  -16.265 3.609   1.00 12.67 ? 178 ASP A O   1 
ATOM   194 C  CB  . ASP A 1 29  ? -6.979  -18.171 4.031   1.00 18.13 ? 178 ASP A CB  1 
ATOM   195 C  CG  . ASP A 1 29  ? -8.120  -18.633 4.907   1.00 21.24 ? 178 ASP A CG  1 
ATOM   196 O  OD1 . ASP A 1 29  ? -8.631  -17.813 5.697   1.00 23.64 ? 178 ASP A OD1 1 
ATOM   197 O  OD2 . ASP A 1 29  ? -8.494  -19.819 4.813   1.00 24.63 ? 178 ASP A OD2 1 
ATOM   198 N  N   . ASP A 1 30  ? -5.842  -16.025 1.690   1.00 12.58 ? 179 ASP A N   1 
ATOM   199 C  CA  . ASP A 1 30  ? -4.658  -15.676 0.905   1.00 13.40 ? 179 ASP A CA  1 
ATOM   200 C  C   . ASP A 1 30  ? -4.533  -14.185 0.592   1.00 12.96 ? 179 ASP A C   1 
ATOM   201 O  O   . ASP A 1 30  ? -3.525  -13.759 0.026   1.00 13.41 ? 179 ASP A O   1 
ATOM   202 C  CB  . ASP A 1 30  ? -4.650  -16.415 -0.442  1.00 13.57 ? 179 ASP A CB  1 
ATOM   203 C  CG  . ASP A 1 30  ? -4.698  -17.933 -0.305  1.00 14.72 ? 179 ASP A CG  1 
ATOM   204 O  OD1 . ASP A 1 30  ? -4.400  -18.469 0.780   1.00 14.31 ? 179 ASP A OD1 1 
ATOM   205 O  OD2 . ASP A 1 30  ? -5.023  -18.591 -1.314  1.00 15.61 ? 179 ASP A OD2 1 
ATOM   206 N  N   . LYS A 1 31  ? -5.537  -13.386 0.948   1.00 11.54 ? 180 LYS A N   1 
ATOM   207 C  CA  . LYS A 1 31  ? -5.485  -11.964 0.608   1.00 12.12 ? 180 LYS A CA  1 
ATOM   208 C  C   . LYS A 1 31  ? -4.285  -11.159 1.107   1.00 11.65 ? 180 LYS A C   1 
ATOM   209 O  O   . LYS A 1 31  ? -3.666  -10.443 0.327   1.00 11.79 ? 180 LYS A O   1 
ATOM   210 C  CB  . LYS A 1 31  ? -6.798  -11.275 0.996   1.00 11.05 ? 180 LYS A CB  1 
ATOM   211 C  CG  . LYS A 1 31  ? -7.994  -11.767 0.146   1.00 10.14 ? 180 LYS A CG  1 
ATOM   212 C  CD  . LYS A 1 31  ? -9.283  -11.046 0.493   1.00 9.79  ? 180 LYS A CD  1 
ATOM   213 C  CE  . LYS A 1 31  ? -10.468 -11.628 -0.270  1.00 8.51  ? 180 LYS A CE  1 
ATOM   214 N  NZ  . LYS A 1 31  ? -10.393 -11.373 -1.742  1.00 6.83  ? 180 LYS A NZ  1 
ATOM   215 N  N   . PHE A 1 32  ? -3.940  -11.264 2.383   1.00 12.50 ? 181 PHE A N   1 
ATOM   216 C  CA  . PHE A 1 32  ? -2.793  -10.510 2.874   1.00 13.74 ? 181 PHE A CA  1 
ATOM   217 C  C   . PHE A 1 32  ? -1.497  -10.899 2.160   1.00 14.74 ? 181 PHE A C   1 
ATOM   218 O  O   . PHE A 1 32  ? -0.751  -10.033 1.707   1.00 14.49 ? 181 PHE A O   1 
ATOM   219 C  CB  . PHE A 1 32  ? -2.628  -10.696 4.386   1.00 15.40 ? 181 PHE A CB  1 
ATOM   220 C  CG  . PHE A 1 32  ? -3.452  -9.746  5.207   1.00 15.26 ? 181 PHE A CG  1 
ATOM   221 C  CD1 . PHE A 1 32  ? -3.157  -8.385  5.224   1.00 16.16 ? 181 PHE A CD1 1 
ATOM   222 C  CD2 . PHE A 1 32  ? -4.521  -10.210 5.971   1.00 16.74 ? 181 PHE A CD2 1 
ATOM   223 C  CE1 . PHE A 1 32  ? -3.918  -7.495  5.995   1.00 15.44 ? 181 PHE A CE1 1 
ATOM   224 C  CE2 . PHE A 1 32  ? -5.284  -9.329  6.742   1.00 15.82 ? 181 PHE A CE2 1 
ATOM   225 C  CZ  . PHE A 1 32  ? -4.979  -7.971  6.751   1.00 15.92 ? 181 PHE A CZ  1 
ATOM   226 N  N   . THR A 1 33  ? -1.239  -12.199 2.046   1.00 14.37 ? 182 THR A N   1 
ATOM   227 C  CA  . THR A 1 33  ? -0.020  -12.662 1.390   1.00 16.70 ? 182 THR A CA  1 
ATOM   228 C  C   . THR A 1 33  ? 0.034   -12.246 -0.076  1.00 14.49 ? 182 THR A C   1 
ATOM   229 O  O   . THR A 1 33  ? 1.062   -11.768 -0.559  1.00 14.98 ? 182 THR A O   1 
ATOM   230 C  CB  . THR A 1 33  ? 0.118   -14.189 1.473   1.00 18.51 ? 182 THR A CB  1 
ATOM   231 O  OG1 . THR A 1 33  ? 0.008   -14.604 2.840   1.00 23.31 ? 182 THR A OG1 1 
ATOM   232 C  CG2 . THR A 1 33  ? 1.480   -14.620 0.939   1.00 22.29 ? 182 THR A CG2 1 
ATOM   233 N  N   . VAL A 1 34  ? -1.072  -12.425 -0.785  1.00 12.41 ? 183 VAL A N   1 
ATOM   234 C  CA  . VAL A 1 34  ? -1.124  -12.051 -2.195  1.00 12.50 ? 183 VAL A CA  1 
ATOM   235 C  C   . VAL A 1 34  ? -0.975  -10.541 -2.346  1.00 13.40 ? 183 VAL A C   1 
ATOM   236 O  O   . VAL A 1 34  ? -0.255  -10.064 -3.227  1.00 11.62 ? 183 VAL A O   1 
ATOM   237 C  CB  . VAL A 1 34  ? -2.444  -12.512 -2.843  1.00 11.59 ? 183 VAL A CB  1 
ATOM   238 C  CG1 . VAL A 1 34  ? -2.567  -11.947 -4.253  1.00 10.88 ? 183 VAL A CG1 1 
ATOM   239 C  CG2 . VAL A 1 34  ? -2.485  -14.043 -2.883  1.00 12.18 ? 183 VAL A CG2 1 
ATOM   240 N  N   . PHE A 1 35  ? -1.646  -9.786  -1.481  1.00 12.38 ? 184 PHE A N   1 
ATOM   241 C  CA  . PHE A 1 35  ? -1.552  -8.331  -1.551  1.00 12.41 ? 184 PHE A CA  1 
ATOM   242 C  C   . PHE A 1 35  ? -0.103  -7.865  -1.407  1.00 11.84 ? 184 PHE A C   1 
ATOM   243 O  O   . PHE A 1 35  ? 0.391   -7.082  -2.214  1.00 13.78 ? 184 PHE A O   1 
ATOM   244 C  CB  . PHE A 1 35  ? -2.380  -7.664  -0.453  1.00 12.91 ? 184 PHE A CB  1 
ATOM   245 C  CG  . PHE A 1 35  ? -2.145  -6.185  -0.359  1.00 11.12 ? 184 PHE A CG  1 
ATOM   246 C  CD1 . PHE A 1 35  ? -2.787  -5.309  -1.231  1.00 12.48 ? 184 PHE A CD1 1 
ATOM   247 C  CD2 . PHE A 1 35  ? -1.209  -5.677  0.537   1.00 12.47 ? 184 PHE A CD2 1 
ATOM   248 C  CE1 . PHE A 1 35  ? -2.494  -3.943  -1.217  1.00 15.17 ? 184 PHE A CE1 1 
ATOM   249 C  CE2 . PHE A 1 35  ? -0.910  -4.314  0.558   1.00 13.11 ? 184 PHE A CE2 1 
ATOM   250 C  CZ  . PHE A 1 35  ? -1.554  -3.448  -0.321  1.00 14.11 ? 184 PHE A CZ  1 
ATOM   251 N  N   . GLU A 1 36  ? 0.568   -8.343  -0.368  1.00 13.76 ? 185 GLU A N   1 
ATOM   252 C  CA  . GLU A 1 36  ? 1.956   -7.957  -0.125  1.00 16.51 ? 185 GLU A CA  1 
ATOM   253 C  C   . GLU A 1 36  ? 2.895   -8.336  -1.266  1.00 14.74 ? 185 GLU A C   1 
ATOM   254 O  O   . GLU A 1 36  ? 3.701   -7.521  -1.711  1.00 13.59 ? 185 GLU A O   1 
ATOM   255 C  CB  . GLU A 1 36  ? 2.454   -8.581  1.177   1.00 18.95 ? 185 GLU A CB  1 
ATOM   256 C  CG  . GLU A 1 36  ? 1.759   -8.027  2.402   1.00 26.35 ? 185 GLU A CG  1 
ATOM   257 C  CD  . GLU A 1 36  ? 2.502   -8.337  3.680   1.00 32.15 ? 185 GLU A CD  1 
ATOM   258 O  OE1 . GLU A 1 36  ? 3.565   -8.994  3.608   1.00 34.11 ? 185 GLU A OE1 1 
ATOM   259 O  OE2 . GLU A 1 36  ? 2.026   -7.921  4.755   1.00 35.29 ? 185 GLU A OE2 1 
ATOM   260 N  N   . ALA A 1 37  ? 2.791   -9.576  -1.733  1.00 14.66 ? 186 ALA A N   1 
ATOM   261 C  CA  . ALA A 1 37  ? 3.635   -10.041 -2.827  1.00 15.40 ? 186 ALA A CA  1 
ATOM   262 C  C   . ALA A 1 37  ? 3.420   -9.162  -4.061  1.00 13.47 ? 186 ALA A C   1 
ATOM   263 O  O   . ALA A 1 37  ? 4.377   -8.708  -4.687  1.00 12.59 ? 186 ALA A O   1 
ATOM   264 C  CB  . ALA A 1 37  ? 3.319   -11.506 -3.151  1.00 13.98 ? 186 ALA A CB  1 
ATOM   265 N  N   . ALA A 1 38  ? 2.159   -8.921  -4.399  1.00 11.22 ? 187 ALA A N   1 
ATOM   266 C  CA  . ALA A 1 38  ? 1.820   -8.098  -5.558  1.00 11.13 ? 187 ALA A CA  1 
ATOM   267 C  C   . ALA A 1 38  ? 2.292   -6.655  -5.363  1.00 12.03 ? 187 ALA A C   1 
ATOM   268 O  O   . ALA A 1 38  ? 2.824   -6.031  -6.283  1.00 10.60 ? 187 ALA A O   1 
ATOM   269 C  CB  . ALA A 1 38  ? 0.312   -8.121  -5.786  1.00 10.05 ? 187 ALA A CB  1 
ATOM   270 N  N   . PHE A 1 39  ? 2.095   -6.130  -4.158  1.00 11.41 ? 188 PHE A N   1 
ATOM   271 C  CA  . PHE A 1 39  ? 2.488   -4.757  -3.859  1.00 11.81 ? 188 PHE A CA  1 
ATOM   272 C  C   . PHE A 1 39  ? 4.004   -4.599  -4.010  1.00 12.45 ? 188 PHE A C   1 
ATOM   273 O  O   . PHE A 1 39  ? 4.483   -3.665  -4.653  1.00 12.94 ? 188 PHE A O   1 
ATOM   274 C  CB  . PHE A 1 39  ? 2.040   -4.395  -2.437  1.00 11.84 ? 188 PHE A CB  1 
ATOM   275 C  CG  . PHE A 1 39  ? 1.966   -2.906  -2.170  1.00 11.82 ? 188 PHE A CG  1 
ATOM   276 C  CD1 . PHE A 1 39  ? 1.893   -1.991  -3.212  1.00 12.20 ? 188 PHE A CD1 1 
ATOM   277 C  CD2 . PHE A 1 39  ? 1.911   -2.432  -0.861  1.00 14.43 ? 188 PHE A CD2 1 
ATOM   278 C  CE1 . PHE A 1 39  ? 1.764   -0.622  -2.958  1.00 13.63 ? 188 PHE A CE1 1 
ATOM   279 C  CE2 . PHE A 1 39  ? 1.781   -1.066  -0.596  1.00 12.01 ? 188 PHE A CE2 1 
ATOM   280 C  CZ  . PHE A 1 39  ? 1.705   -0.163  -1.643  1.00 12.78 ? 188 PHE A CZ  1 
ATOM   281 N  N   . ASN A 1 40  ? 4.759   -5.525  -3.436  1.00 13.52 ? 189 ASN A N   1 
ATOM   282 C  CA  . ASN A 1 40  ? 6.213   -5.453  -3.528  1.00 14.65 ? 189 ASN A CA  1 
ATOM   283 C  C   . ASN A 1 40  ? 6.716   -5.516  -4.969  1.00 16.02 ? 189 ASN A C   1 
ATOM   284 O  O   . ASN A 1 40  ? 7.586   -4.740  -5.364  1.00 13.93 ? 189 ASN A O   1 
ATOM   285 C  CB  . ASN A 1 40  ? 6.843   -6.563  -2.687  1.00 15.04 ? 189 ASN A CB  1 
ATOM   286 C  CG  . ASN A 1 40  ? 6.786   -6.254  -1.201  1.00 15.31 ? 189 ASN A CG  1 
ATOM   287 O  OD1 . ASN A 1 40  ? 6.726   -5.093  -0.814  1.00 19.03 ? 189 ASN A OD1 1 
ATOM   288 N  ND2 . ASN A 1 40  ? 6.821   -7.283  -0.369  1.00 15.23 ? 189 ASN A ND2 1 
ATOM   289 N  N   . LYS A 1 41  ? 6.154   -6.424  -5.759  1.00 15.81 ? 190 LYS A N   1 
ATOM   290 C  CA  . LYS A 1 41  ? 6.562   -6.561  -7.152  1.00 17.07 ? 190 LYS A CA  1 
ATOM   291 C  C   . LYS A 1 41  ? 6.237   -5.306  -7.970  1.00 15.59 ? 190 LYS A C   1 
ATOM   292 O  O   . LYS A 1 41  ? 7.061   -4.835  -8.754  1.00 14.68 ? 190 LYS A O   1 
ATOM   293 C  CB  . LYS A 1 41  ? 5.891   -7.787  -7.775  1.00 17.27 ? 190 LYS A CB  1 
ATOM   294 C  CG  . LYS A 1 41  ? 6.247   -8.030  -9.234  1.00 20.19 ? 190 LYS A CG  1 
ATOM   295 C  CD  . LYS A 1 41  ? 7.743   -8.260  -9.423  1.00 24.84 ? 190 LYS A CD  1 
ATOM   296 C  CE  . LYS A 1 41  ? 8.073   -8.501  -10.893 1.00 27.37 ? 190 LYS A CE  1 
ATOM   297 N  NZ  . LYS A 1 41  ? 9.525   -8.709  -11.133 1.00 29.72 ? 190 LYS A NZ  1 
ATOM   298 N  N   . ALA A 1 42  ? 5.041   -4.756  -7.774  1.00 12.94 ? 191 ALA A N   1 
ATOM   299 C  CA  . ALA A 1 42  ? 4.626   -3.566  -8.510  1.00 13.94 ? 191 ALA A CA  1 
ATOM   300 C  C   . ALA A 1 42  ? 5.512   -2.373  -8.163  1.00 13.16 ? 191 ALA A C   1 
ATOM   301 O  O   . ALA A 1 42  ? 5.853   -1.569  -9.029  1.00 12.99 ? 191 ALA A O   1 
ATOM   302 C  CB  . ALA A 1 42  ? 3.166   -3.242  -8.209  1.00 13.36 ? 191 ALA A CB  1 
ATOM   303 N  N   . ILE A 1 43  ? 5.881   -2.268  -6.893  1.00 12.22 ? 192 ILE A N   1 
ATOM   304 C  CA  . ILE A 1 43  ? 6.743   -1.182  -6.442  1.00 14.61 ? 192 ILE A CA  1 
ATOM   305 C  C   . ILE A 1 43  ? 8.137   -1.348  -7.041  1.00 13.39 ? 192 ILE A C   1 
ATOM   306 O  O   . ILE A 1 43  ? 8.712   -0.389  -7.570  1.00 13.78 ? 192 ILE A O   1 
ATOM   307 C  CB  . ILE A 1 43  ? 6.836   -1.160  -4.898  1.00 13.52 ? 192 ILE A CB  1 
ATOM   308 C  CG1 . ILE A 1 43  ? 5.526   -0.614  -4.321  1.00 15.30 ? 192 ILE A CG1 1 
ATOM   309 C  CG2 . ILE A 1 43  ? 8.019   -0.295  -4.445  1.00 14.90 ? 192 ILE A CG2 1 
ATOM   310 C  CD1 . ILE A 1 43  ? 5.343   -0.882  -2.847  1.00 18.27 ? 192 ILE A CD1 1 
ATOM   311 N  N   . LYS A 1 44  ? 8.665   -2.569  -6.974  1.00 12.98 ? 193 LYS A N   1 
ATOM   312 C  CA  . LYS A 1 44  ? 9.995   -2.860  -7.510  1.00 13.25 ? 193 LYS A CA  1 
ATOM   313 C  C   . LYS A 1 44  ? 10.036  -2.529  -8.995  1.00 15.94 ? 193 LYS A C   1 
ATOM   314 O  O   . LYS A 1 44  ? 10.981  -1.906  -9.485  1.00 15.79 ? 193 LYS A O   1 
ATOM   315 C  CB  . LYS A 1 44  ? 10.339  -4.344  -7.305  1.00 14.54 ? 193 LYS A CB  1 
ATOM   316 C  CG  . LYS A 1 44  ? 11.735  -4.744  -7.790  1.00 16.47 ? 193 LYS A CG  1 
ATOM   317 C  CD  . LYS A 1 44  ? 12.038  -6.209  -7.467  1.00 17.74 ? 193 LYS A CD  1 
ATOM   318 C  CE  . LYS A 1 44  ? 13.494  -6.569  -7.753  1.00 19.33 ? 193 LYS A CE  1 
ATOM   319 N  NZ  . LYS A 1 44  ? 13.795  -7.984  -7.372  1.00 19.57 ? 193 LYS A NZ  1 
ATOM   320 N  N   . GLU A 1 45  ? 8.991   -2.933  -9.707  1.00 17.07 ? 194 GLU A N   1 
ATOM   321 C  CA  . GLU A 1 45  ? 8.919   -2.704  -11.141 1.00 19.26 ? 194 GLU A CA  1 
ATOM   322 C  C   . GLU A 1 45  ? 8.723   -1.236  -11.490 1.00 19.12 ? 194 GLU A C   1 
ATOM   323 O  O   . GLU A 1 45  ? 9.422   -0.693  -12.345 1.00 20.12 ? 194 GLU A O   1 
ATOM   324 C  CB  . GLU A 1 45  ? 7.783   -3.527  -11.748 1.00 22.46 ? 194 GLU A CB  1 
ATOM   325 C  CG  . GLU A 1 45  ? 7.882   -3.679  -13.248 1.00 30.37 ? 194 GLU A CG  1 
ATOM   326 C  CD  . GLU A 1 45  ? 9.165   -4.372  -13.665 1.00 33.69 ? 194 GLU A CD  1 
ATOM   327 O  OE1 . GLU A 1 45  ? 9.416   -5.498  -13.183 1.00 37.48 ? 194 GLU A OE1 1 
ATOM   328 O  OE2 . GLU A 1 45  ? 9.923   -3.795  -14.472 1.00 38.05 ? 194 GLU A OE2 1 
ATOM   329 N  N   . THR A 1 46  ? 7.780   -0.589  -10.820 1.00 19.03 ? 195 THR A N   1 
ATOM   330 C  CA  . THR A 1 46  ? 7.500   0.806   -11.109 1.00 21.54 ? 195 THR A CA  1 
ATOM   331 C  C   . THR A 1 46  ? 8.603   1.787   -10.705 1.00 21.09 ? 195 THR A C   1 
ATOM   332 O  O   . THR A 1 46  ? 8.773   2.820   -11.349 1.00 20.76 ? 195 THR A O   1 
ATOM   333 C  CB  . THR A 1 46  ? 6.175   1.244   -10.464 1.00 21.74 ? 195 THR A CB  1 
ATOM   334 O  OG1 . THR A 1 46  ? 5.816   2.538   -10.962 1.00 28.69 ? 195 THR A OG1 1 
ATOM   335 C  CG2 . THR A 1 46  ? 6.295   1.307   -8.958  1.00 21.16 ? 195 THR A CG2 1 
ATOM   336 N  N   . THR A 1 47  ? 9.358   1.475   -9.656  1.00 19.90 ? 196 THR A N   1 
ATOM   337 C  CA  . THR A 1 47  ? 10.425  2.376   -9.227  1.00 17.62 ? 196 THR A CA  1 
ATOM   338 C  C   . THR A 1 47  ? 11.773  2.027   -9.851  1.00 19.12 ? 196 THR A C   1 
ATOM   339 O  O   . THR A 1 47  ? 12.808  2.564   -9.452  1.00 19.10 ? 196 THR A O   1 
ATOM   340 C  CB  . THR A 1 47  ? 10.586  2.380   -7.702  1.00 13.91 ? 196 THR A CB  1 
ATOM   341 O  OG1 . THR A 1 47  ? 11.037  1.092   -7.258  1.00 14.01 ? 196 THR A OG1 1 
ATOM   342 C  CG2 . THR A 1 47  ? 9.270   2.722   -7.036  1.00 14.41 ? 196 THR A CG2 1 
ATOM   343 N  N   . GLY A 1 48  ? 11.754  1.122   -10.824 1.00 18.78 ? 197 GLY A N   1 
ATOM   344 C  CA  . GLY A 1 48  ? 12.983  0.725   -11.487 1.00 19.75 ? 197 GLY A CA  1 
ATOM   345 C  C   . GLY A 1 48  ? 14.009  0.086   -10.570 1.00 20.50 ? 197 GLY A C   1 
ATOM   346 O  O   . GLY A 1 48  ? 15.217  0.239   -10.776 1.00 20.16 ? 197 GLY A O   1 
ATOM   347 N  N   . GLY A 1 49  ? 13.532  -0.627  -9.553  1.00 19.19 ? 198 GLY A N   1 
ATOM   348 C  CA  . GLY A 1 49  ? 14.435  -1.286  -8.629  1.00 19.35 ? 198 GLY A CA  1 
ATOM   349 C  C   . GLY A 1 49  ? 14.922  -0.427  -7.476  1.00 18.91 ? 198 GLY A C   1 
ATOM   350 O  O   . GLY A 1 49  ? 15.740  -0.880  -6.672  1.00 18.59 ? 198 GLY A O   1 
ATOM   351 N  N   . ALA A 1 50  ? 14.431  0.807   -7.384  1.00 16.63 ? 199 ALA A N   1 
ATOM   352 C  CA  . ALA A 1 50  ? 14.841  1.706   -6.305  1.00 17.09 ? 199 ALA A CA  1 
ATOM   353 C  C   . ALA A 1 50  ? 14.448  1.115   -4.955  1.00 17.27 ? 199 ALA A C   1 
ATOM   354 O  O   . ALA A 1 50  ? 15.124  1.342   -3.951  1.00 16.42 ? 199 ALA A O   1 
ATOM   355 C  CB  . ALA A 1 50  ? 14.205  3.084   -6.483  1.00 16.77 ? 199 ALA A CB  1 
ATOM   356 N  N   . TYR A 1 51  ? 13.342  0.370   -4.940  1.00 15.69 ? 200 TYR A N   1 
ATOM   357 C  CA  . TYR A 1 51  ? 12.860  -0.290  -3.727  1.00 16.14 ? 200 TYR A CA  1 
ATOM   358 C  C   . TYR A 1 51  ? 12.401  -1.698  -4.089  1.00 17.01 ? 200 TYR A C   1 
ATOM   359 O  O   . TYR A 1 51  ? 11.783  -1.903  -5.137  1.00 16.66 ? 200 TYR A O   1 
ATOM   360 C  CB  . TYR A 1 51  ? 11.669  0.451   -3.103  1.00 15.42 ? 200 TYR A CB  1 
ATOM   361 C  CG  . TYR A 1 51  ? 11.928  1.891   -2.740  1.00 15.21 ? 200 TYR A CG  1 
ATOM   362 C  CD1 . TYR A 1 51  ? 11.713  2.905   -3.666  1.00 14.36 ? 200 TYR A CD1 1 
ATOM   363 C  CD2 . TYR A 1 51  ? 12.379  2.244   -1.463  1.00 14.51 ? 200 TYR A CD2 1 
ATOM   364 C  CE1 . TYR A 1 51  ? 11.934  4.243   -3.339  1.00 17.00 ? 200 TYR A CE1 1 
ATOM   365 C  CE2 . TYR A 1 51  ? 12.607  3.583   -1.126  1.00 15.69 ? 200 TYR A CE2 1 
ATOM   366 C  CZ  . TYR A 1 51  ? 12.381  4.573   -2.070  1.00 16.02 ? 200 TYR A CZ  1 
ATOM   367 O  OH  . TYR A 1 51  ? 12.589  5.896   -1.761  1.00 17.44 ? 200 TYR A OH  1 
ATOM   368 N  N   . ASP A 1 52  ? 12.694  -2.654  -3.214  1.00 17.88 ? 201 ASP A N   1 
ATOM   369 C  CA  . ASP A 1 52  ? 12.304  -4.048  -3.420  1.00 19.82 ? 201 ASP A CA  1 
ATOM   370 C  C   . ASP A 1 52  ? 11.070  -4.400  -2.593  1.00 19.01 ? 201 ASP A C   1 
ATOM   371 O  O   . ASP A 1 52  ? 10.485  -5.464  -2.772  1.00 18.94 ? 201 ASP A O   1 
ATOM   372 C  CB  . ASP A 1 52  ? 13.441  -4.991  -3.004  1.00 21.34 ? 201 ASP A CB  1 
ATOM   373 C  CG  . ASP A 1 52  ? 14.533  -5.098  -4.049  1.00 27.29 ? 201 ASP A CG  1 
ATOM   374 O  OD1 . ASP A 1 52  ? 14.458  -4.393  -5.078  1.00 28.80 ? 201 ASP A OD1 1 
ATOM   375 O  OD2 . ASP A 1 52  ? 15.473  -5.895  -3.838  1.00 29.03 ? 201 ASP A OD2 1 
ATOM   376 N  N   . THR A 1 53  ? 10.681  -3.503  -1.691  1.00 18.52 ? 202 THR A N   1 
ATOM   377 C  CA  . THR A 1 53  ? 9.538   -3.741  -0.811  1.00 17.78 ? 202 THR A CA  1 
ATOM   378 C  C   . THR A 1 53  ? 8.929   -2.443  -0.290  1.00 18.46 ? 202 THR A C   1 
ATOM   379 O  O   . THR A 1 53  ? 9.639   -1.456  -0.083  1.00 17.40 ? 202 THR A O   1 
ATOM   380 C  CB  . THR A 1 53  ? 9.967   -4.584  0.401   1.00 18.79 ? 202 THR A CB  1 
ATOM   381 O  OG1 . THR A 1 53  ? 8.888   -4.673  1.340   1.00 20.80 ? 202 THR A OG1 1 
ATOM   382 C  CG2 . THR A 1 53  ? 11.178  -3.953  1.077   1.00 18.05 ? 202 THR A CG2 1 
ATOM   383 N  N   . TYR A 1 54  ? 7.615   -2.453  -0.072  1.00 18.96 ? 203 TYR A N   1 
ATOM   384 C  CA  . TYR A 1 54  ? 6.911   -1.276  0.438   1.00 18.86 ? 203 TYR A CA  1 
ATOM   385 C  C   . TYR A 1 54  ? 7.414   -0.927  1.838   1.00 17.15 ? 203 TYR A C   1 
ATOM   386 O  O   . TYR A 1 54  ? 7.293   0.211   2.286   1.00 17.88 ? 203 TYR A O   1 
ATOM   387 C  CB  . TYR A 1 54  ? 5.396   -1.536  0.487   1.00 20.59 ? 203 TYR A CB  1 
ATOM   388 C  CG  . TYR A 1 54  ? 4.983   -2.593  1.486   1.00 20.94 ? 203 TYR A CG  1 
ATOM   389 C  CD1 . TYR A 1 54  ? 4.995   -2.329  2.857   1.00 21.91 ? 203 TYR A CD1 1 
ATOM   390 C  CD2 . TYR A 1 54  ? 4.617   -3.873  1.062   1.00 22.77 ? 203 TYR A CD2 1 
ATOM   391 C  CE1 . TYR A 1 54  ? 4.655   -3.310  3.785   1.00 25.55 ? 203 TYR A CE1 1 
ATOM   392 C  CE2 . TYR A 1 54  ? 4.274   -4.863  1.983   1.00 25.65 ? 203 TYR A CE2 1 
ATOM   393 C  CZ  . TYR A 1 54  ? 4.296   -4.574  3.340   1.00 26.78 ? 203 TYR A CZ  1 
ATOM   394 O  OH  . TYR A 1 54  ? 3.953   -5.545  4.255   1.00 32.59 ? 203 TYR A OH  1 
ATOM   395 N  N   . LYS A 1 55  ? 7.963   -1.919  2.529   1.00 17.05 ? 204 LYS A N   1 
ATOM   396 C  CA  . LYS A 1 55  ? 8.483   -1.720  3.879   1.00 18.95 ? 204 LYS A CA  1 
ATOM   397 C  C   . LYS A 1 55  ? 9.695   -0.797  3.888   1.00 18.66 ? 204 LYS A C   1 
ATOM   398 O  O   . LYS A 1 55  ? 10.101  -0.316  4.946   1.00 17.74 ? 204 LYS A O   1 
ATOM   399 C  CB  . LYS A 1 55  ? 8.897   -3.059  4.502   1.00 21.70 ? 204 LYS A CB  1 
ATOM   400 C  CG  . LYS A 1 55  ? 7.755   -4.008  4.806   1.00 23.35 ? 204 LYS A CG  1 
ATOM   401 C  CD  . LYS A 1 55  ? 8.258   -5.245  5.539   1.00 26.64 ? 204 LYS A CD  1 
ATOM   402 C  CE  . LYS A 1 55  ? 7.130   -6.230  5.797   1.00 28.68 ? 204 LYS A CE  1 
ATOM   403 N  NZ  . LYS A 1 55  ? 7.607   -7.455  6.493   1.00 30.82 ? 204 LYS A NZ  1 
ATOM   404 N  N   . CYS A 1 56  ? 10.267  -0.555  2.710   1.00 16.91 ? 205 CYS A N   1 
ATOM   405 C  CA  . CYS A 1 56  ? 11.455  0.280   2.591   1.00 17.11 ? 205 CYS A CA  1 
ATOM   406 C  C   . CYS A 1 56  ? 11.211  1.726   2.181   1.00 17.22 ? 205 CYS A C   1 
ATOM   407 O  O   . CYS A 1 56  ? 12.153  2.520   2.090   1.00 18.36 ? 205 CYS A O   1 
ATOM   408 C  CB  . CYS A 1 56  ? 12.456  -0.381  1.647   1.00 17.16 ? 205 CYS A CB  1 
ATOM   409 S  SG  . CYS A 1 56  ? 13.368  -1.716  2.456   1.00 19.73 ? 205 CYS A SG  1 
ATOM   410 N  N   . ILE A 1 57  ? 9.953   2.055   1.913   1.00 15.18 ? 206 ILE A N   1 
ATOM   411 C  CA  . ILE A 1 57  ? 9.571   3.416   1.580   1.00 14.81 ? 206 ILE A CA  1 
ATOM   412 C  C   . ILE A 1 57  ? 9.010   3.911   2.916   1.00 16.76 ? 206 ILE A C   1 
ATOM   413 O  O   . ILE A 1 57  ? 7.914   3.518   3.319   1.00 16.50 ? 206 ILE A O   1 
ATOM   414 C  CB  . ILE A 1 57  ? 8.478   3.453   0.503   1.00 13.58 ? 206 ILE A CB  1 
ATOM   415 C  CG1 . ILE A 1 57  ? 8.970   2.737   -0.761  1.00 15.92 ? 206 ILE A CG1 1 
ATOM   416 C  CG2 . ILE A 1 57  ? 8.102   4.902   0.207   1.00 14.39 ? 206 ILE A CG2 1 
ATOM   417 C  CD1 . ILE A 1 57  ? 7.941   2.648   -1.880  1.00 14.95 ? 206 ILE A CD1 1 
ATOM   418 N  N   . PRO A 1 58  ? 9.762   4.774   3.620   1.00 17.95 ? 207 PRO A N   1 
ATOM   419 C  CA  . PRO A 1 58  ? 9.382   5.332   4.925   1.00 17.83 ? 207 PRO A CA  1 
ATOM   420 C  C   . PRO A 1 58  ? 7.908   5.665   5.168   1.00 17.62 ? 207 PRO A C   1 
ATOM   421 O  O   . PRO A 1 58  ? 7.272   5.071   6.039   1.00 16.06 ? 207 PRO A O   1 
ATOM   422 C  CB  . PRO A 1 58  ? 10.286  6.559   5.046   1.00 18.72 ? 207 PRO A CB  1 
ATOM   423 C  CG  . PRO A 1 58  ? 11.537  6.105   4.346   1.00 18.27 ? 207 PRO A CG  1 
ATOM   424 C  CD  . PRO A 1 58  ? 10.979  5.434   3.105   1.00 17.73 ? 207 PRO A CD  1 
ATOM   425 N  N   . SER A 1 59  ? 7.372   6.617   4.412   1.00 18.25 ? 208 SER A N   1 
ATOM   426 C  CA  . SER A 1 59  ? 5.979   7.026   4.586   1.00 19.93 ? 208 SER A CA  1 
ATOM   427 C  C   . SER A 1 59  ? 4.976   5.904   4.358   1.00 18.66 ? 208 SER A C   1 
ATOM   428 O  O   . SER A 1 59  ? 3.951   5.825   5.038   1.00 17.16 ? 208 SER A O   1 
ATOM   429 C  CB  . SER A 1 59  ? 5.655   8.194   3.653   1.00 20.96 ? 208 SER A CB  1 
ATOM   430 O  OG  . SER A 1 59  ? 6.384   9.340   4.037   1.00 24.92 ? 208 SER A OG  1 
ATOM   431 N  N   . LEU A 1 60  ? 5.273   5.037   3.397   1.00 17.45 ? 209 LEU A N   1 
ATOM   432 C  CA  . LEU A 1 60  ? 4.389   3.926   3.077   1.00 16.66 ? 209 LEU A CA  1 
ATOM   433 C  C   . LEU A 1 60  ? 4.398   2.873   4.181   1.00 16.97 ? 209 LEU A C   1 
ATOM   434 O  O   . LEU A 1 60  ? 3.349   2.368   4.584   1.00 16.28 ? 209 LEU A O   1 
ATOM   435 C  CB  . LEU A 1 60  ? 4.805   3.301   1.744   1.00 16.57 ? 209 LEU A CB  1 
ATOM   436 C  CG  . LEU A 1 60  ? 3.902   2.197   1.192   1.00 15.55 ? 209 LEU A CG  1 
ATOM   437 C  CD1 . LEU A 1 60  ? 2.462   2.683   1.130   1.00 13.74 ? 209 LEU A CD1 1 
ATOM   438 C  CD2 . LEU A 1 60  ? 4.399   1.793   -0.188  1.00 13.33 ? 209 LEU A CD2 1 
ATOM   439 N  N   . GLU A 1 61  ? 5.592   2.539   4.664   1.00 15.70 ? 210 GLU A N   1 
ATOM   440 C  CA  . GLU A 1 61  ? 5.732   1.559   5.733   1.00 16.87 ? 210 GLU A CA  1 
ATOM   441 C  C   . GLU A 1 61  ? 4.942   2.058   6.942   1.00 16.82 ? 210 GLU A C   1 
ATOM   442 O  O   . GLU A 1 61  ? 4.315   1.271   7.653   1.00 16.32 ? 210 GLU A O   1 
ATOM   443 C  CB  . GLU A 1 61  ? 7.217   1.382   6.087   1.00 17.73 ? 210 GLU A CB  1 
ATOM   444 C  CG  . GLU A 1 61  ? 7.498   0.544   7.332   1.00 21.35 ? 210 GLU A CG  1 
ATOM   445 C  CD  . GLU A 1 61  ? 6.786   -0.799  7.336   1.00 25.73 ? 210 GLU A CD  1 
ATOM   446 O  OE1 . GLU A 1 61  ? 6.317   -1.244  6.267   1.00 25.12 ? 210 GLU A OE1 1 
ATOM   447 O  OE2 . GLU A 1 61  ? 6.703   -1.415  8.421   1.00 28.64 ? 210 GLU A OE2 1 
ATOM   448 N  N   . ALA A 1 62  ? 4.969   3.371   7.154   1.00 16.79 ? 211 ALA A N   1 
ATOM   449 C  CA  . ALA A 1 62  ? 4.252   3.991   8.268   1.00 18.06 ? 211 ALA A CA  1 
ATOM   450 C  C   . ALA A 1 62  ? 2.751   3.809   8.087   1.00 16.77 ? 211 ALA A C   1 
ATOM   451 O  O   . ALA A 1 62  ? 2.044   3.482   9.034   1.00 17.48 ? 211 ALA A O   1 
ATOM   452 C  CB  . ALA A 1 62  ? 4.583   5.476   8.345   1.00 17.92 ? 211 ALA A CB  1 
ATOM   453 N  N   . ALA A 1 63  ? 2.273   4.034   6.866   1.00 16.42 ? 212 ALA A N   1 
ATOM   454 C  CA  . ALA A 1 63  ? 0.853   3.896   6.561   1.00 16.69 ? 212 ALA A CA  1 
ATOM   455 C  C   . ALA A 1 63  ? 0.425   2.442   6.677   1.00 15.60 ? 212 ALA A C   1 
ATOM   456 O  O   . ALA A 1 63  ? -0.638  2.144   7.215   1.00 15.54 ? 212 ALA A O   1 
ATOM   457 C  CB  . ALA A 1 63  ? 0.566   4.415   5.155   1.00 16.12 ? 212 ALA A CB  1 
ATOM   458 N  N   . VAL A 1 64  ? 1.252   1.533   6.172   1.00 15.69 ? 213 VAL A N   1 
ATOM   459 C  CA  . VAL A 1 64  ? 0.927   0.114   6.249   1.00 14.32 ? 213 VAL A CA  1 
ATOM   460 C  C   . VAL A 1 64  ? 0.824   -0.321  7.712   1.00 15.87 ? 213 VAL A C   1 
ATOM   461 O  O   . VAL A 1 64  ? -0.090  -1.055  8.082   1.00 14.52 ? 213 VAL A O   1 
ATOM   462 C  CB  . VAL A 1 64  ? 1.980   -0.750  5.523   1.00 14.41 ? 213 VAL A CB  1 
ATOM   463 C  CG1 . VAL A 1 64  ? 1.687   -2.236  5.758   1.00 13.07 ? 213 VAL A CG1 1 
ATOM   464 C  CG2 . VAL A 1 64  ? 1.967   -0.431  4.019   1.00 14.18 ? 213 VAL A CG2 1 
ATOM   465 N  N   . LYS A 1 65  ? 1.756   0.133   8.544   1.00 17.20 ? 214 LYS A N   1 
ATOM   466 C  CA  . LYS A 1 65  ? 1.721   -0.211  9.966   1.00 19.24 ? 214 LYS A CA  1 
ATOM   467 C  C   . LYS A 1 65  ? 0.425   0.279   10.610  1.00 17.86 ? 214 LYS A C   1 
ATOM   468 O  O   . LYS A 1 65  ? -0.209  -0.451  11.370  1.00 19.45 ? 214 LYS A O   1 
ATOM   469 C  CB  . LYS A 1 65  ? 2.916   0.398   10.706  1.00 20.68 ? 214 LYS A CB  1 
ATOM   470 C  CG  . LYS A 1 65  ? 4.200   -0.400  10.576  1.00 27.74 ? 214 LYS A CG  1 
ATOM   471 C  CD  . LYS A 1 65  ? 5.310   0.200   11.431  1.00 30.90 ? 214 LYS A CD  1 
ATOM   472 C  CE  . LYS A 1 65  ? 6.579   -0.630  11.336  1.00 34.70 ? 214 LYS A CE  1 
ATOM   473 N  NZ  . LYS A 1 65  ? 7.729   0.004   12.038  1.00 36.83 ? 214 LYS A NZ  1 
ATOM   474 N  N   . GLN A 1 66  ? 0.040   1.514   10.307  1.00 16.99 ? 215 GLN A N   1 
ATOM   475 C  CA  . GLN A 1 66  ? -1.188  2.086   10.857  1.00 18.82 ? 215 GLN A CA  1 
ATOM   476 C  C   . GLN A 1 66  ? -2.418  1.350   10.338  1.00 17.67 ? 215 GLN A C   1 
ATOM   477 O  O   . GLN A 1 66  ? -3.392  1.167   11.063  1.00 16.77 ? 215 GLN A O   1 
ATOM   478 C  CB  . GLN A 1 66  ? -1.303  3.568   10.501  1.00 20.35 ? 215 GLN A CB  1 
ATOM   479 C  CG  . GLN A 1 66  ? -0.461  4.356   11.324  1.00 29.88 ? 215 GLN A CG  1 
ATOM   480 N  N   . ALA A 1 67  ? -2.372  0.935   9.077   1.00 16.99 ? 216 ALA A N   1 
ATOM   481 C  CA  . ALA A 1 67  ? -3.495  0.214   8.493   1.00 18.38 ? 216 ALA A CA  1 
ATOM   482 C  C   . ALA A 1 67  ? -3.651  -1.125  9.211   1.00 18.84 ? 216 ALA A C   1 
ATOM   483 O  O   . ALA A 1 67  ? -4.771  -1.561  9.477   1.00 19.90 ? 216 ALA A O   1 
ATOM   484 C  CB  . ALA A 1 67  ? -3.269  0.004   7.000   1.00 17.42 ? 216 ALA A CB  1 
ATOM   485 N  N   . TYR A 1 68  ? -2.528  -1.769  9.531   1.00 19.19 ? 217 TYR A N   1 
ATOM   486 C  CA  . TYR A 1 68  ? -2.557  -3.045  10.241  1.00 19.86 ? 217 TYR A CA  1 
ATOM   487 C  C   . TYR A 1 68  ? -3.086  -2.854  11.657  1.00 20.30 ? 217 TYR A C   1 
ATOM   488 O  O   . TYR A 1 68  ? -3.873  -3.662  12.152  1.00 21.12 ? 217 TYR A O   1 
ATOM   489 C  CB  . TYR A 1 68  ? -1.156  -3.665  10.318  1.00 22.80 ? 217 TYR A CB  1 
ATOM   490 C  CG  . TYR A 1 68  ? -0.833  -4.592  9.175   1.00 26.80 ? 217 TYR A CG  1 
ATOM   491 C  CD1 . TYR A 1 68  ? -1.630  -5.705  8.911   1.00 28.74 ? 217 TYR A CD1 1 
ATOM   492 C  CD2 . TYR A 1 68  ? 0.260   -4.348  8.343   1.00 29.11 ? 217 TYR A CD2 1 
ATOM   493 C  CE1 . TYR A 1 68  ? -1.350  -6.549  7.841   1.00 31.40 ? 217 TYR A CE1 1 
ATOM   494 C  CE2 . TYR A 1 68  ? 0.550   -5.185  7.270   1.00 30.31 ? 217 TYR A CE2 1 
ATOM   495 C  CZ  . TYR A 1 68  ? -0.260  -6.282  7.023   1.00 31.57 ? 217 TYR A CZ  1 
ATOM   496 O  OH  . TYR A 1 68  ? 0.010   -7.101  5.952   1.00 33.39 ? 217 TYR A OH  1 
ATOM   497 N  N   . ALA A 1 69  ? -2.644  -1.784  12.306  1.00 18.03 ? 218 ALA A N   1 
ATOM   498 C  CA  . ALA A 1 69  ? -3.079  -1.488  13.664  1.00 19.61 ? 218 ALA A CA  1 
ATOM   499 C  C   . ALA A 1 69  ? -4.598  -1.337  13.711  1.00 19.44 ? 218 ALA A C   1 
ATOM   500 O  O   . ALA A 1 69  ? -5.230  -1.616  14.730  1.00 20.31 ? 218 ALA A O   1 
ATOM   501 C  CB  . ALA A 1 69  ? -2.416  -0.215  14.154  1.00 18.94 ? 218 ALA A CB  1 
ATOM   502 N  N   . ALA A 1 70  ? -5.181  -0.898  12.600  1.00 19.52 ? 219 ALA A N   1 
ATOM   503 C  CA  . ALA A 1 70  ? -6.629  -0.711  12.520  1.00 19.16 ? 219 ALA A CA  1 
ATOM   504 C  C   . ALA A 1 70  ? -7.376  -2.044  12.487  1.00 19.57 ? 219 ALA A C   1 
ATOM   505 O  O   . ALA A 1 70  ? -8.586  -2.096  12.723  1.00 18.93 ? 219 ALA A O   1 
ATOM   506 C  CB  . ALA A 1 70  ? -6.975  0.108   11.282  1.00 18.68 ? 219 ALA A CB  1 
ATOM   507 N  N   . THR A 1 71  ? -6.654  -3.122  12.203  1.00 19.17 ? 220 THR A N   1 
ATOM   508 C  CA  . THR A 1 71  ? -7.266  -4.445  12.117  1.00 19.99 ? 220 THR A CA  1 
ATOM   509 C  C   . THR A 1 71  ? -7.285  -5.225  13.432  1.00 20.07 ? 220 THR A C   1 
ATOM   510 O  O   . THR A 1 71  ? -8.010  -6.213  13.561  1.00 18.91 ? 220 THR A O   1 
ATOM   511 C  CB  . THR A 1 71  ? -6.533  -5.327  11.093  1.00 20.89 ? 220 THR A CB  1 
ATOM   512 O  OG1 . THR A 1 71  ? -5.301  -5.782  11.663  1.00 21.22 ? 220 THR A OG1 1 
ATOM   513 C  CG2 . THR A 1 71  ? -6.234  -4.542  9.812   1.00 18.30 ? 220 THR A CG2 1 
ATOM   514 N  N   . VAL A 1 72  ? -6.485  -4.803  14.403  1.00 21.61 ? 221 VAL A N   1 
ATOM   515 C  CA  . VAL A 1 72  ? -6.416  -5.530  15.668  1.00 23.70 ? 221 VAL A CA  1 
ATOM   516 C  C   . VAL A 1 72  ? -7.777  -5.867  16.270  1.00 24.71 ? 221 VAL A C   1 
ATOM   517 O  O   . VAL A 1 72  ? -8.025  -7.015  16.644  1.00 26.03 ? 221 VAL A O   1 
ATOM   518 C  CB  . VAL A 1 72  ? -5.586  -4.763  16.719  1.00 24.85 ? 221 VAL A CB  1 
ATOM   519 C  CG1 . VAL A 1 72  ? -5.459  -5.601  17.985  1.00 26.30 ? 221 VAL A CG1 1 
ATOM   520 C  CG2 . VAL A 1 72  ? -4.209  -4.450  16.164  1.00 24.63 ? 221 VAL A CG2 1 
ATOM   521 N  N   . ALA A 1 73  ? -8.657  -4.873  16.352  1.00 25.82 ? 222 ALA A N   1 
ATOM   522 C  CA  . ALA A 1 73  ? -9.985  -5.064  16.924  1.00 26.90 ? 222 ALA A CA  1 
ATOM   523 C  C   . ALA A 1 73  ? -11.001 -5.682  15.960  1.00 27.01 ? 222 ALA A C   1 
ATOM   524 O  O   . ALA A 1 73  ? -12.082 -6.100  16.379  1.00 27.72 ? 222 ALA A O   1 
ATOM   525 C  CB  . ALA A 1 73  ? -10.515 -3.729  17.449  1.00 27.19 ? 222 ALA A CB  1 
ATOM   526 N  N   . ALA A 1 74  ? -10.659 -5.747  14.676  1.00 25.91 ? 223 ALA A N   1 
ATOM   527 C  CA  . ALA A 1 74  ? -11.564 -6.315  13.677  1.00 24.00 ? 223 ALA A CA  1 
ATOM   528 C  C   . ALA A 1 74  ? -11.560 -7.837  13.697  1.00 23.39 ? 223 ALA A C   1 
ATOM   529 O  O   . ALA A 1 74  ? -10.527 -8.462  13.935  1.00 23.82 ? 223 ALA A O   1 
ATOM   530 C  CB  . ALA A 1 74  ? -11.186 -5.814  12.272  1.00 24.59 ? 223 ALA A CB  1 
ATOM   531 N  N   . ALA A 1 75  ? -12.722 -8.430  13.440  1.00 22.41 ? 224 ALA A N   1 
ATOM   532 C  CA  . ALA A 1 75  ? -12.853 -9.878  13.409  1.00 23.55 ? 224 ALA A CA  1 
ATOM   533 C  C   . ALA A 1 75  ? -12.002 -10.429 12.267  1.00 24.02 ? 224 ALA A C   1 
ATOM   534 O  O   . ALA A 1 75  ? -11.809 -9.765  11.247  1.00 23.50 ? 224 ALA A O   1 
ATOM   535 C  CB  . ALA A 1 75  ? -14.317 -10.272 13.216  1.00 22.76 ? 224 ALA A CB  1 
ATOM   536 N  N   . PRO A 1 76  ? -11.479 -11.654 12.427  1.00 24.05 ? 225 PRO A N   1 
ATOM   537 C  CA  . PRO A 1 76  ? -10.642 -12.292 11.407  1.00 23.87 ? 225 PRO A CA  1 
ATOM   538 C  C   . PRO A 1 76  ? -11.172 -12.184 9.976   1.00 23.98 ? 225 PRO A C   1 
ATOM   539 O  O   . PRO A 1 76  ? -10.435 -11.795 9.067   1.00 22.36 ? 225 PRO A O   1 
ATOM   540 C  CB  . PRO A 1 76  ? -10.567 -13.736 11.890  1.00 25.31 ? 225 PRO A CB  1 
ATOM   541 C  CG  . PRO A 1 76  ? -10.543 -13.567 13.380  1.00 25.62 ? 225 PRO A CG  1 
ATOM   542 C  CD  . PRO A 1 76  ? -11.644 -12.540 13.594  1.00 24.98 ? 225 PRO A CD  1 
ATOM   543 N  N   . GLN A 1 77  ? -12.446 -12.523 9.785   1.00 21.18 ? 226 GLN A N   1 
ATOM   544 C  CA  . GLN A 1 77  ? -13.077 -12.488 8.468   1.00 22.46 ? 226 GLN A CA  1 
ATOM   545 C  C   . GLN A 1 77  ? -12.905 -11.160 7.734   1.00 19.60 ? 226 GLN A C   1 
ATOM   546 O  O   . GLN A 1 77  ? -12.840 -11.127 6.506   1.00 19.69 ? 226 GLN A O   1 
ATOM   547 C  CB  . GLN A 1 77  ? -14.583 -12.775 8.582   1.00 24.89 ? 226 GLN A CB  1 
ATOM   548 C  CG  . GLN A 1 77  ? -15.269 -13.035 7.235   1.00 30.30 ? 226 GLN A CG  1 
ATOM   549 C  CD  . GLN A 1 77  ? -16.762 -12.696 7.229   1.00 32.63 ? 226 GLN A CD  1 
ATOM   550 O  OE1 . GLN A 1 77  ? -17.156 -11.567 6.917   1.00 30.80 ? 226 GLN A OE1 1 
ATOM   551 N  NE2 . GLN A 1 77  ? -17.595 -13.673 7.577   1.00 30.00 ? 226 GLN A NE2 1 
ATOM   552 N  N   . VAL A 1 78  ? -12.838 -10.067 8.484   1.00 16.71 ? 227 VAL A N   1 
ATOM   553 C  CA  . VAL A 1 78  ? -12.723 -8.749  7.871   1.00 15.85 ? 227 VAL A CA  1 
ATOM   554 C  C   . VAL A 1 78  ? -11.433 -7.981  8.127   1.00 15.57 ? 227 VAL A C   1 
ATOM   555 O  O   . VAL A 1 78  ? -11.358 -6.793  7.813   1.00 15.42 ? 227 VAL A O   1 
ATOM   556 C  CB  . VAL A 1 78  ? -13.910 -7.856  8.290   1.00 14.68 ? 227 VAL A CB  1 
ATOM   557 C  CG1 . VAL A 1 78  ? -15.180 -8.333  7.600   1.00 13.77 ? 227 VAL A CG1 1 
ATOM   558 C  CG2 . VAL A 1 78  ? -14.082 -7.899  9.799   1.00 14.61 ? 227 VAL A CG2 1 
ATOM   559 N  N   . LYS A 1 79  ? -10.417 -8.632  8.687   1.00 13.97 ? 228 LYS A N   1 
ATOM   560 C  CA  . LYS A 1 79  ? -9.171  -7.913  8.937   1.00 13.66 ? 228 LYS A CA  1 
ATOM   561 C  C   . LYS A 1 79  ? -8.600  -7.332  7.645   1.00 13.07 ? 228 LYS A C   1 
ATOM   562 O  O   . LYS A 1 79  ? -8.140  -6.191  7.628   1.00 14.10 ? 228 LYS A O   1 
ATOM   563 C  CB  . LYS A 1 79  ? -8.140  -8.816  9.622   1.00 14.58 ? 228 LYS A CB  1 
ATOM   564 C  CG  . LYS A 1 79  ? -8.376  -8.959  11.138  1.00 16.22 ? 228 LYS A CG  1 
ATOM   565 C  CD  . LYS A 1 79  ? -7.379  -9.925  11.772  1.00 18.19 ? 228 LYS A CD  1 
ATOM   566 C  CE  . LYS A 1 79  ? -7.767  -10.289 13.207  1.00 14.83 ? 228 LYS A CE  1 
ATOM   567 N  NZ  . LYS A 1 79  ? -7.709  -9.113  14.111  1.00 15.80 ? 228 LYS A NZ  1 
ATOM   568 N  N   . TYR A 1 80  ? -8.632  -8.100  6.560   1.00 12.69 ? 229 TYR A N   1 
ATOM   569 C  CA  . TYR A 1 80  ? -8.106  -7.583  5.304   1.00 11.64 ? 229 TYR A CA  1 
ATOM   570 C  C   . TYR A 1 80  ? -8.972  -6.436  4.785   1.00 11.21 ? 229 TYR A C   1 
ATOM   571 O  O   . TYR A 1 80  ? -8.451  -5.432  4.307   1.00 11.81 ? 229 TYR A O   1 
ATOM   572 C  CB  . TYR A 1 80  ? -8.011  -8.673  4.233   1.00 11.84 ? 229 TYR A CB  1 
ATOM   573 C  CG  . TYR A 1 80  ? -7.491  -8.121  2.919   1.00 11.51 ? 229 TYR A CG  1 
ATOM   574 C  CD1 . TYR A 1 80  ? -6.152  -7.734  2.780   1.00 13.50 ? 229 TYR A CD1 1 
ATOM   575 C  CD2 . TYR A 1 80  ? -8.359  -7.892  1.846   1.00 11.25 ? 229 TYR A CD2 1 
ATOM   576 C  CE1 . TYR A 1 80  ? -5.689  -7.122  1.603   1.00 13.48 ? 229 TYR A CE1 1 
ATOM   577 C  CE2 . TYR A 1 80  ? -7.909  -7.280  0.667   1.00 11.65 ? 229 TYR A CE2 1 
ATOM   578 C  CZ  . TYR A 1 80  ? -6.578  -6.896  0.555   1.00 13.25 ? 229 TYR A CZ  1 
ATOM   579 O  OH  . TYR A 1 80  ? -6.156  -6.251  -0.588  1.00 13.78 ? 229 TYR A OH  1 
ATOM   580 N  N   . ALA A 1 81  ? -10.291 -6.577  4.882   1.00 11.92 ? 230 ALA A N   1 
ATOM   581 C  CA  . ALA A 1 81  ? -11.185 -5.519  4.414   1.00 11.62 ? 230 ALA A CA  1 
ATOM   582 C  C   . ALA A 1 81  ? -10.905 -4.231  5.173   1.00 10.24 ? 230 ALA A C   1 
ATOM   583 O  O   . ALA A 1 81  ? -10.897 -3.143  4.598   1.00 9.82  ? 230 ALA A O   1 
ATOM   584 C  CB  . ALA A 1 81  ? -12.650 -5.933  4.605   1.00 11.81 ? 230 ALA A CB  1 
ATOM   585 N  N   . VAL A 1 82  ? -10.687 -4.352  6.478   1.00 10.81 ? 231 VAL A N   1 
ATOM   586 C  CA  . VAL A 1 82  ? -10.410 -3.190  7.313   1.00 11.72 ? 231 VAL A CA  1 
ATOM   587 C  C   . VAL A 1 82  ? -9.066  -2.589  6.914   1.00 10.41 ? 231 VAL A C   1 
ATOM   588 O  O   . VAL A 1 82  ? -8.926  -1.374  6.790   1.00 9.27  ? 231 VAL A O   1 
ATOM   589 C  CB  . VAL A 1 82  ? -10.391 -3.592  8.811   1.00 13.09 ? 231 VAL A CB  1 
ATOM   590 C  CG1 . VAL A 1 82  ? -9.863  -2.443  9.669   1.00 14.42 ? 231 VAL A CG1 1 
ATOM   591 C  CG2 . VAL A 1 82  ? -11.805 -3.974  9.251   1.00 14.40 ? 231 VAL A CG2 1 
ATOM   592 N  N   . PHE A 1 83  ? -8.087  -3.463  6.709   1.00 9.50  ? 232 PHE A N   1 
ATOM   593 C  CA  . PHE A 1 83  ? -6.742  -3.052  6.314   1.00 11.74 ? 232 PHE A CA  1 
ATOM   594 C  C   . PHE A 1 83  ? -6.756  -2.275  4.998   1.00 10.73 ? 232 PHE A C   1 
ATOM   595 O  O   . PHE A 1 83  ? -6.181  -1.187  4.899   1.00 10.47 ? 232 PHE A O   1 
ATOM   596 C  CB  . PHE A 1 83  ? -5.857  -4.293  6.157   1.00 9.82  ? 232 PHE A CB  1 
ATOM   597 C  CG  . PHE A 1 83  ? -4.498  -4.006  5.580   1.00 13.12 ? 232 PHE A CG  1 
ATOM   598 C  CD1 . PHE A 1 83  ? -3.486  -3.480  6.374   1.00 10.68 ? 232 PHE A CD1 1 
ATOM   599 C  CD2 . PHE A 1 83  ? -4.231  -4.264  4.239   1.00 11.64 ? 232 PHE A CD2 1 
ATOM   600 C  CE1 . PHE A 1 83  ? -2.226  -3.217  5.843   1.00 14.03 ? 232 PHE A CE1 1 
ATOM   601 C  CE2 . PHE A 1 83  ? -2.974  -4.002  3.698   1.00 12.20 ? 232 PHE A CE2 1 
ATOM   602 C  CZ  . PHE A 1 83  ? -1.970  -3.480  4.499   1.00 13.69 ? 232 PHE A CZ  1 
ATOM   603 N  N   . GLU A 1 84  ? -7.418  -2.838  3.991   1.00 10.56 ? 233 GLU A N   1 
ATOM   604 C  CA  . GLU A 1 84  ? -7.480  -2.208  2.677   1.00 12.14 ? 233 GLU A CA  1 
ATOM   605 C  C   . GLU A 1 84  ? -8.161  -0.848  2.703   1.00 11.44 ? 233 GLU A C   1 
ATOM   606 O  O   . GLU A 1 84  ? -7.710  0.085   2.051   1.00 11.18 ? 233 GLU A O   1 
ATOM   607 C  CB  . GLU A 1 84  ? -8.204  -3.117  1.673   1.00 14.25 ? 233 GLU A CB  1 
ATOM   608 C  CG  . GLU A 1 84  ? -8.260  -2.530  0.267   1.00 16.43 ? 233 GLU A CG  1 
ATOM   609 C  CD  . GLU A 1 84  ? -9.139  -3.334  -0.681  1.00 18.33 ? 233 GLU A CD  1 
ATOM   610 O  OE1 . GLU A 1 84  ? -9.890  -4.208  -0.204  1.00 19.08 ? 233 GLU A OE1 1 
ATOM   611 O  OE2 . GLU A 1 84  ? -9.086  -3.078  -1.902  1.00 17.80 ? 233 GLU A OE2 1 
ATOM   612 N  N   . ALA A 1 85  ? -9.251  -0.737  3.457   1.00 11.49 ? 234 ALA A N   1 
ATOM   613 C  CA  . ALA A 1 85  ? -9.969  0.523   3.541   1.00 11.15 ? 234 ALA A CA  1 
ATOM   614 C  C   . ALA A 1 85  ? -9.070  1.578   4.180   1.00 11.65 ? 234 ALA A C   1 
ATOM   615 O  O   . ALA A 1 85  ? -8.974  2.704   3.694   1.00 11.61 ? 234 ALA A O   1 
ATOM   616 C  CB  . ALA A 1 85  ? -11.246 0.346   4.358   1.00 12.19 ? 234 ALA A CB  1 
ATOM   617 N  N   . ALA A 1 86  ? -8.407  1.206   5.270   1.00 12.53 ? 235 ALA A N   1 
ATOM   618 C  CA  . ALA A 1 86  ? -7.513  2.126   5.968   1.00 13.91 ? 235 ALA A CA  1 
ATOM   619 C  C   . ALA A 1 86  ? -6.354  2.560   5.071   1.00 13.62 ? 235 ALA A C   1 
ATOM   620 O  O   . ALA A 1 86  ? -6.072  3.755   4.918   1.00 12.15 ? 235 ALA A O   1 
ATOM   621 C  CB  . ALA A 1 86  ? -6.967  1.459   7.225   1.00 13.04 ? 235 ALA A CB  1 
ATOM   622 N  N   . LEU A 1 87  ? -5.681  1.585   4.473   1.00 12.85 ? 236 LEU A N   1 
ATOM   623 C  CA  . LEU A 1 87  ? -4.546  1.891   3.614   1.00 13.11 ? 236 LEU A CA  1 
ATOM   624 C  C   . LEU A 1 87  ? -4.947  2.702   2.380   1.00 12.21 ? 236 LEU A C   1 
ATOM   625 O  O   . LEU A 1 87  ? -4.207  3.583   1.938   1.00 12.48 ? 236 LEU A O   1 
ATOM   626 C  CB  . LEU A 1 87  ? -3.831  0.596   3.206   1.00 10.12 ? 236 LEU A CB  1 
ATOM   627 C  CG  . LEU A 1 87  ? -2.492  0.750   2.475   1.00 11.80 ? 236 LEU A CG  1 
ATOM   628 C  CD1 . LEU A 1 87  ? -1.543  1.658   3.270   1.00 11.72 ? 236 LEU A CD1 1 
ATOM   629 C  CD2 . LEU A 1 87  ? -1.877  -0.633  2.281   1.00 8.34  ? 236 LEU A CD2 1 
ATOM   630 N  N   . THR A 1 88  ? -6.123  2.421   1.828   1.00 12.09 ? 237 THR A N   1 
ATOM   631 C  CA  . THR A 1 88  ? -6.573  3.156   0.651   1.00 12.48 ? 237 THR A CA  1 
ATOM   632 C  C   . THR A 1 88  ? -6.657  4.657   0.940   1.00 13.23 ? 237 THR A C   1 
ATOM   633 O  O   . THR A 1 88  ? -6.212  5.478   0.133   1.00 11.42 ? 237 THR A O   1 
ATOM   634 C  CB  . THR A 1 88  ? -7.952  2.650   0.167   1.00 12.50 ? 237 THR A CB  1 
ATOM   635 O  OG1 . THR A 1 88  ? -7.836  1.288   -0.264  1.00 14.25 ? 237 THR A OG1 1 
ATOM   636 C  CG2 . THR A 1 88  ? -8.460  3.499   -0.987  1.00 14.53 ? 237 THR A CG2 1 
ATOM   637 N  N   . LYS A 1 89  ? -7.220  5.013   2.091   1.00 14.12 ? 238 LYS A N   1 
ATOM   638 C  CA  . LYS A 1 89  ? -7.347  6.421   2.463   1.00 16.16 ? 238 LYS A CA  1 
ATOM   639 C  C   . LYS A 1 89  ? -5.982  7.056   2.685   1.00 15.22 ? 238 LYS A C   1 
ATOM   640 O  O   . LYS A 1 89  ? -5.732  8.175   2.247   1.00 17.27 ? 238 LYS A O   1 
ATOM   641 C  CB  . LYS A 1 89  ? -8.194  6.564   3.732   1.00 17.41 ? 238 LYS A CB  1 
ATOM   642 C  CG  . LYS A 1 89  ? -9.647  6.184   3.526   1.00 23.44 ? 238 LYS A CG  1 
ATOM   643 C  CD  . LYS A 1 89  ? -10.303 5.740   4.819   1.00 26.30 ? 238 LYS A CD  1 
ATOM   644 C  CE  . LYS A 1 89  ? -10.468 6.886   5.790   1.00 27.73 ? 238 LYS A CE  1 
ATOM   645 N  NZ  . LYS A 1 89  ? -11.207 6.434   6.999   1.00 30.54 ? 238 LYS A NZ  1 
ATOM   646 N  N   . ALA A 1 90  ? -5.103  6.337   3.372   1.00 16.01 ? 239 ALA A N   1 
ATOM   647 C  CA  . ALA A 1 90  ? -3.758  6.832   3.654   1.00 16.40 ? 239 ALA A CA  1 
ATOM   648 C  C   . ALA A 1 90  ? -2.995  7.139   2.366   1.00 16.30 ? 239 ALA A C   1 
ATOM   649 O  O   . ALA A 1 90  ? -2.407  8.214   2.216   1.00 14.63 ? 239 ALA A O   1 
ATOM   650 C  CB  . ALA A 1 90  ? -2.984  5.800   4.489   1.00 17.31 ? 239 ALA A CB  1 
ATOM   651 N  N   . ILE A 1 91  ? -3.000  6.191   1.434   1.00 15.82 ? 240 ILE A N   1 
ATOM   652 C  CA  . ILE A 1 91  ? -2.287  6.394   0.180   1.00 15.96 ? 240 ILE A CA  1 
ATOM   653 C  C   . ILE A 1 91  ? -2.923  7.505   -0.651  1.00 16.26 ? 240 ILE A C   1 
ATOM   654 O  O   . ILE A 1 91  ? -2.216  8.323   -1.243  1.00 14.21 ? 240 ILE A O   1 
ATOM   655 C  CB  . ILE A 1 91  ? -2.202  5.082   -0.623  1.00 15.47 ? 240 ILE A CB  1 
ATOM   656 C  CG1 . ILE A 1 91  ? -1.274  4.105   0.122   1.00 16.87 ? 240 ILE A CG1 1 
ATOM   657 C  CG2 . ILE A 1 91  ? -1.694  5.364   -2.038  1.00 14.36 ? 240 ILE A CG2 1 
ATOM   658 C  CD1 . ILE A 1 91  ? -1.095  2.741   -0.536  1.00 15.80 ? 240 ILE A CD1 1 
ATOM   659 N  N   . THR A 1 92  ? -4.251  7.546   -0.692  1.00 14.53 ? 241 THR A N   1 
ATOM   660 C  CA  . THR A 1 92  ? -4.928  8.601   -1.433  1.00 15.70 ? 241 THR A CA  1 
ATOM   661 C  C   . THR A 1 92  ? -4.551  9.971   -0.853  1.00 15.81 ? 241 THR A C   1 
ATOM   662 O  O   . THR A 1 92  ? -4.443  10.947  -1.587  1.00 15.69 ? 241 THR A O   1 
ATOM   663 C  CB  . THR A 1 92  ? -6.462  8.435   -1.387  1.00 16.70 ? 241 THR A CB  1 
ATOM   664 O  OG1 . THR A 1 92  ? -6.838  7.294   -2.164  1.00 16.97 ? 241 THR A OG1 1 
ATOM   665 C  CG2 . THR A 1 92  ? -7.155  9.677   -1.947  1.00 18.73 ? 241 THR A CG2 1 
ATOM   666 N  N   . ALA A 1 93  ? -4.351  10.044  0.460   1.00 15.54 ? 242 ALA A N   1 
ATOM   667 C  CA  . ALA A 1 93  ? -3.977  11.313  1.086   1.00 16.96 ? 242 ALA A CA  1 
ATOM   668 C  C   . ALA A 1 93  ? -2.583  11.733  0.608   1.00 16.73 ? 242 ALA A C   1 
ATOM   669 O  O   . ALA A 1 93  ? -2.332  12.908  0.356   1.00 15.79 ? 242 ALA A O   1 
ATOM   670 C  CB  . ALA A 1 93  ? -3.991  11.183  2.602   1.00 16.67 ? 242 ALA A CB  1 
ATOM   671 N  N   . MET A 1 94  ? -1.685  10.759  0.498   1.00 16.32 ? 243 MET A N   1 
ATOM   672 C  CA  . MET A 1 94  ? -0.324  11.011  0.032   1.00 18.60 ? 243 MET A CA  1 
ATOM   673 C  C   . MET A 1 94  ? -0.370  11.502  -1.407  1.00 17.83 ? 243 MET A C   1 
ATOM   674 O  O   . MET A 1 94  ? 0.315   12.455  -1.775  1.00 18.65 ? 243 MET A O   1 
ATOM   675 C  CB  . MET A 1 94  ? 0.507   9.727   0.092   1.00 19.70 ? 243 MET A CB  1 
ATOM   676 C  CG  . MET A 1 94  ? 0.838   9.256   1.490   1.00 21.67 ? 243 MET A CG  1 
ATOM   677 S  SD  . MET A 1 94  ? 1.789   7.715   1.440   1.00 27.00 ? 243 MET A SD  1 
ATOM   678 C  CE  . MET A 1 94  ? 1.141   6.887   2.894   1.00 25.58 ? 243 MET A CE  1 
ATOM   679 N  N   . SER A 1 95  ? -1.185  10.835  -2.218  1.00 17.21 ? 244 SER A N   1 
ATOM   680 C  CA  . SER A 1 95  ? -1.338  11.198  -3.619  1.00 18.57 ? 244 SER A CA  1 
ATOM   681 C  C   . SER A 1 95  ? -1.861  12.632  -3.777  1.00 18.70 ? 244 SER A C   1 
ATOM   682 O  O   . SER A 1 95  ? -1.401  13.373  -4.648  1.00 16.09 ? 244 SER A O   1 
ATOM   683 C  CB  . SER A 1 95  ? -2.285  10.210  -4.307  1.00 19.88 ? 244 SER A CB  1 
ATOM   684 O  OG  . SER A 1 95  ? -2.518  10.588  -5.651  1.00 25.73 ? 244 SER A OG  1 
ATOM   685 N  N   . GLU A 1 96  ? -2.816  13.026  -2.936  1.00 15.99 ? 245 GLU A N   1 
ATOM   686 C  CA  . GLU A 1 96  ? -3.368  14.379  -3.010  1.00 16.17 ? 245 GLU A CA  1 
ATOM   687 C  C   . GLU A 1 96  ? -2.283  15.412  -2.715  1.00 15.41 ? 245 GLU A C   1 
ATOM   688 O  O   . GLU A 1 96  ? -2.190  16.442  -3.387  1.00 14.70 ? 245 GLU A O   1 
ATOM   689 C  CB  . GLU A 1 96  ? -4.508  14.553  -2.004  1.00 19.11 ? 245 GLU A CB  1 
ATOM   690 C  CG  . GLU A 1 96  ? -5.639  13.558  -2.160  1.00 20.50 ? 245 GLU A CG  1 
ATOM   691 C  CD  . GLU A 1 96  ? -6.672  13.680  -1.054  1.00 24.38 ? 245 GLU A CD  1 
ATOM   692 O  OE1 . GLU A 1 96  ? -6.291  14.051  0.077   1.00 24.07 ? 245 GLU A OE1 1 
ATOM   693 O  OE2 . GLU A 1 96  ? -7.861  13.387  -1.309  1.00 26.54 ? 245 GLU A OE2 1 
ATOM   694 N  N   . VAL A 1 97  ? -1.474  15.138  -1.697  1.00 15.71 ? 246 VAL A N   1 
ATOM   695 C  CA  . VAL A 1 97  ? -0.391  16.037  -1.316  1.00 19.87 ? 246 VAL A CA  1 
ATOM   696 C  C   . VAL A 1 97  ? 0.635   16.116  -2.441  1.00 20.66 ? 246 VAL A C   1 
ATOM   697 O  O   . VAL A 1 97  ? 1.124   17.193  -2.779  1.00 20.74 ? 246 VAL A O   1 
ATOM   698 C  CB  . VAL A 1 97  ? 0.320   15.546  -0.034  1.00 20.03 ? 246 VAL A CB  1 
ATOM   699 C  CG1 . VAL A 1 97  ? 1.568   16.374  0.226   1.00 23.20 ? 246 VAL A CG1 1 
ATOM   700 C  CG2 . VAL A 1 97  ? -0.630  15.635  1.149   1.00 21.50 ? 246 VAL A CG2 1 
ATOM   701 N  N   . GLN A 1 98  ? 0.952   14.968  -3.023  1.00 21.67 ? 247 GLN A N   1 
ATOM   702 C  CA  . GLN A 1 98  ? 1.920   14.924  -4.104  1.00 23.88 ? 247 GLN A CA  1 
ATOM   703 C  C   . GLN A 1 98  ? 1.446   15.726  -5.319  1.00 23.49 ? 247 GLN A C   1 
ATOM   704 O  O   . GLN A 1 98  ? 2.230   16.431  -5.952  1.00 23.49 ? 247 GLN A O   1 
ATOM   705 C  CB  . GLN A 1 98  ? 2.187   13.467  -4.487  1.00 27.06 ? 247 GLN A CB  1 
ATOM   706 C  CG  . GLN A 1 98  ? 3.376   13.269  -5.405  1.00 31.31 ? 247 GLN A CG  1 
ATOM   707 C  CD  . GLN A 1 98  ? 2.966   12.982  -6.828  1.00 35.13 ? 247 GLN A CD  1 
ATOM   708 O  OE1 . GLN A 1 98  ? 3.807   12.685  -7.679  1.00 41.27 ? 247 GLN A OE1 1 
ATOM   709 N  NE2 . GLN A 1 98  ? 1.669   13.066  -7.099  1.00 37.18 ? 247 GLN A NE2 1 
ATOM   710 N  N   . LYS A 1 99  ? 0.159   15.634  -5.635  1.00 23.25 ? 248 LYS A N   1 
ATOM   711 C  CA  . LYS A 1 99  ? -0.385  16.355  -6.779  1.00 24.13 ? 248 LYS A CA  1 
ATOM   712 C  C   . LYS A 1 99  ? -0.351  17.875  -6.621  1.00 23.76 ? 248 LYS A C   1 
ATOM   713 O  O   . LYS A 1 99  ? -0.199  18.600  -7.606  1.00 23.93 ? 248 LYS A O   1 
ATOM   714 C  CB  . LYS A 1 99  ? -1.817  15.900  -7.062  1.00 25.25 ? 248 LYS A CB  1 
ATOM   715 C  CG  . LYS A 1 99  ? -1.910  14.478  -7.579  1.00 28.80 ? 248 LYS A CG  1 
ATOM   716 C  CD  . LYS A 1 99  ? -3.349  14.095  -7.882  1.00 32.17 ? 248 LYS A CD  1 
ATOM   717 C  CE  . LYS A 1 99  ? -3.435  12.680  -8.428  1.00 33.78 ? 248 LYS A CE  1 
ATOM   718 N  NZ  . LYS A 1 99  ? -2.614  12.528  -9.658  1.00 36.00 ? 248 LYS A NZ  1 
ATOM   719 N  N   . VAL A 1 100 ? -0.490  18.358  -5.391  1.00 22.02 ? 249 VAL A N   1 
ATOM   720 C  CA  . VAL A 1 100 ? -0.473  19.798  -5.149  1.00 23.13 ? 249 VAL A CA  1 
ATOM   721 C  C   . VAL A 1 100 ? 0.949   20.300  -4.880  1.00 25.13 ? 249 VAL A C   1 
ATOM   722 O  O   . VAL A 1 100 ? 1.228   21.497  -4.994  1.00 24.90 ? 249 VAL A O   1 
ATOM   723 C  CB  . VAL A 1 100 ? -1.377  20.181  -3.952  1.00 22.06 ? 249 VAL A CB  1 
ATOM   724 C  CG1 . VAL A 1 100 ? -2.790  19.677  -4.186  1.00 20.40 ? 249 VAL A CG1 1 
ATOM   725 C  CG2 . VAL A 1 100 ? -0.814  19.611  -2.663  1.00 17.90 ? 249 VAL A CG2 1 
ATOM   726 N  N   . SER A 1 101 ? 1.844   19.379  -4.533  1.00 27.78 ? 250 SER A N   1 
ATOM   727 C  CA  . SER A 1 101 ? 3.231   19.721  -4.240  1.00 30.52 ? 250 SER A CA  1 
ATOM   728 C  C   . SER A 1 101 ? 4.091   19.752  -5.496  1.00 33.60 ? 250 SER A C   1 
ATOM   729 O  O   . SER A 1 101 ? 5.164   20.353  -5.510  1.00 33.50 ? 250 SER A O   1 
ATOM   730 C  CB  . SER A 1 101 ? 3.824   18.718  -3.251  1.00 29.92 ? 250 SER A CB  1 
ATOM   731 O  OG  . SER A 1 101 ? 3.179   18.792  -1.996  1.00 31.75 ? 250 SER A OG  1 
ATOM   732 N  N   . GLN A 1 102 ? 3.620   19.091  -6.546  1.00 36.80 ? 251 GLN A N   1 
ATOM   733 C  CA  . GLN A 1 102 ? 4.351   19.039  -7.803  1.00 39.95 ? 251 GLN A CA  1 
ATOM   734 C  C   . GLN A 1 102 ? 3.386   19.109  -8.980  1.00 41.54 ? 251 GLN A C   1 
ATOM   735 O  O   . GLN A 1 102 ? 3.216   18.075  -9.662  1.00 41.95 ? 251 GLN A O   1 
ATOM   736 C  CB  . GLN A 1 102 ? 5.180   17.755  -7.878  1.00 41.14 ? 251 GLN A CB  1 
ATOM   737 C  CG  . GLN A 1 102 ? 4.350   16.607  -7.824  1.00 43.69 ? 251 GLN A CG  1 
ATOM   738 O  OXT . GLN A 1 102 ? 2.803   20.195  -9.198  1.00 42.97 ? 251 GLN A OXT 1 
HETATM 739 P  P   . PO4 B 2 .   ? -11.387 -5.281  -3.143  0.60 23.20 ? 252 PO4 A P   1 
HETATM 740 O  O1  . PO4 B 2 .   ? -10.663 -6.560  -2.944  0.60 22.75 ? 252 PO4 A O1  1 
HETATM 741 O  O2  . PO4 B 2 .   ? -10.453 -4.263  -3.695  0.60 20.91 ? 252 PO4 A O2  1 
HETATM 742 O  O3  . PO4 B 2 .   ? -12.506 -5.488  -4.093  0.60 19.13 ? 252 PO4 A O3  1 
HETATM 743 O  O4  . PO4 B 2 .   ? -11.924 -4.813  -1.839  0.60 21.73 ? 252 PO4 A O4  1 
HETATM 744 MG MG  . MG  C 3 .   ? -9.855  -4.636  -9.010  1.00 25.36 ? 350 MG  A MG  1 
HETATM 745 O  O   . HOH D 4 .   ? -9.614  -3.424  -6.455  1.00 27.55 ? 253 HOH A O   1 
HETATM 746 O  O   . HOH D 4 .   ? -10.808 -8.569  -1.441  1.00 18.01 ? 254 HOH A O   1 
HETATM 747 O  O   . HOH D 4 .   ? -12.453 -7.645  0.224   0.50 38.80 ? 255 HOH A O   1 
HETATM 748 O  O   . HOH D 4 .   ? -11.321 -9.220  4.610   1.00 14.86 ? 256 HOH A O   1 
HETATM 749 O  O   . HOH D 4 .   ? -9.381  -10.999 6.613   1.00 22.15 ? 257 HOH A O   1 
HETATM 750 O  O   . HOH D 4 .   ? -5.517  -12.982 4.282   1.00 18.44 ? 258 HOH A O   1 
HETATM 751 O  O   . HOH D 4 .   ? -2.874  -14.009 3.668   1.00 17.16 ? 259 HOH A O   1 
HETATM 752 O  O   . HOH D 4 .   ? -6.015  -20.857 1.023   1.00 29.06 ? 260 HOH A O   1 
HETATM 753 O  O   . HOH D 4 .   ? -8.974  -20.726 1.205   1.00 33.23 ? 261 HOH A O   1 
HETATM 754 O  O   . HOH D 4 .   ? -10.087 -18.461 2.284   1.00 14.71 ? 262 HOH A O   1 
HETATM 755 O  O   . HOH D 4 .   ? -12.376 -17.434 0.781   1.00 16.22 ? 263 HOH A O   1 
HETATM 756 O  O   . HOH D 4 .   ? -9.760  -21.656 -1.109  1.00 19.14 ? 264 HOH A O   1 
HETATM 757 O  O   . HOH D 4 .   ? -6.605  -15.049 -7.699  1.00 30.54 ? 265 HOH A O   1 
HETATM 758 O  O   . HOH D 4 .   ? -4.643  -13.126 -7.459  1.00 31.05 ? 266 HOH A O   1 
HETATM 759 O  O   . HOH D 4 .   ? -7.536  -10.255 -9.381  1.00 21.17 ? 267 HOH A O   1 
HETATM 760 O  O   . HOH D 4 .   ? -4.243  -9.957  -10.749 1.00 40.82 ? 268 HOH A O   1 
HETATM 761 O  O   . HOH D 4 .   ? -3.173  -7.001  -10.588 1.00 17.86 ? 269 HOH A O   1 
HETATM 762 O  O   . HOH D 4 .   ? -3.646  -5.131  -12.296 1.00 28.32 ? 270 HOH A O   1 
HETATM 763 O  O   . HOH D 4 .   ? -2.276  0.883   -11.237 1.00 17.76 ? 271 HOH A O   1 
HETATM 764 O  O   . HOH D 4 .   ? 0.152   0.289   -12.940 1.00 27.35 ? 272 HOH A O   1 
HETATM 765 O  O   . HOH D 4 .   ? 2.262   -0.329  -10.864 1.00 26.86 ? 273 HOH A O   1 
HETATM 766 O  O   . HOH D 4 .   ? 3.678   1.941   -9.998  1.00 26.46 ? 274 HOH A O   1 
HETATM 767 O  O   . HOH D 4 .   ? 11.262  -6.077  -11.016 1.00 30.16 ? 275 HOH A O   1 
HETATM 768 O  O   . HOH D 4 .   ? 11.782  -9.591  -9.016  1.00 29.80 ? 276 HOH A O   1 
HETATM 769 O  O   . HOH D 4 .   ? 8.956   -8.725  -5.938  1.00 20.24 ? 277 HOH A O   1 
HETATM 770 O  O   . HOH D 4 .   ? 10.487  -7.866  -4.087  1.00 22.89 ? 278 HOH A O   1 
HETATM 771 O  O   . HOH D 4 .   ? 13.233  -8.534  -4.716  1.00 26.88 ? 279 HOH A O   1 
HETATM 772 O  O   . HOH D 4 .   ? 16.156  -3.583  -7.060  1.00 20.51 ? 280 HOH A O   1 
HETATM 773 O  O   . HOH D 4 .   ? 11.868  5.594   -9.420  1.00 39.21 ? 281 HOH A O   1 
HETATM 774 O  O   . HOH D 4 .   ? 11.062  13.285  -4.608  1.00 29.81 ? 282 HOH A O   1 
HETATM 775 O  O   . HOH D 4 .   ? 10.390  -10.974 -6.852  1.00 45.45 ? 283 HOH A O   1 
HETATM 776 O  O   . HOH D 4 .   ? 0.061   24.217  -5.441  1.00 29.39 ? 284 HOH A O   1 
HETATM 777 O  O   . HOH D 4 .   ? -0.379  10.153  -7.156  1.00 43.67 ? 285 HOH A O   1 
HETATM 778 O  O   . HOH D 4 .   ? -6.002  7.686   -5.425  1.00 27.43 ? 286 HOH A O   1 
HETATM 779 O  O   . HOH D 4 .   ? -9.156  4.347   -4.655  1.00 24.42 ? 287 HOH A O   1 
HETATM 780 O  O   . HOH D 4 .   ? -6.607  3.249   -4.759  1.00 31.25 ? 288 HOH A O   1 
HETATM 781 O  O   . HOH D 4 .   ? -5.329  4.673   -2.833  1.00 24.53 ? 289 HOH A O   1 
HETATM 782 O  O   . HOH D 4 .   ? -9.403  6.756   -2.829  1.00 20.41 ? 290 HOH A O   1 
HETATM 783 O  O   . HOH D 4 .   ? -10.404 8.500   -3.926  1.00 29.18 ? 291 HOH A O   1 
HETATM 784 O  O   . HOH D 4 .   ? -9.943  9.383   0.805   1.00 15.93 ? 292 HOH A O   1 
HETATM 785 O  O   . HOH D 4 .   ? -7.691  10.335  1.906   1.00 15.48 ? 293 HOH A O   1 
HETATM 786 O  O   . HOH D 4 .   ? -1.341  9.490   4.417   1.00 22.47 ? 294 HOH A O   1 
HETATM 787 O  O   . HOH D 4 .   ? -1.332  6.604   8.053   1.00 18.68 ? 295 HOH A O   1 
HETATM 788 O  O   . HOH D 4 .   ? -2.547  4.007   7.042   1.00 28.12 ? 296 HOH A O   1 
HETATM 789 O  O   . HOH D 4 .   ? -4.793  4.251   9.215   1.00 32.13 ? 297 HOH A O   1 
HETATM 790 O  O   . HOH D 4 .   ? -6.562  5.522   7.040   1.00 21.68 ? 298 HOH A O   1 
HETATM 791 O  O   . HOH D 4 .   ? -8.698  4.607   8.627   1.00 40.88 ? 299 HOH A O   1 
HETATM 792 O  O   . HOH D 4 .   ? -10.348 2.750   7.279   1.00 30.95 ? 300 HOH A O   1 
HETATM 793 O  O   . HOH D 4 .   ? -10.496 0.597   8.011   1.00 17.36 ? 301 HOH A O   1 
HETATM 794 O  O   . HOH D 4 .   ? -13.716 -0.015  7.692   0.50 27.09 ? 302 HOH A O   1 
HETATM 795 O  O   . HOH D 4 .   ? -13.358 -2.139  5.621   0.50 14.53 ? 303 HOH A O   1 
HETATM 796 O  O   . HOH D 4 .   ? -11.599 3.396   3.015   1.00 18.07 ? 304 HOH A O   1 
HETATM 797 O  O   . HOH D 4 .   ? -7.465  -1.444  -7.171  1.00 18.24 ? 305 HOH A O   1 
HETATM 798 O  O   . HOH D 4 .   ? -8.171  -6.407  -2.665  1.00 18.11 ? 306 HOH A O   1 
HETATM 799 O  O   . HOH D 4 .   ? 3.616   -12.440 0.473   1.00 22.82 ? 307 HOH A O   1 
HETATM 800 O  O   . HOH D 4 .   ? 7.369   -10.088 -1.851  1.00 28.75 ? 308 HOH A O   1 
HETATM 801 O  O   . HOH D 4 .   ? 6.691   -10.031 -4.524  1.00 19.91 ? 309 HOH A O   1 
HETATM 802 O  O   . HOH D 4 .   ? -5.096  -8.150  13.560  1.00 29.49 ? 310 HOH A O   1 
HETATM 803 O  O   . HOH D 4 .   ? -13.199 -4.904  20.549  1.00 28.85 ? 311 HOH A O   1 
HETATM 804 O  O   . HOH D 4 .   ? -13.948 -6.672  18.656  1.00 26.11 ? 312 HOH A O   1 
HETATM 805 O  O   . HOH D 4 .   ? -14.509 -4.995  15.532  1.00 25.33 ? 313 HOH A O   1 
HETATM 806 O  O   . HOH D 4 .   ? -15.090 -6.751  13.124  1.00 18.36 ? 314 HOH A O   1 
HETATM 807 O  O   . HOH D 4 .   ? -17.259 -7.846  13.910  1.00 17.58 ? 315 HOH A O   1 
HETATM 808 O  O   . HOH D 4 .   ? -8.980  0.191   -9.324  1.00 44.12 ? 316 HOH A O   1 
HETATM 809 O  O   . HOH D 4 .   ? -4.846  -0.656  17.345  1.00 27.77 ? 317 HOH A O   1 
HETATM 810 O  O   . HOH D 4 .   ? 8.433   4.532   8.287   1.00 25.40 ? 318 HOH A O   1 
HETATM 811 O  O   . HOH D 4 .   ? 11.036  2.186   5.808   1.00 36.33 ? 319 HOH A O   1 
HETATM 812 O  O   . HOH D 4 .   ? 13.592  1.362   6.951   1.00 41.04 ? 320 HOH A O   1 
HETATM 813 O  O   . HOH D 4 .   ? 13.970  3.138   4.043   1.00 13.35 ? 321 HOH A O   1 
HETATM 814 O  O   . HOH D 4 .   ? 2.639   7.917   6.211   1.00 26.52 ? 322 HOH A O   1 
HETATM 815 O  O   . HOH D 4 .   ? -12.018 -1.300  -7.734  1.00 35.37 ? 323 HOH A O   1 
HETATM 816 O  O   . HOH D 4 .   ? -0.280  -8.272  -10.440 1.00 51.36 ? 324 HOH A O   1 
HETATM 817 O  O   . HOH D 4 .   ? 15.399  -4.423  -10.412 1.00 43.41 ? 325 HOH A O   1 
HETATM 818 O  O   . HOH D 4 .   ? 8.906   -7.749  2.747   1.00 41.66 ? 326 HOH A O   1 
HETATM 819 O  O   . HOH D 4 .   ? 5.309   -4.078  8.507   1.00 46.31 ? 327 HOH A O   1 
HETATM 820 O  O   . HOH D 4 .   ? -2.338  -1.069  18.363  1.00 48.23 ? 328 HOH A O   1 
HETATM 821 O  O   . HOH D 4 .   ? 3.063   4.244   11.733  1.00 28.06 ? 329 HOH A O   1 
HETATM 822 O  O   . HOH D 4 .   ? 5.428   9.203   7.444   1.00 42.52 ? 330 HOH A O   1 
HETATM 823 O  O   . HOH D 4 .   ? -0.217  12.418  4.087   1.00 36.73 ? 331 HOH A O   1 
HETATM 824 O  O   . HOH D 4 .   ? -13.081 4.091   5.581   1.00 27.25 ? 332 HOH A O   1 
HETATM 825 O  O   . HOH D 4 .   ? -11.362 -10.524 16.988  1.00 49.25 ? 333 HOH A O   1 
HETATM 826 O  O   . HOH D 4 .   ? -14.290 -8.984  18.726  1.00 35.61 ? 334 HOH A O   1 
HETATM 827 O  O   . HOH D 4 .   ? -0.701  6.981   -10.342 1.00 29.49 ? 335 HOH A O   1 
HETATM 828 O  O   . HOH D 4 .   ? -10.972 10.464  -1.577  1.00 34.34 ? 336 HOH A O   1 
HETATM 829 O  O   . HOH D 4 .   ? -12.118 -18.983 4.977   1.00 42.95 ? 337 HOH A O   1 
HETATM 830 O  O   . HOH D 4 .   ? 5.099   8.211   -12.884 1.00 45.89 ? 338 HOH A O   1 
HETATM 831 O  O   . HOH D 4 .   ? 0.771   -1.353  -14.954 1.00 40.95 ? 339 HOH A O   1 
HETATM 832 O  O   . HOH D 4 .   ? 18.937  -5.149  -6.839  1.00 38.11 ? 340 HOH A O   1 
HETATM 833 O  O   . HOH D 4 .   ? 13.256  10.507  -7.425  1.00 39.12 ? 341 HOH A O   1 
HETATM 834 O  O   . HOH D 4 .   ? 4.299   -15.619 0.795   1.00 38.89 ? 342 HOH A O   1 
HETATM 835 O  O   . HOH D 4 .   ? 0.929   10.939  7.747   1.00 62.35 ? 343 HOH A O   1 
HETATM 836 O  O   . HOH D 4 .   ? -12.252 8.926   7.387   1.00 40.47 ? 344 HOH A O   1 
HETATM 837 O  O   . HOH D 4 .   ? -10.674 1.170   10.680  1.00 36.38 ? 345 HOH A O   1 
HETATM 838 O  O   . HOH D 4 .   ? -0.606  -0.148  19.486  1.00 37.78 ? 346 HOH A O   1 
HETATM 839 O  O   . HOH D 4 .   ? 5.615   4.483   12.060  1.00 40.58 ? 347 HOH A O   1 
HETATM 840 O  O   . HOH D 4 .   ? 8.402   6.769   9.706   1.00 42.43 ? 348 HOH A O   1 
HETATM 841 O  O   . HOH D 4 .   ? -8.276  -12.569 16.575  1.00 48.24 ? 349 HOH A O   1 
# 
